data_8JY5
#
_entry.id   8JY5
#
_cell.length_a   1.00
_cell.length_b   1.00
_cell.length_c   1.00
_cell.angle_alpha   90.00
_cell.angle_beta   90.00
_cell.angle_gamma   90.00
#
_symmetry.space_group_name_H-M   'P 1'
#
_entity_poly.entity_id   1
_entity_poly.type   'polypeptide(L)'
_entity_poly.pdbx_seq_one_letter_code
;MLEKFCNSTFWNSSFLDSPEADLPLCFEQTVLVWIPLGYLWLLAPWQLLHVYKSRTKRSSTTKLYLAKQVFVGFLLILAA
IELALVLTEDSGQATVPAVRYTNPSLYLGTWLLVLLIQYSRQWCVQKNSWFLSLFWILSILCGTFQFQTLIRTLLQGDNS
NLAYSCLFFISYGFQILILIFSAFSENNESSNNPSSIASFLSSITYSWYDSIILKGYKRPLTLEDVWEVDEEMKTKTLVS
KFETHMKRELQKARRALQRRQEKSSQQNSGARLPGLNKNQSQSQDALVLEDVEKKKKKSGTKKDVPKSWLMKALFKTFYM
VLLKSFLLKLVNDIFTFVSPQLLKLLISFASDRDTYLWIGYLCAILLFTAALIQSFCLQCYFQLCFKLGVKVRTAIMASV
YKKALTLSNLARKEYTVGETVNLMSVDAQKLMDVTNFMHMLWSSVLQIVLSIFFLWRELGPSVLAGVGVMVLVIPINAIL
STKSKTIQVKNMKNKDKRLKIMNEILSGIKILKYFAWEPSFRDQVQNLRKKELKNLLAFSQLQCVVIFVFQLTPVLVSVV
TFSVYVLVDSNNILDAQKAFTSITLFNILRFPLSMLPMMISSMLQASVSTERLEKYLGGDDLDTSAIRHDCNFDKAMQFS
EASFTWEHDSEATVRDVNLDIMAGQLVAVIGPVGSGKSSLISAMLGEMENVHGHITIKGTTAYVPQQSWIQNGTIKDNIL
FGTEFNEKRYQQVLEACALLPDLEMLPGGDLAEIGEKGINLSGGQKQRISLARATYQNLDIYLLDDPLSAVDAHVGKHIF
NKVLGPNGLLKGKTRLLVTHSMHFLPQVDEIVVLGNGTIVEKGSYSALLAKKGEFAKNLKTFLRHTGPEEEATVHDGSEE
EDDDYGLISSVEEIPEDAASITMRRENSFRRTLSRSSRSNGRHLKSLRNSLKTRNVNSLKEDEELVKGQKLIKKEFIETG
KVKFSIYLEYLQAIGLFSIFFIILAFVMNSVAFIGSNLWLSAWTSDSKIFNSTDYPASQRDMRVGVYGALGLAQGIFVFI
AHFWSAFGFVHASNILHKQLLNNILRAPMRFFDTTPTGRIVNRFAGDISTVDDTLPQSLRSWITCFLGIISTLVMICMAT
PVFTIIVIPLGIIYVSVQMFYVSTSRQLRRLDSVTRSPIYSHFSETVSGLPVIRAFEHQQRFLKHNEVRIDTNQKCVFSW
ITSNRWLAIRLELVGNLTVFFSALMMVIYRDTLSGDTVGFVLSNALNITQTLNWLVRMTSEIETNIVAVERITEYTKVEN
EAPWVTDKRPPPDWPSKGKIQFNNYQVRYRPELDLVLRGITCDIGSMEKIGVVGRTGAGKSSLTNCLFRILEAAGGQIII
DGVDIASIGLHDLREKLTIIPQDPILFSGSLRMNLDPFNNYSDEEIWKALELAHLKSFVASLQLGLSHEVTEAGGNLSIG
QRQLLCLGRALLRKSKILVLDEATAAVDLETDNLIQTTIQNEFAHCTVITIAHRLHTIMDSDKVMVLDNGKIIECGSPEE
LLQIPGPFYFMAKEAGIENVNSTKFLEDYKDDDDKVEHHHHHHHH
;
_entity_poly.pdbx_strand_id   A
#
# COMPACT_ATOMS: atom_id res chain seq x y z
N MET A 1 29.27 45.37 44.16
CA MET A 1 30.05 44.37 43.45
C MET A 1 30.41 44.84 42.06
N LEU A 2 29.43 44.81 41.15
CA LEU A 2 29.68 45.22 39.77
C LEU A 2 29.73 46.73 39.64
N GLU A 3 29.27 47.47 40.66
CA GLU A 3 29.33 48.93 40.60
C GLU A 3 30.76 49.43 40.48
N LYS A 4 31.66 48.97 41.34
CA LYS A 4 33.07 49.32 41.22
C LYS A 4 33.74 48.62 40.04
N PHE A 5 33.18 47.50 39.58
CA PHE A 5 33.77 46.76 38.47
C PHE A 5 33.66 47.55 37.16
N CYS A 6 32.58 48.31 37.00
CA CYS A 6 32.37 49.09 35.79
C CYS A 6 32.38 50.59 36.03
N ASN A 7 32.43 51.03 37.29
CA ASN A 7 32.22 52.43 37.65
C ASN A 7 30.87 52.91 37.12
N SER A 8 29.90 52.00 37.11
CA SER A 8 28.56 52.27 36.60
C SER A 8 27.61 51.26 37.21
N THR A 9 26.31 51.53 37.05
CA THR A 9 25.27 50.73 37.67
C THR A 9 25.10 49.39 36.94
N PHE A 10 24.37 48.48 37.59
CA PHE A 10 24.07 47.18 37.00
C PHE A 10 22.89 47.30 36.04
N TRP A 11 21.72 47.66 36.57
CA TRP A 11 20.55 47.96 35.76
C TRP A 11 19.48 48.57 36.65
N ASN A 12 18.76 49.55 36.12
CA ASN A 12 17.68 50.20 36.84
C ASN A 12 16.47 50.34 35.93
N SER A 13 15.28 50.34 36.54
CA SER A 13 14.05 50.53 35.76
C SER A 13 14.00 51.91 35.11
N SER A 14 14.75 52.89 35.66
CA SER A 14 14.80 54.21 35.03
C SER A 14 15.37 54.12 33.62
N PHE A 15 16.41 53.31 33.45
CA PHE A 15 16.96 53.09 32.12
C PHE A 15 16.02 52.30 31.24
N LEU A 16 15.13 51.50 31.85
CA LEU A 16 14.23 50.65 31.08
C LEU A 16 13.00 51.42 30.61
N ASP A 17 12.21 51.94 31.56
CA ASP A 17 10.94 52.61 31.23
C ASP A 17 11.23 54.00 30.65
N SER A 18 11.59 54.01 29.38
CA SER A 18 11.88 55.23 28.65
C SER A 18 11.33 55.10 27.23
N PRO A 19 11.03 56.22 26.57
CA PRO A 19 10.58 56.13 25.17
C PRO A 19 11.56 55.41 24.27
N GLU A 20 12.86 55.62 24.45
CA GLU A 20 13.90 54.86 23.77
C GLU A 20 14.62 54.04 24.82
N ALA A 21 14.15 52.81 25.03
CA ALA A 21 14.65 51.94 26.09
C ALA A 21 16.11 51.59 25.79
N ASP A 22 17.03 52.16 26.56
CA ASP A 22 18.45 51.86 26.43
C ASP A 22 18.89 50.95 27.57
N LEU A 23 19.24 49.72 27.21
CA LEU A 23 19.76 48.69 28.10
C LEU A 23 21.04 49.18 28.76
N PRO A 24 21.14 49.10 30.09
CA PRO A 24 22.34 49.61 30.78
C PRO A 24 23.60 48.95 30.25
N LEU A 25 24.66 49.76 30.13
CA LEU A 25 25.86 49.32 29.43
C LEU A 25 26.54 48.16 30.13
N CYS A 26 26.96 48.36 31.38
CA CYS A 26 27.81 47.37 32.05
C CYS A 26 27.15 46.00 32.08
N PHE A 27 25.82 45.97 32.21
CA PHE A 27 25.10 44.69 32.19
C PHE A 27 25.35 43.96 30.88
N GLU A 28 25.56 44.70 29.79
CA GLU A 28 25.70 44.08 28.48
C GLU A 28 26.98 43.27 28.38
N GLN A 29 28.13 43.94 28.53
CA GLN A 29 29.40 43.25 28.37
C GLN A 29 29.86 42.52 29.62
N THR A 30 28.95 42.23 30.56
CA THR A 30 29.28 41.43 31.72
C THR A 30 28.35 40.24 31.94
N VAL A 31 27.09 40.33 31.52
CA VAL A 31 26.11 39.26 31.73
C VAL A 31 25.83 38.51 30.44
N LEU A 32 25.36 39.21 29.41
CA LEU A 32 25.02 38.55 28.16
C LEU A 32 26.24 37.95 27.47
N VAL A 33 27.42 38.51 27.71
CA VAL A 33 28.64 37.89 27.19
C VAL A 33 28.92 36.57 27.90
N TRP A 34 28.49 36.45 29.16
CA TRP A 34 28.76 35.22 29.90
C TRP A 34 27.89 34.06 29.44
N ILE A 35 26.89 34.30 28.62
CA ILE A 35 26.02 33.22 28.15
C ILE A 35 26.75 32.36 27.11
N PRO A 36 27.25 32.92 26.00
CA PRO A 36 27.98 32.05 25.06
C PRO A 36 29.32 31.59 25.60
N LEU A 37 30.02 32.44 26.34
CA LEU A 37 31.29 32.04 26.95
C LEU A 37 31.08 30.88 27.91
N GLY A 38 30.10 30.99 28.80
CA GLY A 38 29.78 29.88 29.68
C GLY A 38 29.28 28.66 28.92
N TYR A 39 28.61 28.90 27.79
CA TYR A 39 28.10 27.80 26.98
C TYR A 39 29.23 26.95 26.44
N LEU A 40 30.33 27.59 26.01
CA LEU A 40 31.44 26.85 25.42
C LEU A 40 32.23 26.10 26.49
N TRP A 41 32.82 26.82 27.43
CA TRP A 41 33.79 26.24 28.36
C TRP A 41 33.18 25.16 29.25
N LEU A 42 31.87 25.09 29.37
CA LEU A 42 31.25 24.02 30.16
C LEU A 42 31.07 22.76 29.32
N LEU A 43 30.52 22.89 28.11
CA LEU A 43 30.28 21.75 27.25
C LEU A 43 31.45 21.40 26.34
N ALA A 44 32.53 22.19 26.37
CA ALA A 44 33.69 21.90 25.54
C ALA A 44 34.29 20.52 25.79
N PRO A 45 34.48 20.05 27.04
CA PRO A 45 34.96 18.67 27.21
C PRO A 45 34.02 17.64 26.61
N TRP A 46 32.71 17.88 26.65
CA TRP A 46 31.74 16.89 26.20
C TRP A 46 31.92 16.60 24.71
N GLN A 47 32.15 17.65 23.92
CA GLN A 47 32.35 17.44 22.48
C GLN A 47 33.69 16.78 22.18
N LEU A 48 34.77 17.25 22.81
CA LEU A 48 36.08 16.70 22.50
C LEU A 48 36.22 15.27 22.99
N LEU A 49 35.61 14.94 24.13
CA LEU A 49 35.52 13.54 24.54
C LEU A 49 34.75 12.71 23.53
N HIS A 50 33.62 13.23 23.05
CA HIS A 50 32.81 12.50 22.08
C HIS A 50 33.57 12.30 20.77
N VAL A 51 34.29 13.32 20.32
CA VAL A 51 35.06 13.19 19.09
C VAL A 51 36.25 12.28 19.29
N TYR A 52 36.94 12.40 20.45
CA TYR A 52 38.13 11.59 20.68
C TYR A 52 37.80 10.11 20.80
N LYS A 53 36.58 9.77 21.21
CA LYS A 53 36.18 8.37 21.24
C LYS A 53 36.18 7.77 19.84
N SER A 54 35.67 8.52 18.85
CA SER A 54 35.59 8.05 17.48
C SER A 54 36.66 8.76 16.65
N ARG A 55 37.86 8.19 16.66
CA ARG A 55 38.95 8.69 15.85
C ARG A 55 38.96 7.98 14.49
N THR A 56 39.19 8.74 13.44
CA THR A 56 39.17 8.23 12.08
C THR A 56 40.36 8.84 11.34
N LYS A 57 40.34 8.72 10.01
CA LYS A 57 41.35 9.36 9.19
C LYS A 57 40.96 10.81 8.90
N ARG A 58 41.95 11.68 8.88
CA ARG A 58 41.69 13.08 8.57
C ARG A 58 41.28 13.23 7.12
N SER A 59 40.40 14.21 6.88
CA SER A 59 39.88 14.49 5.54
C SER A 59 40.71 15.58 4.87
N SER A 60 40.54 15.67 3.55
CA SER A 60 41.24 16.70 2.78
C SER A 60 40.75 18.08 3.17
N THR A 61 41.68 19.05 3.14
CA THR A 61 41.36 20.40 3.55
C THR A 61 40.76 21.17 2.38
N THR A 62 39.44 21.28 2.38
CA THR A 62 38.74 22.08 1.38
C THR A 62 39.04 23.54 1.60
N LYS A 63 38.95 24.34 0.53
CA LYS A 63 39.22 25.77 0.65
C LYS A 63 38.23 26.44 1.59
N LEU A 64 37.02 25.90 1.73
CA LEU A 64 36.06 26.45 2.67
C LEU A 64 36.54 26.31 4.10
N TYR A 65 37.13 25.16 4.44
CA TYR A 65 37.62 24.96 5.81
C TYR A 65 38.73 25.95 6.14
N LEU A 66 39.66 26.14 5.20
CA LEU A 66 40.70 27.14 5.40
C LEU A 66 40.09 28.53 5.56
N ALA A 67 39.00 28.79 4.85
CA ALA A 67 38.38 30.11 4.88
C ALA A 67 37.82 30.44 6.25
N LYS A 68 37.02 29.54 6.82
CA LYS A 68 36.45 29.83 8.13
C LYS A 68 37.50 29.75 9.22
N GLN A 69 38.56 28.97 9.02
CA GLN A 69 39.62 28.89 10.02
C GLN A 69 40.40 30.21 10.09
N VAL A 70 40.81 30.73 8.93
CA VAL A 70 41.64 31.94 8.94
C VAL A 70 40.82 33.14 9.42
N PHE A 71 39.52 33.15 9.15
CA PHE A 71 38.67 34.26 9.59
C PHE A 71 38.66 34.34 11.12
N VAL A 72 38.62 33.20 11.79
CA VAL A 72 38.79 33.20 13.24
C VAL A 72 40.19 33.65 13.61
N GLY A 73 41.18 33.30 12.79
CA GLY A 73 42.53 33.80 13.03
C GLY A 73 42.60 35.31 13.02
N PHE A 74 41.83 35.94 12.14
CA PHE A 74 41.69 37.38 12.19
C PHE A 74 41.07 37.83 13.50
N LEU A 75 40.09 37.07 14.00
CA LEU A 75 39.43 37.43 15.26
C LEU A 75 40.44 37.46 16.40
N LEU A 76 41.44 36.58 16.36
CA LEU A 76 42.52 36.66 17.35
C LEU A 76 43.31 37.96 17.18
N ILE A 77 43.57 38.35 15.94
CA ILE A 77 44.21 39.64 15.69
C ILE A 77 43.34 40.77 16.23
N LEU A 78 42.03 40.65 16.05
CA LEU A 78 41.11 41.60 16.64
C LEU A 78 41.27 41.65 18.15
N ALA A 79 41.31 40.48 18.79
CA ALA A 79 41.50 40.43 20.24
C ALA A 79 42.86 41.00 20.63
N ALA A 80 43.88 40.74 19.81
CA ALA A 80 45.24 41.17 20.15
C ALA A 80 45.37 42.69 20.14
N ILE A 81 44.92 43.35 19.07
CA ILE A 81 45.17 44.77 18.92
C ILE A 81 44.41 45.58 19.97
N GLU A 82 43.18 45.17 20.27
CA GLU A 82 42.37 45.90 21.25
C GLU A 82 42.89 45.70 22.68
N LEU A 83 43.46 44.52 22.97
CA LEU A 83 44.07 44.34 24.28
C LEU A 83 45.29 45.25 24.45
N ALA A 84 45.97 45.56 23.34
CA ALA A 84 47.16 46.40 23.43
C ALA A 84 46.83 47.84 23.81
N LEU A 85 45.74 48.37 23.24
CA LEU A 85 45.46 49.80 23.39
C LEU A 85 45.07 50.14 24.82
N VAL A 86 44.33 49.25 25.48
CA VAL A 86 43.86 49.55 26.83
C VAL A 86 45.03 49.63 27.81
N LEU A 87 46.05 48.79 27.59
CA LEU A 87 47.24 48.87 28.42
C LEU A 87 48.01 50.17 28.18
N THR A 88 48.12 50.58 26.92
CA THR A 88 48.81 51.83 26.61
C THR A 88 48.05 53.05 27.13
N GLU A 89 46.71 53.03 27.02
CA GLU A 89 45.92 54.16 27.48
C GLU A 89 45.95 54.27 29.01
N ASP A 90 46.27 53.17 29.69
CA ASP A 90 46.35 53.21 31.15
C ASP A 90 47.53 54.02 31.65
N SER A 91 48.51 54.32 30.77
CA SER A 91 49.66 55.09 31.20
C SER A 91 49.29 56.54 31.50
N GLY A 92 48.10 56.97 31.12
CA GLY A 92 47.67 58.33 31.37
C GLY A 92 47.13 58.56 32.77
N GLN A 93 47.62 57.78 33.73
CA GLN A 93 47.24 57.89 35.14
C GLN A 93 45.74 57.73 35.35
N ALA A 94 45.09 56.89 34.54
CA ALA A 94 43.67 56.65 34.64
C ALA A 94 43.43 55.20 35.05
N THR A 95 42.69 55.00 36.13
CA THR A 95 42.35 53.66 36.59
C THR A 95 41.28 53.05 35.69
N VAL A 96 41.70 52.27 34.71
CA VAL A 96 40.76 51.69 33.75
C VAL A 96 39.86 50.69 34.46
N PRO A 97 38.59 50.57 34.08
CA PRO A 97 37.72 49.58 34.72
C PRO A 97 38.20 48.17 34.44
N ALA A 98 37.90 47.26 35.38
CA ALA A 98 38.32 45.87 35.22
C ALA A 98 37.70 45.23 33.98
N VAL A 99 36.43 45.53 33.70
CA VAL A 99 35.77 44.95 32.54
C VAL A 99 36.47 45.33 31.24
N ARG A 100 37.18 46.46 31.21
CA ARG A 100 37.81 46.92 29.98
C ARG A 100 38.88 45.92 29.51
N TYR A 101 39.68 45.39 30.44
CA TYR A 101 40.74 44.47 30.07
C TYR A 101 40.46 43.03 30.44
N THR A 102 39.46 42.76 31.28
CA THR A 102 39.12 41.37 31.57
C THR A 102 38.30 40.75 30.45
N ASN A 103 37.48 41.55 29.77
CA ASN A 103 36.71 41.07 28.62
C ASN A 103 37.57 40.50 27.51
N PRO A 104 38.67 41.15 27.05
CA PRO A 104 39.53 40.51 26.05
C PRO A 104 40.15 39.20 26.49
N SER A 105 40.50 39.10 27.78
CA SER A 105 41.15 37.88 28.27
C SER A 105 40.22 36.68 28.11
N LEU A 106 38.93 36.89 28.42
CA LEU A 106 37.96 35.82 28.20
C LEU A 106 37.87 35.46 26.72
N TYR A 107 37.82 36.48 25.85
CA TYR A 107 37.81 36.22 24.42
C TYR A 107 39.12 35.57 23.97
N LEU A 108 40.25 36.03 24.51
CA LEU A 108 41.54 35.48 24.12
C LEU A 108 41.59 33.98 24.37
N GLY A 109 41.14 33.56 25.55
CA GLY A 109 41.16 32.14 25.86
C GLY A 109 40.18 31.34 25.01
N THR A 110 38.98 31.87 24.81
CA THR A 110 37.91 31.06 24.23
C THR A 110 38.12 30.81 22.75
N TRP A 111 38.72 31.78 22.04
CA TRP A 111 38.90 31.62 20.60
C TRP A 111 39.90 30.51 20.30
N LEU A 112 40.88 30.32 21.18
CA LEU A 112 41.81 29.20 21.01
C LEU A 112 41.08 27.86 21.03
N LEU A 113 40.06 27.74 21.88
CA LEU A 113 39.21 26.55 21.85
C LEU A 113 38.52 26.42 20.50
N VAL A 114 38.04 27.54 19.95
CA VAL A 114 37.41 27.51 18.64
C VAL A 114 38.38 27.00 17.59
N LEU A 115 39.63 27.47 17.63
CA LEU A 115 40.66 26.93 16.76
C LEU A 115 40.87 25.44 17.02
N LEU A 116 40.90 25.06 18.30
CA LEU A 116 41.09 23.64 18.63
C LEU A 116 39.94 22.80 18.11
N ILE A 117 38.71 23.28 18.28
CA ILE A 117 37.55 22.50 17.84
C ILE A 117 37.48 22.46 16.32
N GLN A 118 37.67 23.60 15.68
CA GLN A 118 37.62 23.64 14.21
C GLN A 118 38.70 22.76 13.60
N TYR A 119 39.90 22.80 14.17
CA TYR A 119 40.97 21.93 13.69
C TYR A 119 40.61 20.46 13.89
N SER A 120 40.05 20.13 15.05
CA SER A 120 39.64 18.76 15.34
C SER A 120 38.33 18.37 14.66
N ARG A 121 37.61 19.34 14.09
CA ARG A 121 36.33 19.04 13.48
C ARG A 121 36.50 18.25 12.19
N GLN A 122 37.72 18.16 11.67
CA GLN A 122 37.96 17.47 10.40
C GLN A 122 37.61 15.99 10.50
N TRP A 123 37.99 15.35 11.61
CA TRP A 123 37.90 13.90 11.69
C TRP A 123 36.46 13.43 11.74
N CYS A 124 35.59 14.19 12.38
CA CYS A 124 34.19 13.79 12.51
C CYS A 124 33.52 13.75 11.13
N VAL A 125 32.56 12.84 10.99
CA VAL A 125 31.81 12.75 9.75
C VAL A 125 31.04 14.05 9.49
N GLN A 126 30.42 14.60 10.53
CA GLN A 126 29.70 15.87 10.43
C GLN A 126 30.72 17.00 10.54
N LYS A 127 30.91 17.73 9.45
CA LYS A 127 31.84 18.85 9.44
C LYS A 127 31.40 20.01 10.30
N ASN A 128 30.15 20.00 10.77
CA ASN A 128 29.67 21.00 11.71
C ASN A 128 28.80 20.29 12.73
N SER A 129 28.47 21.01 13.81
CA SER A 129 27.72 20.39 14.89
C SER A 129 26.93 21.46 15.64
N TRP A 130 25.99 21.00 16.45
CA TRP A 130 25.15 21.90 17.22
C TRP A 130 25.96 22.73 18.19
N PHE A 131 26.97 22.13 18.82
CA PHE A 131 27.77 22.84 19.81
C PHE A 131 28.46 24.06 19.24
N LEU A 132 28.67 24.09 17.92
CA LEU A 132 29.24 25.27 17.26
C LEU A 132 28.16 26.13 16.61
N SER A 133 27.23 25.53 15.88
CA SER A 133 26.23 26.30 15.16
C SER A 133 25.36 27.11 16.12
N LEU A 134 24.95 26.52 17.24
CA LEU A 134 24.19 27.28 18.23
C LEU A 134 25.04 28.36 18.87
N PHE A 135 26.34 28.11 19.05
CA PHE A 135 27.19 29.12 19.67
C PHE A 135 27.24 30.40 18.85
N TRP A 136 27.43 30.26 17.54
CA TRP A 136 27.51 31.44 16.68
C TRP A 136 26.19 32.20 16.67
N ILE A 137 25.07 31.50 16.50
CA ILE A 137 23.78 32.18 16.44
C ILE A 137 23.43 32.76 17.80
N LEU A 138 23.78 32.08 18.89
CA LEU A 138 23.58 32.65 20.21
C LEU A 138 24.43 33.88 20.41
N SER A 139 25.68 33.85 19.92
CA SER A 139 26.57 34.99 20.09
C SER A 139 26.02 36.22 19.37
N ILE A 140 25.49 36.04 18.17
CA ILE A 140 24.97 37.16 17.39
C ILE A 140 23.77 37.78 18.12
N LEU A 141 22.83 36.94 18.55
CA LEU A 141 21.67 37.45 19.27
C LEU A 141 22.07 38.04 20.62
N CYS A 142 22.99 37.39 21.33
CA CYS A 142 23.46 37.94 22.59
C CYS A 142 24.41 39.11 22.41
N GLY A 143 24.96 39.30 21.22
CA GLY A 143 25.80 40.45 20.95
C GLY A 143 25.06 41.56 20.25
N THR A 144 23.82 41.27 19.83
CA THR A 144 23.02 42.28 19.13
C THR A 144 22.71 43.46 20.03
N PHE A 145 22.40 43.18 21.30
CA PHE A 145 22.08 44.26 22.23
C PHE A 145 23.27 45.19 22.42
N GLN A 146 24.48 44.63 22.49
CA GLN A 146 25.68 45.47 22.51
C GLN A 146 25.79 46.28 21.22
N PHE A 147 25.45 45.66 20.09
CA PHE A 147 25.58 46.34 18.80
C PHE A 147 24.70 47.59 18.75
N GLN A 148 23.42 47.45 19.10
CA GLN A 148 22.53 48.59 19.06
C GLN A 148 22.84 49.58 20.17
N THR A 149 23.44 49.11 21.27
CA THR A 149 23.84 50.02 22.34
C THR A 149 24.99 50.91 21.90
N LEU A 150 26.00 50.31 21.28
CA LEU A 150 27.19 51.08 20.88
C LEU A 150 26.84 52.12 19.83
N ILE A 151 26.00 51.76 18.86
CA ILE A 151 25.71 52.65 17.75
C ILE A 151 25.00 53.91 18.23
N ARG A 152 24.00 53.73 19.11
CA ARG A 152 23.19 54.87 19.53
C ARG A 152 24.01 55.86 20.34
N THR A 153 24.89 55.36 21.21
CA THR A 153 25.73 56.24 22.02
C THR A 153 26.66 57.07 21.15
N LEU A 154 27.25 56.45 20.12
CA LEU A 154 28.19 57.17 19.28
C LEU A 154 27.49 58.13 18.34
N LEU A 155 26.25 57.83 17.95
CA LEU A 155 25.53 58.74 17.06
C LEU A 155 25.25 60.08 17.73
N GLN A 156 25.12 60.09 19.06
CA GLN A 156 24.81 61.31 19.79
C GLN A 156 26.08 62.14 20.04
N GLY A 157 26.82 62.36 18.95
CA GLY A 157 27.99 63.21 18.98
C GLY A 157 29.07 62.75 19.95
N ASP A 158 29.27 61.45 20.08
CA ASP A 158 30.26 60.88 20.98
C ASP A 158 31.25 60.04 20.19
N ASN A 159 32.53 60.38 20.29
CA ASN A 159 33.60 59.64 19.63
C ASN A 159 34.75 59.34 20.58
N SER A 160 34.53 59.48 21.89
CA SER A 160 35.61 59.26 22.85
C SER A 160 36.08 57.80 22.81
N ASN A 161 35.14 56.86 22.79
CA ASN A 161 35.46 55.44 22.70
C ASN A 161 35.29 54.89 21.29
N LEU A 162 35.62 55.70 20.27
CA LEU A 162 35.40 55.27 18.90
C LEU A 162 36.23 54.05 18.55
N ALA A 163 37.47 53.98 19.05
CA ALA A 163 38.35 52.87 18.70
C ALA A 163 37.76 51.54 19.13
N TYR A 164 37.18 51.50 20.34
CA TYR A 164 36.55 50.27 20.81
C TYR A 164 35.37 49.89 19.92
N SER A 165 34.57 50.87 19.52
CA SER A 165 33.35 50.60 18.77
C SER A 165 33.66 50.03 17.39
N CYS A 166 34.53 50.71 16.64
CA CYS A 166 34.81 50.28 15.27
C CYS A 166 35.43 48.90 15.23
N LEU A 167 36.39 48.64 16.12
CA LEU A 167 36.96 47.29 16.21
C LEU A 167 35.90 46.27 16.62
N PHE A 168 35.03 46.64 17.55
CA PHE A 168 33.90 45.78 17.89
C PHE A 168 32.95 45.65 16.70
N PHE A 169 32.74 46.74 15.97
CA PHE A 169 31.88 46.70 14.79
C PHE A 169 32.35 45.63 13.81
N ILE A 170 33.63 45.65 13.45
CA ILE A 170 34.15 44.63 12.54
C ILE A 170 34.23 43.28 13.26
N SER A 171 34.39 43.29 14.58
CA SER A 171 34.35 42.04 15.32
C SER A 171 32.99 41.38 15.21
N TYR A 172 31.92 42.16 15.32
CA TYR A 172 30.59 41.64 15.06
C TYR A 172 30.44 41.26 13.59
N GLY A 173 31.10 42.00 12.71
CA GLY A 173 31.02 41.70 11.29
C GLY A 173 31.61 40.36 10.93
N PHE A 174 32.71 39.98 11.58
CA PHE A 174 33.34 38.71 11.25
C PHE A 174 32.56 37.53 11.81
N GLN A 175 31.85 37.73 12.92
CA GLN A 175 31.11 36.63 13.52
C GLN A 175 30.00 36.13 12.59
N ILE A 176 29.28 37.05 11.95
CA ILE A 176 28.19 36.65 11.06
C ILE A 176 28.74 35.93 9.84
N LEU A 177 29.92 36.34 9.36
CA LEU A 177 30.55 35.65 8.24
C LEU A 177 30.93 34.23 8.62
N ILE A 178 31.31 34.01 9.87
CA ILE A 178 31.57 32.64 10.32
C ILE A 178 30.31 31.80 10.23
N LEU A 179 29.19 32.36 10.69
CA LEU A 179 27.93 31.60 10.68
C LEU A 179 27.49 31.29 9.26
N ILE A 180 27.55 32.29 8.37
CA ILE A 180 27.11 32.06 7.00
C ILE A 180 28.03 31.09 6.29
N PHE A 181 29.27 30.96 6.78
CA PHE A 181 30.17 29.94 6.26
C PHE A 181 30.05 28.63 6.99
N SER A 182 29.87 28.66 8.31
CA SER A 182 29.70 27.42 9.06
C SER A 182 28.41 26.70 8.67
N ALA A 183 27.33 27.44 8.46
CA ALA A 183 26.08 26.83 8.04
C ALA A 183 26.22 26.14 6.69
N PHE A 184 27.04 26.68 5.78
CA PHE A 184 27.31 26.03 4.51
C PHE A 184 28.01 24.70 4.75
N SER A 185 27.53 23.67 4.06
CA SER A 185 28.04 22.32 4.20
C SER A 185 28.74 21.89 2.93
N GLU A 186 29.95 21.36 3.07
CA GLU A 186 30.73 20.86 1.96
C GLU A 186 30.63 19.34 1.88
N ASN A 187 30.71 18.82 0.67
CA ASN A 187 30.62 17.38 0.43
C ASN A 187 32.03 16.80 0.52
N ASN A 188 32.24 15.91 1.49
CA ASN A 188 33.57 15.32 1.67
C ASN A 188 33.77 14.06 0.85
N GLU A 189 32.79 13.68 0.02
CA GLU A 189 32.86 12.46 -0.79
C GLU A 189 33.08 11.23 0.09
N SER A 190 32.23 11.04 1.09
CA SER A 190 32.38 9.91 2.00
C SER A 190 31.13 9.04 2.02
N SER A 191 29.96 9.67 1.96
CA SER A 191 28.68 8.98 2.01
C SER A 191 27.79 9.46 0.87
N ASN A 192 27.08 8.52 0.25
CA ASN A 192 26.15 8.89 -0.82
C ASN A 192 25.03 9.78 -0.28
N ASN A 193 24.50 9.45 0.90
CA ASN A 193 23.46 10.25 1.51
C ASN A 193 24.05 11.46 2.22
N PRO A 194 23.58 12.67 1.91
CA PRO A 194 24.08 13.86 2.62
C PRO A 194 23.58 13.98 4.04
N SER A 195 22.88 12.97 4.56
CA SER A 195 22.35 13.04 5.92
C SER A 195 23.48 13.18 6.95
N SER A 196 24.57 12.44 6.76
CA SER A 196 25.72 12.55 7.64
C SER A 196 26.69 13.64 7.21
N ILE A 197 26.42 14.33 6.10
CA ILE A 197 27.32 15.36 5.61
C ILE A 197 26.76 16.77 5.76
N ALA A 198 25.44 16.91 5.76
CA ALA A 198 24.82 18.23 5.84
C ALA A 198 25.09 18.87 7.21
N SER A 199 25.35 20.18 7.20
CA SER A 199 25.61 20.90 8.44
C SER A 199 24.35 20.97 9.29
N PHE A 200 24.53 21.45 10.53
CA PHE A 200 23.43 21.44 11.49
C PHE A 200 22.27 22.33 11.01
N LEU A 201 22.59 23.50 10.48
CA LEU A 201 21.53 24.36 9.94
C LEU A 201 20.80 23.69 8.79
N SER A 202 21.51 22.94 7.96
CA SER A 202 20.86 22.18 6.90
C SER A 202 20.08 21.00 7.47
N SER A 203 20.56 20.43 8.58
CA SER A 203 19.90 19.28 9.17
C SER A 203 18.52 19.63 9.68
N ILE A 204 18.27 20.90 9.99
CA ILE A 204 16.96 21.34 10.45
C ILE A 204 16.13 21.91 9.31
N THR A 205 16.67 22.85 8.54
CA THR A 205 15.96 23.42 7.41
C THR A 205 15.78 22.46 6.24
N TYR A 206 16.43 21.30 6.27
CA TYR A 206 16.33 20.31 5.20
C TYR A 206 16.72 20.89 3.85
N SER A 207 17.72 21.78 3.83
CA SER A 207 18.23 22.28 2.56
C SER A 207 18.96 21.19 1.79
N TRP A 208 19.47 20.17 2.49
CA TRP A 208 20.19 19.10 1.82
C TRP A 208 19.25 18.24 0.98
N TYR A 209 17.98 18.13 1.37
CA TYR A 209 17.06 17.31 0.62
C TYR A 209 16.62 17.96 -0.69
N ASP A 210 17.04 19.21 -0.93
CA ASP A 210 16.70 19.87 -2.18
C ASP A 210 17.22 19.11 -3.39
N SER A 211 18.27 18.31 -3.22
CA SER A 211 18.82 17.57 -4.34
C SER A 211 17.80 16.61 -4.93
N ILE A 212 17.06 15.91 -4.08
CA ILE A 212 16.06 14.96 -4.56
C ILE A 212 14.93 15.70 -5.25
N ILE A 213 14.38 16.73 -4.61
CA ILE A 213 13.18 17.39 -5.10
C ILE A 213 13.49 18.15 -6.38
N LEU A 214 14.67 18.77 -6.46
CA LEU A 214 15.07 19.45 -7.69
C LEU A 214 15.28 18.44 -8.80
N LYS A 215 15.92 17.31 -8.49
CA LYS A 215 16.09 16.25 -9.48
C LYS A 215 14.75 15.66 -9.89
N GLY A 216 13.84 15.53 -8.92
CA GLY A 216 12.53 14.97 -9.22
C GLY A 216 11.72 15.85 -10.15
N TYR A 217 11.84 17.17 -10.01
CA TYR A 217 11.10 18.09 -10.86
C TYR A 217 11.49 18.00 -12.32
N LYS A 218 12.65 17.40 -12.63
CA LYS A 218 13.15 17.32 -14.00
C LYS A 218 12.66 16.08 -14.74
N ARG A 219 12.95 14.89 -14.24
CA ARG A 219 12.61 13.67 -14.94
C ARG A 219 12.05 12.68 -13.93
N PRO A 220 11.28 11.68 -14.38
CA PRO A 220 10.69 10.73 -13.43
C PRO A 220 11.74 10.00 -12.61
N LEU A 221 11.41 9.75 -11.35
CA LEU A 221 12.37 9.17 -10.42
C LEU A 221 12.66 7.71 -10.74
N THR A 222 13.57 7.13 -9.98
CA THR A 222 13.94 5.73 -10.10
C THR A 222 14.49 5.25 -8.76
N LEU A 223 14.56 3.92 -8.62
CA LEU A 223 15.01 3.34 -7.36
C LEU A 223 16.45 3.73 -7.05
N GLU A 224 17.32 3.72 -8.06
CA GLU A 224 18.72 4.02 -7.82
C GLU A 224 18.96 5.50 -7.52
N ASP A 225 18.00 6.37 -7.83
CA ASP A 225 18.15 7.79 -7.51
C ASP A 225 17.85 8.10 -6.06
N VAL A 226 17.32 7.14 -5.30
CA VAL A 226 17.05 7.29 -3.87
C VAL A 226 18.16 6.56 -3.12
N TRP A 227 18.85 7.27 -2.25
CA TRP A 227 20.01 6.70 -1.57
C TRP A 227 19.55 5.66 -0.55
N GLU A 228 20.44 4.71 -0.28
CA GLU A 228 20.23 3.78 0.82
C GLU A 228 20.27 4.54 2.15
N VAL A 229 19.43 4.11 3.08
CA VAL A 229 19.21 4.83 4.32
C VAL A 229 20.31 4.47 5.31
N ASP A 230 21.21 5.42 5.54
CA ASP A 230 22.36 5.41 6.46
C ASP A 230 22.98 4.04 6.74
N GLU A 231 23.73 3.96 7.84
CA GLU A 231 24.25 2.68 8.31
C GLU A 231 23.51 2.16 9.53
N GLU A 232 22.89 3.06 10.31
CA GLU A 232 22.15 2.63 11.48
C GLU A 232 20.87 1.89 11.10
N MET A 233 20.11 2.42 10.15
CA MET A 233 18.84 1.79 9.76
C MET A 233 19.06 0.70 8.72
N LYS A 234 19.96 -0.22 9.04
CA LYS A 234 20.17 -1.41 8.22
C LYS A 234 19.43 -2.56 8.88
N THR A 235 18.55 -3.22 8.12
CA THR A 235 17.60 -4.16 8.71
C THR A 235 18.31 -5.25 9.50
N LYS A 236 19.48 -5.70 9.03
CA LYS A 236 20.28 -6.67 9.78
C LYS A 236 20.68 -6.13 11.14
N THR A 237 21.12 -4.87 11.19
CA THR A 237 21.46 -4.26 12.47
C THR A 237 20.25 -4.18 13.37
N LEU A 238 19.10 -3.78 12.81
CA LEU A 238 17.88 -3.67 13.60
C LEU A 238 17.46 -5.03 14.16
N VAL A 239 17.53 -6.08 13.34
CA VAL A 239 17.09 -7.40 13.77
C VAL A 239 17.95 -7.89 14.93
N SER A 240 19.27 -7.76 14.79
CA SER A 240 20.17 -8.27 15.82
C SER A 240 19.95 -7.57 17.15
N LYS A 241 19.79 -6.24 17.12
CA LYS A 241 19.60 -5.49 18.36
C LYS A 241 18.30 -5.89 19.05
N PHE A 242 17.22 -6.03 18.28
CA PHE A 242 15.92 -6.31 18.88
C PHE A 242 15.86 -7.73 19.45
N GLU A 243 16.43 -8.70 18.73
CA GLU A 243 16.26 -10.08 19.12
C GLU A 243 16.99 -10.40 20.42
N THR A 244 18.05 -9.67 20.72
CA THR A 244 18.79 -9.89 21.97
C THR A 244 17.88 -9.68 23.18
N HIS A 245 17.19 -8.54 23.21
CA HIS A 245 16.26 -8.28 24.31
C HIS A 245 14.99 -9.10 24.15
N MET A 246 14.64 -9.48 22.92
CA MET A 246 13.42 -10.24 22.69
C MET A 246 13.50 -11.61 23.36
N LYS A 247 14.59 -12.34 23.12
CA LYS A 247 14.71 -13.68 23.69
C LYS A 247 14.78 -13.64 25.22
N ARG A 248 15.43 -12.61 25.77
CA ARG A 248 15.53 -12.49 27.22
C ARG A 248 14.15 -12.31 27.83
N GLU A 249 13.31 -11.48 27.22
CA GLU A 249 11.95 -11.30 27.70
C GLU A 249 11.15 -12.59 27.57
N LEU A 250 11.36 -13.32 26.48
CA LEU A 250 10.67 -14.60 26.31
C LEU A 250 11.07 -15.59 27.39
N GLN A 251 12.36 -15.65 27.73
CA GLN A 251 12.83 -16.58 28.75
C GLN A 251 12.21 -16.25 30.11
N LYS A 252 12.14 -14.97 30.45
CA LYS A 252 11.47 -14.58 31.69
C LYS A 252 9.98 -14.89 31.63
N ALA A 253 9.39 -14.78 30.44
CA ALA A 253 7.98 -15.12 30.28
C ALA A 253 7.74 -16.60 30.56
N ARG A 254 8.67 -17.46 30.15
CA ARG A 254 8.53 -18.89 30.43
C ARG A 254 8.56 -19.15 31.93
N ARG A 255 9.40 -18.43 32.67
CA ARG A 255 9.47 -18.59 34.11
C ARG A 255 8.17 -18.23 34.81
N ALA A 256 7.32 -17.41 34.18
CA ALA A 256 6.06 -17.00 34.78
C ALA A 256 4.98 -18.07 34.72
N LEU A 257 5.23 -19.18 34.02
CA LEU A 257 4.24 -20.25 33.88
C LEU A 257 4.07 -21.08 35.14
N GLN A 258 4.68 -20.70 36.25
CA GLN A 258 4.55 -21.46 37.49
C GLN A 258 3.93 -20.62 38.60
N SER A 308 2.07 -9.86 25.59
CA SER A 308 2.30 -9.87 27.03
C SER A 308 3.66 -9.30 27.38
N TRP A 309 4.57 -9.34 26.40
CA TRP A 309 5.96 -8.94 26.67
C TRP A 309 6.51 -8.05 25.57
N LEU A 310 5.91 -8.09 24.38
CA LEU A 310 6.48 -7.39 23.23
C LEU A 310 6.54 -5.89 23.44
N MET A 311 5.48 -5.28 23.96
CA MET A 311 5.51 -3.85 24.26
C MET A 311 6.58 -3.51 25.28
N LYS A 312 6.77 -4.35 26.29
CA LYS A 312 7.89 -4.17 27.21
C LYS A 312 9.22 -4.33 26.49
N ALA A 313 9.31 -5.29 25.56
CA ALA A 313 10.57 -5.57 24.90
C ALA A 313 11.06 -4.37 24.09
N LEU A 314 10.16 -3.72 23.37
CA LEU A 314 10.55 -2.57 22.57
C LEU A 314 11.06 -1.43 23.45
N PHE A 315 10.40 -1.20 24.59
CA PHE A 315 10.83 -0.14 25.49
C PHE A 315 12.21 -0.44 26.07
N LYS A 316 12.48 -1.72 26.35
CA LYS A 316 13.79 -2.10 26.87
C LYS A 316 14.89 -1.87 25.85
N THR A 317 14.51 -1.75 24.57
CA THR A 317 15.48 -1.62 23.49
C THR A 317 15.53 -0.22 22.88
N PHE A 318 14.42 0.53 22.93
CA PHE A 318 14.34 1.81 22.24
C PHE A 318 14.12 2.98 23.19
N TYR A 319 14.46 2.82 24.48
CA TYR A 319 14.23 3.91 25.42
C TYR A 319 15.11 5.11 25.12
N MET A 320 16.26 4.90 24.48
CA MET A 320 17.12 6.02 24.14
C MET A 320 16.48 6.91 23.07
N VAL A 321 15.83 6.31 22.08
CA VAL A 321 15.30 7.08 20.97
C VAL A 321 14.11 7.93 21.41
N LEU A 322 13.20 7.34 22.20
CA LEU A 322 12.01 8.07 22.61
C LEU A 322 12.36 9.26 23.51
N LEU A 323 13.47 9.17 24.24
CA LEU A 323 13.86 10.27 25.13
C LEU A 323 14.18 11.52 24.33
N LYS A 324 14.83 11.36 23.17
CA LYS A 324 15.17 12.53 22.35
C LYS A 324 13.93 13.27 21.88
N SER A 325 12.80 12.57 21.84
CA SER A 325 11.53 13.20 21.52
C SER A 325 10.76 13.65 22.75
N PHE A 326 10.79 12.86 23.83
CA PHE A 326 10.10 13.24 25.06
C PHE A 326 10.63 14.56 25.61
N LEU A 327 11.95 14.70 25.71
CA LEU A 327 12.53 15.96 26.15
C LEU A 327 12.22 17.09 25.16
N LEU A 328 12.03 16.75 23.89
CA LEU A 328 11.78 17.75 22.86
C LEU A 328 10.31 18.09 22.73
N LYS A 329 9.42 17.15 23.02
CA LYS A 329 7.98 17.41 22.89
C LYS A 329 7.53 18.49 23.86
N LEU A 330 8.08 18.50 25.07
CA LEU A 330 7.76 19.55 26.02
C LEU A 330 8.12 20.93 25.49
N VAL A 331 9.27 21.06 24.83
CA VAL A 331 9.66 22.33 24.25
C VAL A 331 8.62 22.81 23.25
N ASN A 332 8.05 21.87 22.48
CA ASN A 332 7.01 22.21 21.53
C ASN A 332 5.78 22.79 22.25
N ASP A 333 5.27 22.06 23.24
CA ASP A 333 4.02 22.47 23.88
C ASP A 333 4.18 23.80 24.60
N ILE A 334 5.32 24.01 25.26
CA ILE A 334 5.55 25.28 25.95
C ILE A 334 5.48 26.45 24.97
N PHE A 335 6.05 26.27 23.77
CA PHE A 335 6.07 27.34 22.79
C PHE A 335 4.78 27.43 21.98
N THR A 336 3.89 26.43 22.08
CA THR A 336 2.56 26.61 21.50
C THR A 336 1.77 27.65 22.28
N PHE A 337 1.92 27.66 23.60
CA PHE A 337 1.18 28.59 24.45
C PHE A 337 1.90 29.92 24.67
N VAL A 338 3.14 30.05 24.22
CA VAL A 338 3.82 31.33 24.38
C VAL A 338 3.25 32.36 23.40
N SER A 339 2.61 31.90 22.31
CA SER A 339 2.00 32.83 21.37
C SER A 339 0.78 33.50 22.00
N PRO A 340 -0.26 32.76 22.46
CA PRO A 340 -1.44 33.43 23.00
C PRO A 340 -1.12 34.36 24.18
N GLN A 341 -0.11 33.99 24.97
CA GLN A 341 0.37 34.89 26.00
C GLN A 341 0.91 36.17 25.39
N LEU A 342 1.64 36.04 24.27
CA LEU A 342 2.18 37.21 23.60
C LEU A 342 1.08 38.02 22.94
N LEU A 343 0.00 37.35 22.51
CA LEU A 343 -1.17 38.07 21.99
C LEU A 343 -1.69 39.07 23.00
N LYS A 344 -1.83 38.64 24.26
CA LYS A 344 -2.38 39.52 25.28
C LYS A 344 -1.53 40.78 25.45
N LEU A 345 -0.20 40.62 25.44
CA LEU A 345 0.68 41.78 25.52
C LEU A 345 0.54 42.67 24.30
N LEU A 346 0.47 42.08 23.11
CA LEU A 346 0.44 42.88 21.89
C LEU A 346 -0.91 43.58 21.73
N ILE A 347 -2.01 42.87 22.04
CA ILE A 347 -3.32 43.49 21.93
C ILE A 347 -3.44 44.67 22.87
N SER A 348 -2.96 44.51 24.10
CA SER A 348 -3.01 45.60 25.07
C SER A 348 -2.16 46.78 24.60
N PHE A 349 -1.13 46.51 23.79
CA PHE A 349 -0.30 47.60 23.28
C PHE A 349 -1.11 48.55 22.40
N ALA A 350 -1.97 48.00 21.55
CA ALA A 350 -2.75 48.84 20.66
C ALA A 350 -3.96 49.45 21.34
N SER A 351 -4.27 49.04 22.57
CA SER A 351 -5.46 49.57 23.25
C SER A 351 -5.31 51.05 23.57
N ASP A 352 -4.14 51.45 24.04
CA ASP A 352 -3.89 52.82 24.47
C ASP A 352 -2.63 53.38 23.81
N ARG A 353 -2.53 54.71 23.77
CA ARG A 353 -1.50 55.38 22.98
C ARG A 353 -0.19 55.54 23.73
N ASP A 354 -0.22 55.56 25.06
CA ASP A 354 0.96 55.87 25.87
C ASP A 354 2.06 54.82 25.77
N THR A 355 1.76 53.66 25.19
CA THR A 355 2.72 52.58 25.09
C THR A 355 3.97 53.04 24.34
N TYR A 356 5.13 52.66 24.86
CA TYR A 356 6.38 52.95 24.16
C TYR A 356 6.44 52.18 22.85
N LEU A 357 7.05 52.80 21.84
CA LEU A 357 7.06 52.20 20.52
C LEU A 357 7.88 50.92 20.49
N TRP A 358 8.86 50.79 21.38
CA TRP A 358 9.78 49.66 21.29
C TRP A 358 9.14 48.35 21.76
N ILE A 359 8.15 48.43 22.64
CA ILE A 359 7.54 47.20 23.15
C ILE A 359 6.82 46.46 22.03
N GLY A 360 6.25 47.19 21.08
CA GLY A 360 5.57 46.55 19.97
C GLY A 360 6.51 45.74 19.10
N TYR A 361 7.66 46.33 18.75
CA TYR A 361 8.62 45.62 17.91
C TYR A 361 9.17 44.40 18.63
N LEU A 362 9.47 44.52 19.92
CA LEU A 362 9.96 43.37 20.67
C LEU A 362 8.92 42.26 20.71
N CYS A 363 7.65 42.63 20.90
CA CYS A 363 6.59 41.63 20.87
C CYS A 363 6.50 40.97 19.50
N ALA A 364 6.60 41.76 18.43
CA ALA A 364 6.55 41.19 17.09
C ALA A 364 7.74 40.27 16.84
N ILE A 365 8.93 40.71 17.24
CA ILE A 365 10.13 39.89 17.02
C ILE A 365 10.06 38.61 17.83
N LEU A 366 9.65 38.72 19.10
CA LEU A 366 9.49 37.53 19.93
C LEU A 366 8.43 36.60 19.37
N LEU A 367 7.40 37.16 18.73
CA LEU A 367 6.41 36.32 18.07
C LEU A 367 7.05 35.54 16.92
N PHE A 368 7.95 36.18 16.18
CA PHE A 368 8.64 35.52 15.08
C PHE A 368 9.48 34.36 15.57
N THR A 369 10.33 34.61 16.56
CA THR A 369 11.25 33.58 17.05
C THR A 369 10.49 32.47 17.79
N ALA A 370 9.31 32.81 18.33
CA ALA A 370 8.51 31.80 19.02
C ALA A 370 8.08 30.70 18.05
N ALA A 371 7.68 31.09 16.84
CA ALA A 371 7.28 30.11 15.84
C ALA A 371 8.47 29.32 15.32
N LEU A 372 9.58 30.00 15.03
CA LEU A 372 10.76 29.31 14.49
C LEU A 372 11.25 28.24 15.45
N ILE A 373 11.34 28.56 16.74
CA ILE A 373 11.68 27.53 17.72
C ILE A 373 10.61 26.45 17.75
N GLN A 374 9.34 26.86 17.73
CA GLN A 374 8.26 25.88 17.72
C GLN A 374 8.26 25.07 16.42
N SER A 375 8.50 25.72 15.29
CA SER A 375 8.50 25.02 14.01
C SER A 375 9.64 24.02 13.93
N PHE A 376 10.83 24.43 14.35
CA PHE A 376 12.00 23.58 14.18
C PHE A 376 11.87 22.30 15.01
N CYS A 377 11.52 22.44 16.28
CA CYS A 377 11.38 21.26 17.14
C CYS A 377 10.26 20.35 16.65
N LEU A 378 9.13 20.93 16.23
CA LEU A 378 8.01 20.12 15.78
C LEU A 378 8.41 19.22 14.62
N GLN A 379 9.08 19.78 13.61
CA GLN A 379 9.50 18.95 12.48
C GLN A 379 10.70 18.09 12.84
N CYS A 380 11.54 18.55 13.77
CA CYS A 380 12.55 17.65 14.31
C CYS A 380 11.92 16.57 15.17
N TYR A 381 10.66 16.73 15.56
CA TYR A 381 9.97 15.71 16.34
C TYR A 381 9.29 14.69 15.43
N PHE A 382 8.50 15.17 14.47
CA PHE A 382 7.85 14.26 13.53
C PHE A 382 8.87 13.41 12.78
N GLN A 383 9.92 14.05 12.26
CA GLN A 383 10.92 13.29 11.53
C GLN A 383 11.62 12.26 12.42
N LEU A 384 11.86 12.60 13.68
CA LEU A 384 12.46 11.64 14.59
C LEU A 384 11.46 10.56 15.00
N CYS A 385 10.21 10.96 15.26
CA CYS A 385 9.22 10.00 15.74
C CYS A 385 8.85 9.01 14.65
N PHE A 386 8.63 9.49 13.42
CA PHE A 386 8.22 8.60 12.34
C PHE A 386 9.39 7.75 11.86
N LYS A 387 10.62 8.26 12.02
CA LYS A 387 11.78 7.43 11.78
C LYS A 387 11.78 6.21 12.69
N LEU A 388 11.26 6.37 13.91
CA LEU A 388 11.01 5.22 14.76
C LEU A 388 9.85 4.38 14.22
N GLY A 389 8.84 5.04 13.66
CA GLY A 389 7.69 4.32 13.14
C GLY A 389 8.04 3.31 12.07
N VAL A 390 8.95 3.68 11.16
CA VAL A 390 9.46 2.72 10.19
C VAL A 390 10.48 1.79 10.84
N LYS A 391 11.20 2.29 11.85
CA LYS A 391 12.22 1.48 12.51
C LYS A 391 11.61 0.27 13.21
N VAL A 392 10.49 0.48 13.92
CA VAL A 392 9.90 -0.62 14.68
C VAL A 392 9.33 -1.69 13.75
N ARG A 393 8.65 -1.26 12.68
CA ARG A 393 8.08 -2.24 11.76
C ARG A 393 9.17 -3.04 11.07
N THR A 394 10.27 -2.38 10.71
CA THR A 394 11.37 -3.08 10.05
C THR A 394 11.87 -4.23 10.91
N ALA A 395 11.87 -4.07 12.22
CA ALA A 395 12.28 -5.13 13.12
C ALA A 395 11.30 -6.30 13.07
N ILE A 396 10.02 -6.04 13.36
CA ILE A 396 9.05 -7.12 13.48
C ILE A 396 8.83 -7.80 12.14
N MET A 397 8.78 -7.03 11.05
CA MET A 397 8.52 -7.62 9.74
C MET A 397 9.60 -8.61 9.36
N ALA A 398 10.86 -8.28 9.62
CA ALA A 398 11.93 -9.23 9.37
C ALA A 398 11.96 -10.31 10.45
N SER A 399 11.66 -9.94 11.69
CA SER A 399 11.72 -10.91 12.79
C SER A 399 10.71 -12.03 12.61
N VAL A 400 9.48 -11.69 12.20
CA VAL A 400 8.47 -12.73 11.99
C VAL A 400 8.89 -13.65 10.85
N TYR A 401 9.59 -13.11 9.86
CA TYR A 401 10.11 -13.94 8.79
C TYR A 401 11.12 -14.95 9.32
N LYS A 402 12.00 -14.50 10.22
CA LYS A 402 12.96 -15.42 10.82
C LYS A 402 12.26 -16.49 11.64
N LYS A 403 11.26 -16.09 12.43
CA LYS A 403 10.51 -17.06 13.22
C LYS A 403 9.71 -18.00 12.33
N ALA A 404 9.34 -17.55 11.13
CA ALA A 404 8.55 -18.38 10.23
C ALA A 404 9.32 -19.64 9.83
N LEU A 405 10.61 -19.50 9.55
CA LEU A 405 11.40 -20.64 9.11
C LEU A 405 11.75 -21.60 10.24
N THR A 406 11.47 -21.21 11.49
CA THR A 406 11.86 -22.03 12.63
C THR A 406 10.68 -22.57 13.44
N LEU A 407 9.45 -22.13 13.15
CA LEU A 407 8.31 -22.58 13.92
C LEU A 407 8.07 -24.07 13.69
N SER A 408 7.58 -24.75 14.73
CA SER A 408 7.14 -26.12 14.58
C SER A 408 5.91 -26.17 13.69
N ASN A 409 5.86 -27.17 12.80
CA ASN A 409 4.72 -27.28 11.89
C ASN A 409 3.42 -27.52 12.65
N LEU A 410 3.51 -28.06 13.87
CA LEU A 410 2.34 -28.28 14.70
C LEU A 410 1.63 -26.96 14.95
N ALA A 411 2.41 -25.90 15.20
CA ALA A 411 1.82 -24.57 15.28
C ALA A 411 1.22 -24.17 13.94
N ARG A 412 1.92 -24.44 12.85
CA ARG A 412 1.43 -24.08 11.52
C ARG A 412 0.19 -24.89 11.15
N LYS A 413 -0.04 -26.01 11.83
CA LYS A 413 -1.24 -26.80 11.56
C LYS A 413 -2.52 -26.04 11.91
N GLU A 414 -2.41 -24.94 12.66
CA GLU A 414 -3.55 -24.11 12.99
C GLU A 414 -3.70 -22.91 12.06
N TYR A 415 -2.60 -22.32 11.60
CA TYR A 415 -2.65 -21.15 10.75
C TYR A 415 -2.63 -21.57 9.28
N THR A 416 -3.50 -20.95 8.49
CA THR A 416 -3.43 -21.12 7.05
C THR A 416 -2.40 -20.17 6.46
N VAL A 417 -2.31 -20.18 5.12
CA VAL A 417 -1.39 -19.26 4.44
C VAL A 417 -1.85 -17.82 4.64
N GLY A 418 -3.16 -17.60 4.66
CA GLY A 418 -3.67 -16.26 4.83
C GLY A 418 -3.37 -15.68 6.20
N GLU A 419 -3.53 -16.49 7.25
CA GLU A 419 -3.33 -15.97 8.60
C GLU A 419 -1.88 -15.58 8.84
N THR A 420 -0.94 -16.38 8.34
CA THR A 420 0.48 -16.10 8.57
C THR A 420 0.89 -14.78 7.93
N VAL A 421 0.39 -14.51 6.72
CA VAL A 421 0.71 -13.24 6.07
C VAL A 421 -0.11 -12.10 6.66
N ASN A 422 -1.18 -12.42 7.40
CA ASN A 422 -2.01 -11.38 7.99
C ASN A 422 -1.23 -10.58 9.03
N LEU A 423 -0.18 -11.19 9.60
CA LEU A 423 0.62 -10.48 10.59
C LEU A 423 1.31 -9.26 10.00
N MET A 424 1.78 -9.37 8.75
CA MET A 424 2.49 -8.25 8.14
C MET A 424 1.57 -7.44 7.25
N SER A 425 0.47 -8.03 6.78
CA SER A 425 -0.47 -7.30 5.93
C SER A 425 -1.14 -6.20 6.72
N VAL A 426 -1.63 -6.52 7.91
CA VAL A 426 -2.34 -5.56 8.74
C VAL A 426 -1.75 -5.45 10.13
N ASP A 427 -1.43 -6.58 10.79
CA ASP A 427 -1.02 -6.54 12.19
C ASP A 427 0.27 -5.76 12.39
N ALA A 428 1.26 -5.98 11.53
CA ALA A 428 2.48 -5.20 11.59
C ALA A 428 2.21 -3.73 11.26
N GLN A 429 1.35 -3.48 10.27
CA GLN A 429 1.02 -2.11 9.89
C GLN A 429 0.35 -1.37 11.03
N LYS A 430 -0.49 -2.07 11.79
CA LYS A 430 -1.14 -1.45 12.94
C LYS A 430 -0.12 -0.95 13.95
N LEU A 431 1.01 -1.63 14.08
CA LEU A 431 2.02 -1.24 15.06
C LEU A 431 2.67 0.10 14.73
N MET A 432 2.59 0.58 13.49
CA MET A 432 2.98 1.96 13.22
C MET A 432 2.11 2.97 13.95
N ASP A 433 0.79 2.88 13.81
CA ASP A 433 -0.08 3.95 14.28
C ASP A 433 0.05 4.13 15.79
N VAL A 434 0.08 3.03 16.55
CA VAL A 434 0.30 3.15 17.99
C VAL A 434 1.68 3.73 18.25
N THR A 435 2.68 3.31 17.47
CA THR A 435 4.01 3.89 17.60
C THR A 435 4.06 5.31 17.08
N ASN A 436 3.27 5.64 16.06
CA ASN A 436 3.31 6.98 15.50
C ASN A 436 2.88 8.03 16.53
N PHE A 437 2.12 7.63 17.54
CA PHE A 437 1.87 8.49 18.69
C PHE A 437 1.99 7.70 19.99
N MET A 438 3.22 7.63 20.51
CA MET A 438 3.47 7.30 21.90
C MET A 438 3.45 8.54 22.79
N HIS A 439 3.99 9.66 22.30
CA HIS A 439 4.09 10.85 23.12
C HIS A 439 2.76 11.58 23.20
N MET A 440 1.79 11.22 22.34
CA MET A 440 0.54 11.95 22.30
C MET A 440 -0.38 11.56 23.45
N LEU A 441 -0.16 10.39 24.05
CA LEU A 441 -0.98 9.95 25.16
C LEU A 441 -0.75 10.86 26.35
N TRP A 442 0.49 11.32 26.55
CA TRP A 442 0.79 12.21 27.66
C TRP A 442 0.68 13.67 27.23
N SER A 443 0.94 13.96 25.96
CA SER A 443 0.85 15.33 25.48
C SER A 443 -0.58 15.83 25.53
N SER A 444 -1.55 15.02 25.09
CA SER A 444 -2.93 15.48 24.99
C SER A 444 -3.46 15.94 26.34
N VAL A 445 -3.18 15.16 27.39
CA VAL A 445 -3.61 15.57 28.72
C VAL A 445 -2.84 16.81 29.18
N LEU A 446 -1.61 17.00 28.68
CA LEU A 446 -0.83 18.16 29.09
C LEU A 446 -1.43 19.45 28.54
N GLN A 447 -1.75 19.47 27.24
CA GLN A 447 -2.26 20.70 26.64
C GLN A 447 -3.60 21.10 27.24
N ILE A 448 -4.49 20.13 27.45
CA ILE A 448 -5.85 20.46 27.88
C ILE A 448 -5.84 21.09 29.28
N VAL A 449 -5.06 20.52 30.20
CA VAL A 449 -5.03 21.08 31.55
C VAL A 449 -4.32 22.42 31.58
N LEU A 450 -3.24 22.55 30.80
CA LEU A 450 -2.49 23.80 30.77
C LEU A 450 -3.30 24.89 30.10
N SER A 451 -4.06 24.53 29.06
CA SER A 451 -4.94 25.50 28.41
C SER A 451 -6.02 25.98 29.38
N ILE A 452 -6.57 25.07 30.17
CA ILE A 452 -7.57 25.46 31.16
C ILE A 452 -7.00 26.47 32.14
N PHE A 453 -5.76 26.23 32.61
CA PHE A 453 -5.16 27.13 33.59
C PHE A 453 -5.04 28.55 33.05
N PHE A 454 -4.64 28.70 31.79
CA PHE A 454 -4.51 30.03 31.21
C PHE A 454 -5.86 30.72 31.12
N LEU A 455 -6.84 30.05 30.53
CA LEU A 455 -8.17 30.65 30.37
C LEU A 455 -8.86 30.87 31.71
N TRP A 456 -8.74 29.92 32.64
CA TRP A 456 -9.38 30.08 33.94
C TRP A 456 -8.81 31.27 34.68
N ARG A 457 -7.48 31.42 34.66
CA ARG A 457 -6.85 32.62 35.19
C ARG A 457 -7.26 33.86 34.40
N GLU A 458 -7.59 33.71 33.13
CA GLU A 458 -7.91 34.83 32.26
C GLU A 458 -9.41 35.15 32.24
N LEU A 459 -10.23 34.19 31.80
CA LEU A 459 -11.63 34.50 31.54
C LEU A 459 -12.49 34.39 32.79
N GLY A 460 -12.26 33.39 33.64
CA GLY A 460 -13.03 33.24 34.85
C GLY A 460 -13.74 31.91 34.94
N PRO A 461 -14.30 31.62 36.12
CA PRO A 461 -14.96 30.32 36.35
C PRO A 461 -16.30 30.21 35.65
N SER A 462 -16.27 30.30 34.32
CA SER A 462 -17.48 30.13 33.52
C SER A 462 -17.21 29.19 32.36
N VAL A 463 -15.94 29.03 32.02
CA VAL A 463 -15.55 28.20 30.89
C VAL A 463 -15.75 26.71 31.19
N LEU A 464 -16.02 26.36 32.44
CA LEU A 464 -16.31 24.96 32.78
C LEU A 464 -17.43 24.42 31.90
N ALA A 465 -18.45 25.24 31.64
CA ALA A 465 -19.46 24.87 30.66
C ALA A 465 -18.86 24.80 29.26
N GLY A 466 -17.98 25.74 28.93
CA GLY A 466 -17.36 25.73 27.61
C GLY A 466 -16.48 24.51 27.37
N VAL A 467 -15.65 24.14 28.35
CA VAL A 467 -14.90 22.91 28.23
C VAL A 467 -15.82 21.72 28.49
N GLY A 468 -16.91 21.94 29.22
CA GLY A 468 -17.86 20.87 29.46
C GLY A 468 -18.55 20.39 28.20
N VAL A 469 -19.02 21.32 27.36
CA VAL A 469 -19.66 20.92 26.10
C VAL A 469 -18.64 20.23 25.20
N MET A 470 -17.37 20.60 25.32
CA MET A 470 -16.31 19.90 24.60
C MET A 470 -16.27 18.43 25.01
N VAL A 471 -16.39 18.15 26.31
CA VAL A 471 -16.36 16.77 26.78
C VAL A 471 -17.57 16.00 26.25
N LEU A 472 -18.74 16.64 26.27
CA LEU A 472 -19.95 16.00 25.80
C LEU A 472 -19.95 15.74 24.29
N VAL A 473 -18.98 16.31 23.55
CA VAL A 473 -18.86 15.98 22.13
C VAL A 473 -18.47 14.52 21.95
N ILE A 474 -17.62 14.01 22.84
CA ILE A 474 -17.09 12.66 22.67
C ILE A 474 -18.18 11.60 22.58
N PRO A 475 -19.25 11.63 23.40
CA PRO A 475 -20.32 10.63 23.23
C PRO A 475 -20.91 10.59 21.83
N ILE A 476 -21.11 11.74 21.18
CA ILE A 476 -21.63 11.73 19.81
C ILE A 476 -20.64 11.04 18.88
N ASN A 477 -19.35 11.35 19.02
CA ASN A 477 -18.36 10.71 18.16
C ASN A 477 -18.31 9.20 18.41
N ALA A 478 -18.57 8.78 19.64
CA ALA A 478 -18.54 7.35 19.95
C ALA A 478 -19.67 6.60 19.26
N ILE A 479 -20.91 7.09 19.40
CA ILE A 479 -22.06 6.36 18.89
C ILE A 479 -22.06 6.35 17.35
N LEU A 480 -21.71 7.49 16.74
CA LEU A 480 -21.69 7.55 15.29
C LEU A 480 -20.59 6.66 14.72
N SER A 481 -19.45 6.58 15.40
CA SER A 481 -18.36 5.75 14.91
C SER A 481 -18.74 4.28 14.88
N THR A 482 -19.32 3.77 15.98
CA THR A 482 -19.69 2.36 16.02
C THR A 482 -20.86 2.06 15.07
N LYS A 483 -21.75 3.03 14.87
CA LYS A 483 -22.79 2.85 13.87
C LYS A 483 -22.21 2.82 12.46
N SER A 484 -21.20 3.67 12.20
CA SER A 484 -20.53 3.64 10.91
C SER A 484 -19.82 2.31 10.69
N LYS A 485 -19.14 1.81 11.72
CA LYS A 485 -18.41 0.55 11.59
C LYS A 485 -19.36 -0.60 11.33
N THR A 486 -20.53 -0.58 11.96
CA THR A 486 -21.49 -1.68 11.81
C THR A 486 -21.97 -1.81 10.37
N ILE A 487 -22.23 -0.68 9.71
CA ILE A 487 -22.82 -0.74 8.39
C ILE A 487 -21.77 -0.97 7.31
N GLN A 488 -20.57 -0.43 7.48
CA GLN A 488 -19.53 -0.63 6.47
C GLN A 488 -19.10 -2.09 6.42
N VAL A 489 -18.98 -2.75 7.57
CA VAL A 489 -18.66 -4.18 7.58
C VAL A 489 -19.83 -4.98 7.03
N LYS A 490 -21.05 -4.48 7.19
CA LYS A 490 -22.20 -5.11 6.56
C LYS A 490 -22.25 -4.82 5.07
N ASN A 491 -21.58 -3.76 4.63
CA ASN A 491 -21.52 -3.45 3.21
C ASN A 491 -20.56 -4.39 2.48
N MET A 492 -19.55 -4.91 3.20
CA MET A 492 -18.53 -5.73 2.55
C MET A 492 -19.11 -7.01 1.96
N LYS A 493 -20.05 -7.65 2.66
CA LYS A 493 -20.63 -8.89 2.14
C LYS A 493 -21.34 -8.64 0.81
N ASN A 494 -22.01 -7.49 0.69
CA ASN A 494 -22.62 -7.13 -0.58
C ASN A 494 -21.56 -6.76 -1.61
N LYS A 495 -20.49 -6.10 -1.18
CA LYS A 495 -19.44 -5.66 -2.10
C LYS A 495 -18.73 -6.85 -2.73
N ASP A 496 -18.36 -7.86 -1.92
CA ASP A 496 -17.60 -8.98 -2.46
C ASP A 496 -18.45 -9.83 -3.39
N LYS A 497 -19.78 -9.84 -3.19
CA LYS A 497 -20.65 -10.60 -4.09
C LYS A 497 -20.54 -10.10 -5.52
N ARG A 498 -20.67 -8.78 -5.72
CA ARG A 498 -20.52 -8.22 -7.05
C ARG A 498 -19.14 -8.52 -7.61
N LEU A 499 -18.12 -8.52 -6.76
CA LEU A 499 -16.77 -8.87 -7.21
C LEU A 499 -16.72 -10.31 -7.69
N LYS A 500 -17.21 -11.25 -6.87
CA LYS A 500 -17.18 -12.66 -7.26
C LYS A 500 -18.06 -12.93 -8.48
N ILE A 501 -19.24 -12.31 -8.53
CA ILE A 501 -20.12 -12.48 -9.68
C ILE A 501 -19.44 -11.94 -10.94
N MET A 502 -18.68 -10.87 -10.81
CA MET A 502 -18.06 -10.28 -12.00
C MET A 502 -16.81 -11.04 -12.42
N ASN A 503 -16.20 -11.80 -11.50
CA ASN A 503 -15.06 -12.61 -11.90
C ASN A 503 -15.46 -13.66 -12.92
N GLU A 504 -16.61 -14.30 -12.71
CA GLU A 504 -17.00 -15.41 -13.57
C GLU A 504 -17.55 -14.93 -14.92
N ILE A 505 -18.18 -13.76 -14.96
CA ILE A 505 -18.64 -13.23 -16.24
C ILE A 505 -17.45 -12.80 -17.10
N LEU A 506 -16.46 -12.18 -16.47
CA LEU A 506 -15.29 -11.70 -17.20
C LEU A 506 -14.52 -12.84 -17.85
N SER A 507 -14.36 -13.94 -17.12
CA SER A 507 -13.62 -15.08 -17.62
C SER A 507 -14.30 -15.70 -18.84
N GLY A 508 -15.63 -15.73 -18.83
CA GLY A 508 -16.36 -16.34 -19.92
C GLY A 508 -17.19 -15.38 -20.74
N ILE A 509 -16.65 -14.19 -21.02
CA ILE A 509 -17.37 -13.20 -21.81
C ILE A 509 -17.75 -13.77 -23.17
N LYS A 510 -16.81 -14.45 -23.82
CA LYS A 510 -17.07 -15.07 -25.12
C LYS A 510 -18.31 -15.96 -25.06
N ILE A 511 -18.42 -16.75 -24.00
CA ILE A 511 -19.56 -17.67 -23.85
C ILE A 511 -20.86 -16.88 -23.72
N LEU A 512 -20.82 -15.77 -22.97
CA LEU A 512 -21.99 -14.89 -22.93
C LEU A 512 -22.31 -14.35 -24.31
N LYS A 513 -21.29 -13.98 -25.09
CA LYS A 513 -21.54 -13.41 -26.41
C LYS A 513 -22.18 -14.43 -27.34
N TYR A 514 -21.92 -15.72 -27.12
CA TYR A 514 -22.54 -16.74 -27.96
C TYR A 514 -24.06 -16.76 -27.80
N PHE A 515 -24.54 -16.64 -26.56
CA PHE A 515 -25.96 -16.76 -26.26
C PHE A 515 -26.62 -15.43 -25.94
N ALA A 516 -25.83 -14.38 -25.72
CA ALA A 516 -26.37 -13.07 -25.35
C ALA A 516 -27.19 -13.12 -24.07
N TRP A 517 -26.57 -13.58 -22.99
CA TRP A 517 -27.19 -13.45 -21.67
C TRP A 517 -26.89 -12.12 -20.99
N GLU A 518 -26.14 -11.25 -21.67
CA GLU A 518 -25.67 -10.02 -21.03
C GLU A 518 -26.78 -9.13 -20.46
N PRO A 519 -27.96 -8.97 -21.09
CA PRO A 519 -29.00 -8.17 -20.42
C PRO A 519 -29.40 -8.73 -19.07
N SER A 520 -29.42 -10.06 -18.92
CA SER A 520 -29.77 -10.66 -17.64
C SER A 520 -28.74 -10.32 -16.58
N PHE A 521 -27.45 -10.41 -16.93
CA PHE A 521 -26.41 -10.06 -15.96
C PHE A 521 -26.34 -8.57 -15.72
N ARG A 522 -26.60 -7.77 -16.77
CA ARG A 522 -26.57 -6.32 -16.61
C ARG A 522 -27.58 -5.86 -15.57
N ASP A 523 -28.80 -6.39 -15.64
CA ASP A 523 -29.80 -6.06 -14.63
C ASP A 523 -29.47 -6.72 -13.30
N GLN A 524 -28.85 -7.90 -13.33
CA GLN A 524 -28.49 -8.59 -12.10
C GLN A 524 -27.49 -7.78 -11.30
N VAL A 525 -26.45 -7.26 -11.96
CA VAL A 525 -25.45 -6.44 -11.27
C VAL A 525 -26.05 -5.11 -10.87
N GLN A 526 -26.87 -4.52 -11.75
CA GLN A 526 -27.53 -3.25 -11.41
C GLN A 526 -28.44 -3.41 -10.20
N ASN A 527 -29.17 -4.54 -10.13
CA ASN A 527 -29.97 -4.82 -8.95
C ASN A 527 -29.08 -4.97 -7.72
N LEU A 528 -27.94 -5.64 -7.88
CA LEU A 528 -26.99 -5.75 -6.77
C LEU A 528 -26.43 -4.38 -6.39
N ARG A 529 -26.28 -3.49 -7.36
CA ARG A 529 -25.79 -2.15 -7.07
C ARG A 529 -26.83 -1.33 -6.31
N LYS A 530 -28.11 -1.67 -6.46
CA LYS A 530 -29.16 -0.98 -5.72
C LYS A 530 -28.97 -1.17 -4.22
N LYS A 531 -28.66 -2.39 -3.80
CA LYS A 531 -28.40 -2.65 -2.39
C LYS A 531 -27.08 -2.03 -1.95
N GLU A 532 -26.19 -1.76 -2.90
CA GLU A 532 -24.91 -1.13 -2.57
C GLU A 532 -25.13 0.29 -2.06
N LEU A 533 -25.89 1.09 -2.80
CA LEU A 533 -26.04 2.51 -2.46
C LEU A 533 -26.95 2.73 -1.27
N LYS A 534 -27.98 1.90 -1.10
CA LYS A 534 -28.91 2.08 0.01
C LYS A 534 -28.17 2.01 1.34
N ASN A 535 -27.25 1.05 1.47
CA ASN A 535 -26.35 1.04 2.62
C ASN A 535 -25.34 2.18 2.54
N LEU A 536 -24.85 2.48 1.34
CA LEU A 536 -23.84 3.53 1.19
C LEU A 536 -24.39 4.90 1.57
N LEU A 537 -25.61 5.21 1.13
CA LEU A 537 -26.17 6.53 1.40
C LEU A 537 -26.34 6.76 2.89
N ALA A 538 -26.81 5.73 3.61
CA ALA A 538 -26.88 5.83 5.06
C ALA A 538 -25.50 6.04 5.67
N PHE A 539 -24.47 5.42 5.09
CA PHE A 539 -23.11 5.65 5.57
C PHE A 539 -22.67 7.09 5.30
N SER A 540 -22.90 7.56 4.08
CA SER A 540 -22.51 8.93 3.75
C SER A 540 -23.31 9.94 4.58
N GLN A 541 -24.59 9.68 4.79
CA GLN A 541 -25.39 10.54 5.65
C GLN A 541 -24.87 10.53 7.08
N LEU A 542 -24.17 9.46 7.48
CA LEU A 542 -23.55 9.44 8.80
C LEU A 542 -22.31 10.33 8.81
N GLN A 543 -21.53 10.32 7.73
CA GLN A 543 -20.26 11.03 7.72
C GLN A 543 -20.46 12.54 7.76
N CYS A 544 -21.51 13.05 7.12
CA CYS A 544 -21.77 14.48 7.16
C CYS A 544 -22.12 14.92 8.58
N VAL A 545 -22.76 14.04 9.35
CA VAL A 545 -23.09 14.36 10.74
C VAL A 545 -21.83 14.33 11.60
N VAL A 546 -20.98 13.33 11.41
CA VAL A 546 -19.81 13.21 12.27
C VAL A 546 -18.82 14.34 12.01
N ILE A 547 -18.69 14.79 10.76
CA ILE A 547 -17.84 15.94 10.48
C ILE A 547 -18.50 17.22 10.99
N PHE A 548 -19.83 17.23 11.02
CA PHE A 548 -20.57 18.38 11.54
C PHE A 548 -20.18 18.71 12.97
N VAL A 549 -20.26 17.72 13.85
CA VAL A 549 -19.98 17.97 15.26
C VAL A 549 -18.54 18.40 15.45
N PHE A 550 -17.62 17.79 14.70
CA PHE A 550 -16.21 18.17 14.79
C PHE A 550 -16.00 19.59 14.28
N GLN A 551 -16.62 19.93 13.15
CA GLN A 551 -16.36 21.23 12.54
C GLN A 551 -17.08 22.36 13.28
N LEU A 552 -18.30 22.09 13.75
CA LEU A 552 -19.10 23.17 14.34
C LEU A 552 -18.65 23.53 15.75
N THR A 553 -18.08 22.58 16.49
CA THR A 553 -17.90 22.77 17.92
C THR A 553 -17.07 24.01 18.31
N PRO A 554 -15.99 24.40 17.60
CA PRO A 554 -15.28 25.61 18.05
C PRO A 554 -16.15 26.86 18.03
N VAL A 555 -17.08 26.95 17.07
CA VAL A 555 -18.02 28.07 17.07
C VAL A 555 -19.00 27.94 18.22
N LEU A 556 -19.50 26.72 18.46
CA LEU A 556 -20.52 26.52 19.49
C LEU A 556 -19.97 26.85 20.86
N VAL A 557 -18.75 26.41 21.17
CA VAL A 557 -18.17 26.70 22.48
C VAL A 557 -17.94 28.19 22.64
N SER A 558 -17.56 28.87 21.55
CA SER A 558 -17.38 30.32 21.61
C SER A 558 -18.67 31.01 21.98
N VAL A 559 -19.81 30.54 21.44
CA VAL A 559 -21.09 31.12 21.78
C VAL A 559 -21.41 30.89 23.25
N VAL A 560 -21.25 29.65 23.71
CA VAL A 560 -21.62 29.31 25.08
C VAL A 560 -20.70 30.00 26.08
N THR A 561 -19.39 29.93 25.84
CA THR A 561 -18.43 30.46 26.80
C THR A 561 -18.60 31.97 26.98
N PHE A 562 -18.79 32.70 25.89
CA PHE A 562 -18.94 34.14 25.99
C PHE A 562 -20.30 34.52 26.57
N SER A 563 -21.34 33.78 26.20
CA SER A 563 -22.69 34.12 26.65
C SER A 563 -22.81 34.00 28.16
N VAL A 564 -22.25 32.93 28.73
CA VAL A 564 -22.44 32.69 30.16
C VAL A 564 -21.73 33.76 30.98
N TYR A 565 -20.48 34.12 30.60
CA TYR A 565 -19.72 35.06 31.41
C TYR A 565 -20.38 36.43 31.44
N VAL A 566 -20.89 36.89 30.30
CA VAL A 566 -21.53 38.19 30.24
C VAL A 566 -22.91 38.19 30.87
N LEU A 567 -23.50 37.02 31.08
CA LEU A 567 -24.88 36.94 31.57
C LEU A 567 -25.01 36.39 32.98
N VAL A 568 -23.92 36.01 33.64
CA VAL A 568 -24.03 35.66 35.06
C VAL A 568 -24.34 36.91 35.87
N ASP A 569 -24.96 36.70 37.04
CA ASP A 569 -25.44 37.80 37.87
C ASP A 569 -24.25 38.50 38.52
N SER A 570 -23.53 39.27 37.71
CA SER A 570 -22.38 40.03 38.17
C SER A 570 -22.05 41.10 37.15
N ASN A 571 -21.24 42.08 37.57
CA ASN A 571 -20.76 43.12 36.66
C ASN A 571 -19.61 42.55 35.86
N ASN A 572 -19.92 41.98 34.69
CA ASN A 572 -18.94 41.35 33.83
C ASN A 572 -18.83 42.14 32.53
N ILE A 573 -17.61 42.47 32.15
CA ILE A 573 -17.34 43.23 30.93
C ILE A 573 -16.44 42.41 30.04
N LEU A 574 -16.59 42.59 28.73
CA LEU A 574 -15.75 41.92 27.74
C LEU A 574 -15.02 42.95 26.91
N ASP A 575 -13.76 42.65 26.59
CA ASP A 575 -12.95 43.50 25.75
C ASP A 575 -12.02 42.63 24.91
N ALA A 576 -11.33 43.27 23.97
CA ALA A 576 -10.55 42.52 22.99
C ALA A 576 -9.46 41.69 23.64
N GLN A 577 -8.77 42.26 24.63
CA GLN A 577 -7.68 41.53 25.27
C GLN A 577 -8.20 40.32 26.03
N LYS A 578 -9.34 40.44 26.69
CA LYS A 578 -9.87 39.31 27.45
C LYS A 578 -10.77 38.40 26.63
N ALA A 579 -10.94 38.69 25.34
CA ALA A 579 -11.78 37.86 24.48
C ALA A 579 -10.96 37.10 23.45
N PHE A 580 -10.06 37.80 22.76
CA PHE A 580 -9.46 37.22 21.58
C PHE A 580 -8.37 36.21 21.92
N THR A 581 -7.82 36.30 23.13
CA THR A 581 -6.89 35.27 23.58
C THR A 581 -7.62 33.95 23.80
N SER A 582 -8.90 34.03 24.17
CA SER A 582 -9.66 32.81 24.46
C SER A 582 -9.89 31.99 23.20
N ILE A 583 -10.29 32.64 22.11
CA ILE A 583 -10.63 31.91 20.89
C ILE A 583 -9.41 31.17 20.36
N THR A 584 -8.23 31.78 20.50
CA THR A 584 -7.00 31.10 20.11
C THR A 584 -6.78 29.85 20.95
N LEU A 585 -7.12 29.91 22.24
CA LEU A 585 -6.95 28.76 23.11
C LEU A 585 -7.79 27.58 22.66
N PHE A 586 -9.05 27.83 22.27
CA PHE A 586 -9.89 26.73 21.81
C PHE A 586 -9.34 26.09 20.55
N ASN A 587 -8.80 26.89 19.63
CA ASN A 587 -8.14 26.32 18.46
C ASN A 587 -7.02 25.38 18.88
N ILE A 588 -6.27 25.75 19.92
CA ILE A 588 -5.26 24.86 20.46
C ILE A 588 -5.91 23.66 21.14
N LEU A 589 -7.06 23.88 21.78
CA LEU A 589 -7.62 22.87 22.68
C LEU A 589 -8.20 21.68 21.92
N ARG A 590 -8.80 21.92 20.75
CA ARG A 590 -9.59 20.88 20.09
C ARG A 590 -8.75 19.66 19.74
N PHE A 591 -7.61 19.87 19.10
CA PHE A 591 -6.81 18.78 18.54
C PHE A 591 -6.43 17.75 19.60
N PRO A 592 -5.89 18.14 20.76
CA PRO A 592 -5.62 17.14 21.80
C PRO A 592 -6.88 16.50 22.38
N LEU A 593 -8.03 17.15 22.24
CA LEU A 593 -9.26 16.62 22.83
C LEU A 593 -10.15 15.94 21.79
N SER A 594 -10.26 16.51 20.60
CA SER A 594 -11.07 15.91 19.56
C SER A 594 -10.51 14.55 19.13
N MET A 595 -9.21 14.34 19.32
CA MET A 595 -8.59 13.08 18.98
C MET A 595 -8.54 12.10 20.14
N LEU A 596 -8.94 12.52 21.34
CA LEU A 596 -8.84 11.65 22.50
C LEU A 596 -9.57 10.32 22.32
N PRO A 597 -10.80 10.26 21.79
CA PRO A 597 -11.43 8.95 21.57
C PRO A 597 -10.66 8.08 20.58
N MET A 598 -9.90 8.72 19.69
CA MET A 598 -9.29 8.01 18.56
C MET A 598 -8.18 7.06 19.03
N MET A 599 -7.26 7.56 19.88
CA MET A 599 -6.15 6.71 20.31
C MET A 599 -6.62 5.61 21.25
N ILE A 600 -7.64 5.88 22.05
CA ILE A 600 -8.18 4.87 22.96
C ILE A 600 -8.70 3.71 22.13
N SER A 601 -9.40 4.01 21.05
CA SER A 601 -9.82 2.97 20.12
C SER A 601 -8.61 2.28 19.51
N SER A 602 -7.60 3.06 19.13
CA SER A 602 -6.39 2.54 18.52
C SER A 602 -5.65 1.62 19.48
N MET A 603 -5.56 2.01 20.75
CA MET A 603 -4.87 1.18 21.73
C MET A 603 -5.57 -0.16 21.89
N LEU A 604 -6.91 -0.15 21.98
CA LEU A 604 -7.66 -1.39 21.97
C LEU A 604 -7.52 -2.10 20.64
N GLN A 605 -7.47 -1.33 19.54
CA GLN A 605 -7.28 -1.92 18.23
C GLN A 605 -5.93 -2.63 18.14
N ALA A 606 -4.90 -2.02 18.73
CA ALA A 606 -3.57 -2.64 18.74
C ALA A 606 -3.52 -3.82 19.71
N SER A 607 -4.40 -3.81 20.70
CA SER A 607 -4.37 -4.85 21.74
C SER A 607 -4.62 -6.23 21.17
N VAL A 608 -5.60 -6.36 20.28
CA VAL A 608 -5.85 -7.65 19.64
C VAL A 608 -4.72 -8.00 18.69
N SER A 609 -4.20 -7.01 17.95
CA SER A 609 -3.14 -7.27 16.99
C SER A 609 -1.87 -7.72 17.69
N THR A 610 -1.50 -7.07 18.79
CA THR A 610 -0.24 -7.41 19.45
C THR A 610 -0.30 -8.82 20.03
N GLU A 611 -1.46 -9.24 20.53
CA GLU A 611 -1.58 -10.57 21.11
C GLU A 611 -1.35 -11.65 20.07
N ARG A 612 -1.83 -11.44 18.85
CA ARG A 612 -1.62 -12.42 17.78
C ARG A 612 -0.13 -12.60 17.50
N LEU A 613 0.64 -11.52 17.57
CA LEU A 613 2.09 -11.63 17.39
C LEU A 613 2.71 -12.48 18.48
N GLU A 614 2.27 -12.29 19.73
CA GLU A 614 2.83 -13.05 20.85
C GLU A 614 2.62 -14.55 20.69
N LYS A 615 1.40 -14.97 20.33
CA LYS A 615 1.13 -16.39 20.13
C LYS A 615 1.95 -16.97 18.98
N TYR A 616 2.32 -16.15 18.00
CA TYR A 616 3.13 -16.63 16.88
C TYR A 616 4.61 -16.64 17.25
N LEU A 617 5.16 -15.47 17.59
CA LEU A 617 6.59 -15.40 17.91
C LEU A 617 6.89 -16.20 19.18
N GLY A 618 5.99 -16.17 20.16
CA GLY A 618 6.21 -16.93 21.37
C GLY A 618 5.97 -18.42 21.21
N GLY A 619 5.46 -18.84 20.05
CA GLY A 619 5.26 -20.26 19.82
C GLY A 619 6.57 -21.02 19.79
N ASP A 620 6.48 -22.32 20.04
CA ASP A 620 7.66 -23.16 20.11
C ASP A 620 8.22 -23.39 18.70
N ASP A 621 9.42 -23.96 18.65
CA ASP A 621 10.09 -24.30 17.40
C ASP A 621 10.05 -25.82 17.19
N LEU A 622 10.37 -26.23 15.97
CA LEU A 622 10.38 -27.65 15.65
C LEU A 622 11.53 -28.34 16.40
N ASP A 623 11.28 -29.55 16.87
CA ASP A 623 12.27 -30.32 17.62
C ASP A 623 13.05 -31.17 16.63
N THR A 624 14.32 -30.85 16.44
CA THR A 624 15.20 -31.60 15.54
C THR A 624 16.11 -32.57 16.29
N SER A 625 15.88 -32.76 17.59
CA SER A 625 16.72 -33.66 18.37
C SER A 625 16.63 -35.10 17.88
N ALA A 626 15.47 -35.52 17.37
CA ALA A 626 15.33 -36.87 16.84
C ALA A 626 16.22 -37.11 15.63
N ILE A 627 16.43 -36.09 14.80
CA ILE A 627 17.27 -36.19 13.62
C ILE A 627 18.71 -36.06 14.07
N ARG A 628 19.53 -37.08 13.78
CA ARG A 628 20.94 -37.07 14.11
C ARG A 628 21.75 -37.04 12.82
N HIS A 629 22.64 -36.06 12.71
CA HIS A 629 23.48 -35.90 11.52
C HIS A 629 24.88 -36.40 11.85
N ASP A 630 25.28 -37.50 11.23
CA ASP A 630 26.58 -38.11 11.44
C ASP A 630 27.40 -37.95 10.18
N CYS A 631 28.73 -37.95 10.33
CA CYS A 631 29.63 -37.88 9.19
C CYS A 631 30.44 -39.15 8.98
N ASN A 632 30.31 -40.13 9.89
CA ASN A 632 31.05 -41.37 9.80
C ASN A 632 30.16 -42.60 9.85
N PHE A 633 28.86 -42.45 9.60
CA PHE A 633 27.93 -43.57 9.69
C PHE A 633 28.03 -44.43 8.44
N ASP A 634 28.03 -45.75 8.65
CA ASP A 634 28.26 -46.68 7.54
C ASP A 634 27.16 -46.67 6.50
N LYS A 635 25.95 -46.25 6.85
CA LYS A 635 24.83 -46.24 5.93
C LYS A 635 24.42 -44.82 5.60
N ALA A 636 23.68 -44.67 4.49
CA ALA A 636 23.12 -43.37 4.14
C ALA A 636 22.10 -42.91 5.16
N MET A 637 21.23 -43.81 5.61
CA MET A 637 20.24 -43.49 6.62
C MET A 637 19.84 -44.78 7.32
N GLN A 638 19.21 -44.64 8.50
CA GLN A 638 18.81 -45.79 9.29
C GLN A 638 17.71 -45.40 10.26
N PHE A 639 16.74 -46.28 10.44
CA PHE A 639 15.70 -46.12 11.45
C PHE A 639 16.13 -46.84 12.73
N SER A 640 15.77 -46.29 13.87
CA SER A 640 16.00 -46.92 15.16
C SER A 640 14.69 -46.89 15.94
N GLU A 641 13.85 -47.89 15.67
CA GLU A 641 12.53 -48.05 16.31
C GLU A 641 11.83 -46.71 16.52
N ALA A 642 11.79 -45.89 15.47
CA ALA A 642 11.23 -44.55 15.56
C ALA A 642 9.72 -44.60 15.35
N SER A 643 8.98 -44.06 16.31
CA SER A 643 7.54 -43.95 16.23
C SER A 643 7.15 -42.48 16.26
N PHE A 644 6.44 -42.03 15.23
CA PHE A 644 6.16 -40.62 15.03
C PHE A 644 4.66 -40.38 14.92
N THR A 645 4.19 -39.30 15.55
CA THR A 645 2.80 -38.90 15.50
C THR A 645 2.70 -37.41 15.17
N TRP A 646 1.67 -37.07 14.39
CA TRP A 646 1.41 -35.68 14.06
C TRP A 646 1.08 -34.84 15.29
N GLU A 647 0.25 -35.38 16.19
CA GLU A 647 -0.11 -34.69 17.42
C GLU A 647 0.22 -35.58 18.61
N HIS A 648 0.74 -34.97 19.68
CA HIS A 648 1.16 -35.74 20.84
C HIS A 648 -0.01 -36.50 21.47
N ASP A 649 -1.22 -35.95 21.37
CA ASP A 649 -2.41 -36.62 21.88
C ASP A 649 -3.02 -37.58 20.87
N SER A 650 -2.51 -37.62 19.65
CA SER A 650 -3.01 -38.51 18.62
C SER A 650 -2.11 -39.74 18.52
N GLU A 651 -2.57 -40.73 17.76
CA GLU A 651 -1.82 -41.97 17.58
C GLU A 651 -0.67 -41.77 16.61
N ALA A 652 0.29 -42.69 16.65
CA ALA A 652 1.49 -42.57 15.83
C ALA A 652 1.21 -42.98 14.39
N THR A 653 1.44 -42.04 13.47
CA THR A 653 1.33 -42.35 12.05
C THR A 653 2.37 -43.37 11.62
N VAL A 654 3.60 -43.25 12.10
CA VAL A 654 4.67 -44.21 11.85
C VAL A 654 4.96 -44.93 13.16
N ARG A 655 4.96 -46.25 13.12
CA ARG A 655 5.10 -47.06 14.32
C ARG A 655 6.30 -47.99 14.19
N ASP A 656 7.27 -47.84 15.10
CA ASP A 656 8.41 -48.75 15.31
C ASP A 656 8.95 -49.33 14.01
N VAL A 657 9.07 -48.48 12.99
CA VAL A 657 9.60 -48.88 11.70
C VAL A 657 11.13 -48.86 11.76
N ASN A 658 11.76 -49.88 11.19
CA ASN A 658 13.21 -50.03 11.21
C ASN A 658 13.71 -50.38 9.80
N LEU A 659 14.46 -49.46 9.19
CA LEU A 659 15.10 -49.69 7.90
C LEU A 659 16.58 -49.38 7.99
N ASP A 660 17.32 -49.76 6.94
CA ASP A 660 18.74 -49.51 6.83
C ASP A 660 19.13 -49.56 5.36
N ILE A 661 19.58 -48.42 4.83
CA ILE A 661 19.84 -48.26 3.40
C ILE A 661 21.31 -47.95 3.21
N MET A 662 21.97 -48.70 2.32
CA MET A 662 23.37 -48.46 2.01
C MET A 662 23.53 -47.17 1.20
N ALA A 663 24.78 -46.76 1.04
CA ALA A 663 25.07 -45.55 0.29
C ALA A 663 25.09 -45.85 -1.22
N GLY A 664 24.42 -44.98 -1.98
CA GLY A 664 24.36 -45.15 -3.42
C GLY A 664 23.33 -46.15 -3.91
N GLN A 665 22.60 -46.79 -3.00
CA GLN A 665 21.60 -47.79 -3.39
C GLN A 665 20.39 -47.13 -4.02
N LEU A 666 19.60 -47.94 -4.70
CA LEU A 666 18.31 -47.54 -5.24
C LEU A 666 17.23 -48.35 -4.54
N VAL A 667 16.39 -47.66 -3.76
CA VAL A 667 15.40 -48.31 -2.91
C VAL A 667 14.01 -47.80 -3.28
N ALA A 668 13.04 -48.71 -3.30
CA ALA A 668 11.66 -48.37 -3.59
C ALA A 668 10.78 -48.61 -2.37
N VAL A 669 9.95 -47.63 -2.03
CA VAL A 669 9.02 -47.73 -0.94
C VAL A 669 7.61 -47.57 -1.51
N ILE A 670 6.74 -48.54 -1.22
CA ILE A 670 5.40 -48.58 -1.76
C ILE A 670 4.42 -48.91 -0.64
N GLY A 671 3.13 -48.78 -0.98
CA GLY A 671 2.07 -49.08 -0.05
C GLY A 671 0.74 -48.52 -0.53
N PRO A 672 -0.34 -48.89 0.17
CA PRO A 672 -1.65 -48.36 -0.20
C PRO A 672 -1.73 -46.85 0.07
N VAL A 673 -2.65 -46.20 -0.63
CA VAL A 673 -2.82 -44.75 -0.48
C VAL A 673 -3.24 -44.45 0.94
N GLY A 674 -2.55 -43.50 1.58
CA GLY A 674 -2.84 -43.14 2.95
C GLY A 674 -2.21 -44.03 4.00
N SER A 675 -1.39 -45.01 3.60
CA SER A 675 -0.72 -45.87 4.56
C SER A 675 0.41 -45.16 5.29
N GLY A 676 0.78 -43.96 4.88
CA GLY A 676 1.86 -43.23 5.48
C GLY A 676 3.11 -43.07 4.63
N LYS A 677 3.01 -43.33 3.33
CA LYS A 677 4.17 -43.19 2.45
C LYS A 677 4.69 -41.76 2.46
N SER A 678 3.79 -40.79 2.27
CA SER A 678 4.20 -39.39 2.29
C SER A 678 4.61 -38.96 3.69
N SER A 679 4.21 -39.71 4.72
CA SER A 679 4.59 -39.34 6.08
C SER A 679 6.02 -39.75 6.41
N LEU A 680 6.48 -40.88 5.85
CA LEU A 680 7.81 -41.38 6.18
C LEU A 680 8.89 -40.40 5.71
N ILE A 681 8.70 -39.82 4.52
CA ILE A 681 9.66 -38.85 4.00
C ILE A 681 9.68 -37.59 4.86
N SER A 682 8.54 -37.22 5.43
CA SER A 682 8.50 -36.07 6.33
C SER A 682 9.39 -36.29 7.54
N ALA A 683 9.55 -37.55 7.96
CA ALA A 683 10.45 -37.85 9.06
C ALA A 683 11.89 -37.48 8.71
N MET A 684 12.29 -37.74 7.47
CA MET A 684 13.64 -37.36 7.03
C MET A 684 13.82 -35.85 7.11
N LEU A 685 12.79 -35.09 6.79
CA LEU A 685 12.90 -33.64 6.76
C LEU A 685 12.95 -33.03 8.16
N GLY A 686 12.65 -33.80 9.20
CA GLY A 686 12.64 -33.26 10.54
C GLY A 686 11.36 -32.55 10.91
N GLU A 687 10.36 -32.54 10.03
CA GLU A 687 9.08 -31.90 10.31
C GLU A 687 8.12 -32.84 11.04
N MET A 688 8.54 -34.05 11.36
CA MET A 688 7.65 -35.06 11.92
C MET A 688 8.01 -35.30 13.38
N GLU A 689 7.02 -35.14 14.25
CA GLU A 689 7.26 -35.17 15.69
C GLU A 689 7.68 -36.56 16.15
N ASN A 690 8.53 -36.61 17.17
CA ASN A 690 9.06 -37.88 17.66
C ASN A 690 8.40 -38.27 18.98
N VAL A 691 8.06 -39.55 19.08
CA VAL A 691 7.67 -40.14 20.36
C VAL A 691 8.85 -40.87 20.99
N HIS A 692 9.49 -41.77 20.26
CA HIS A 692 10.70 -42.43 20.71
C HIS A 692 11.49 -42.88 19.50
N GLY A 693 12.77 -43.14 19.71
CA GLY A 693 13.67 -43.53 18.64
C GLY A 693 14.43 -42.36 18.08
N HIS A 694 15.33 -42.68 17.15
CA HIS A 694 16.17 -41.67 16.51
C HIS A 694 16.51 -42.12 15.10
N ILE A 695 16.96 -41.17 14.29
CA ILE A 695 17.32 -41.41 12.90
C ILE A 695 18.69 -40.78 12.63
N THR A 696 19.54 -41.52 11.94
CA THR A 696 20.87 -41.07 11.55
C THR A 696 20.92 -40.85 10.05
N ILE A 697 21.31 -39.65 9.63
CA ILE A 697 21.37 -39.28 8.23
C ILE A 697 22.73 -38.64 7.95
N LYS A 698 23.29 -38.94 6.78
CA LYS A 698 24.59 -38.41 6.37
C LYS A 698 24.43 -37.46 5.20
N GLY A 699 25.17 -36.36 5.23
CA GLY A 699 25.32 -35.49 4.08
C GLY A 699 24.07 -34.68 3.79
N THR A 700 24.18 -33.91 2.71
CA THR A 700 23.07 -33.10 2.22
C THR A 700 21.98 -34.00 1.65
N THR A 701 20.73 -33.53 1.75
CA THR A 701 19.58 -34.27 1.27
C THR A 701 18.80 -33.42 0.28
N ALA A 702 18.33 -34.05 -0.80
CA ALA A 702 17.49 -33.40 -1.79
C ALA A 702 16.08 -34.00 -1.71
N TYR A 703 15.08 -33.13 -1.82
CA TYR A 703 13.70 -33.50 -1.57
C TYR A 703 12.80 -32.95 -2.66
N VAL A 704 11.82 -33.76 -3.07
CA VAL A 704 10.76 -33.30 -3.96
C VAL A 704 9.42 -33.67 -3.34
N PRO A 705 8.51 -32.72 -3.16
CA PRO A 705 7.24 -33.02 -2.49
C PRO A 705 6.24 -33.67 -3.43
N GLN A 706 5.18 -34.20 -2.83
CA GLN A 706 4.08 -34.76 -3.61
C GLN A 706 3.42 -33.71 -4.48
N GLN A 707 3.16 -32.54 -3.91
CA GLN A 707 2.67 -31.39 -4.67
C GLN A 707 3.85 -30.46 -4.93
N SER A 708 4.15 -30.22 -6.21
CA SER A 708 5.34 -29.47 -6.57
C SER A 708 5.22 -28.03 -6.10
N TRP A 709 6.28 -27.54 -5.47
CA TRP A 709 6.36 -26.13 -5.05
C TRP A 709 7.36 -25.43 -5.94
N ILE A 710 6.94 -24.31 -6.53
CA ILE A 710 7.75 -23.59 -7.50
C ILE A 710 7.85 -22.14 -7.03
N GLN A 711 8.94 -21.47 -7.39
CA GLN A 711 9.09 -20.07 -7.04
C GLN A 711 8.69 -19.19 -8.22
N ASN A 712 8.80 -17.87 -8.01
CA ASN A 712 8.49 -16.91 -9.05
C ASN A 712 9.77 -16.43 -9.72
N GLY A 713 9.78 -16.42 -11.04
CA GLY A 713 10.96 -16.03 -11.78
C GLY A 713 11.00 -16.74 -13.12
N THR A 714 12.19 -17.20 -13.49
CA THR A 714 12.33 -17.97 -14.72
C THR A 714 12.60 -19.43 -14.39
N ILE A 715 12.41 -20.28 -15.41
CA ILE A 715 12.74 -21.70 -15.26
C ILE A 715 14.21 -21.86 -14.94
N LYS A 716 15.06 -21.06 -15.58
CA LYS A 716 16.49 -21.09 -15.29
C LYS A 716 16.76 -20.72 -13.84
N ASP A 717 16.06 -19.71 -13.33
CA ASP A 717 16.27 -19.29 -11.94
C ASP A 717 15.84 -20.37 -10.96
N ASN A 718 14.70 -21.01 -11.22
CA ASN A 718 14.17 -21.98 -10.27
C ASN A 718 15.06 -23.21 -10.16
N ILE A 719 15.49 -23.77 -11.30
CA ILE A 719 16.39 -24.92 -11.26
C ILE A 719 17.73 -24.51 -10.67
N LEU A 720 18.17 -23.29 -10.93
CA LEU A 720 19.46 -22.82 -10.41
C LEU A 720 19.41 -22.64 -8.90
N PHE A 721 18.30 -22.13 -8.37
CA PHE A 721 18.06 -22.04 -6.93
C PHE A 721 19.15 -21.25 -6.23
N GLY A 722 19.65 -20.20 -6.89
CA GLY A 722 20.64 -19.34 -6.27
C GLY A 722 22.04 -19.89 -6.27
N THR A 723 22.27 -21.00 -6.96
CA THR A 723 23.60 -21.58 -7.07
C THR A 723 24.38 -20.92 -8.20
N GLU A 724 25.45 -21.59 -8.65
CA GLU A 724 26.24 -21.09 -9.76
C GLU A 724 25.85 -21.80 -11.06
N PHE A 725 25.70 -21.02 -12.12
CA PHE A 725 25.31 -21.54 -13.42
C PHE A 725 26.48 -22.27 -14.07
N ASN A 726 26.29 -23.53 -14.41
CA ASN A 726 27.26 -24.33 -15.15
C ASN A 726 26.54 -24.86 -16.39
N GLU A 727 26.91 -24.33 -17.56
CA GLU A 727 26.14 -24.60 -18.76
C GLU A 727 26.18 -26.08 -19.14
N LYS A 728 27.35 -26.71 -19.03
CA LYS A 728 27.46 -28.11 -19.44
C LYS A 728 26.56 -29.00 -18.58
N ARG A 729 26.49 -28.73 -17.28
CA ARG A 729 25.54 -29.43 -16.43
C ARG A 729 24.12 -28.96 -16.70
N TYR A 730 23.95 -27.67 -17.01
CA TYR A 730 22.63 -27.12 -17.26
C TYR A 730 21.99 -27.77 -18.48
N GLN A 731 22.77 -27.96 -19.55
CA GLN A 731 22.22 -28.62 -20.73
C GLN A 731 22.01 -30.11 -20.47
N GLN A 732 22.90 -30.73 -19.70
CA GLN A 732 22.78 -32.16 -19.43
C GLN A 732 21.52 -32.45 -18.61
N VAL A 733 21.22 -31.64 -17.61
CA VAL A 733 20.08 -31.90 -16.75
C VAL A 733 18.77 -31.72 -17.52
N LEU A 734 18.72 -30.73 -18.42
CA LEU A 734 17.52 -30.51 -19.21
C LEU A 734 17.23 -31.71 -20.11
N GLU A 735 18.27 -32.23 -20.77
CA GLU A 735 18.09 -33.42 -21.60
C GLU A 735 17.74 -34.63 -20.74
N ALA A 736 18.40 -34.77 -19.59
CA ALA A 736 18.14 -35.92 -18.72
C ALA A 736 16.74 -35.88 -18.14
N CYS A 737 16.21 -34.69 -17.89
CA CYS A 737 14.83 -34.55 -17.41
C CYS A 737 13.83 -34.26 -18.52
N ALA A 738 14.27 -34.31 -19.78
CA ALA A 738 13.40 -34.14 -20.93
C ALA A 738 12.65 -32.81 -20.89
N LEU A 739 13.33 -31.78 -20.41
CA LEU A 739 12.78 -30.43 -20.43
C LEU A 739 12.98 -29.73 -21.76
N LEU A 740 13.80 -30.29 -22.65
CA LEU A 740 14.04 -29.66 -23.95
C LEU A 740 12.78 -29.51 -24.79
N PRO A 741 11.94 -30.55 -24.97
CA PRO A 741 10.73 -30.35 -25.80
C PRO A 741 9.77 -29.33 -25.23
N ASP A 742 9.81 -29.11 -23.92
CA ASP A 742 8.83 -28.23 -23.29
C ASP A 742 9.29 -26.78 -23.31
N LEU A 743 10.59 -26.54 -23.09
CA LEU A 743 11.09 -25.18 -23.18
C LEU A 743 10.98 -24.64 -24.60
N GLU A 744 11.09 -25.52 -25.59
CA GLU A 744 10.87 -25.10 -26.98
C GLU A 744 9.43 -24.65 -27.18
N MET A 745 8.48 -25.34 -26.57
CA MET A 745 7.08 -24.91 -26.61
C MET A 745 6.88 -23.57 -25.92
N LEU A 746 7.54 -23.34 -24.80
CA LEU A 746 7.41 -22.08 -24.08
C LEU A 746 8.02 -20.95 -24.90
N PRO A 747 7.30 -19.84 -25.09
CA PRO A 747 7.82 -18.75 -25.93
C PRO A 747 9.12 -18.14 -25.43
N GLY A 748 9.30 -18.01 -24.12
CA GLY A 748 10.50 -17.39 -23.59
C GLY A 748 11.61 -18.36 -23.28
N GLY A 749 11.39 -19.64 -23.59
CA GLY A 749 12.39 -20.64 -23.29
C GLY A 749 12.64 -20.77 -21.82
N ASP A 750 13.90 -21.01 -21.45
CA ASP A 750 14.25 -21.11 -20.04
C ASP A 750 14.09 -19.77 -19.32
N LEU A 751 14.27 -18.67 -20.04
CA LEU A 751 14.14 -17.35 -19.45
C LEU A 751 12.70 -16.88 -19.33
N ALA A 752 11.73 -17.69 -19.78
CA ALA A 752 10.33 -17.32 -19.65
C ALA A 752 9.94 -17.16 -18.20
N GLU A 753 9.19 -16.10 -17.90
CA GLU A 753 8.73 -15.84 -16.54
C GLU A 753 7.64 -16.85 -16.18
N ILE A 754 7.79 -17.48 -15.03
CA ILE A 754 6.79 -18.43 -14.55
C ILE A 754 5.78 -17.67 -13.69
N GLY A 755 4.50 -17.95 -13.89
CA GLY A 755 3.47 -17.29 -13.12
C GLY A 755 3.45 -17.76 -11.68
N GLU A 756 2.67 -17.05 -10.87
CA GLU A 756 2.52 -17.42 -9.47
C GLU A 756 1.95 -18.82 -9.35
N LYS A 757 2.63 -19.67 -8.57
CA LYS A 757 2.29 -21.08 -8.40
C LYS A 757 2.34 -21.84 -9.71
N GLY A 758 3.03 -21.29 -10.71
CA GLY A 758 3.16 -21.96 -12.00
C GLY A 758 1.88 -22.12 -12.79
N ILE A 759 0.99 -21.13 -12.71
CA ILE A 759 -0.28 -21.20 -13.44
C ILE A 759 0.00 -21.19 -14.93
N ASN A 760 1.15 -20.64 -15.34
CA ASN A 760 1.59 -20.68 -16.72
C ASN A 760 2.08 -22.05 -17.14
N LEU A 761 2.19 -23.00 -16.22
CA LEU A 761 2.83 -24.28 -16.48
C LEU A 761 1.87 -25.41 -16.09
N SER A 762 1.97 -26.53 -16.82
CA SER A 762 1.12 -27.67 -16.53
C SER A 762 1.58 -28.39 -15.26
N GLY A 763 0.66 -29.13 -14.66
CA GLY A 763 0.98 -29.85 -13.43
C GLY A 763 2.04 -30.91 -13.64
N GLY A 764 1.97 -31.63 -14.77
CA GLY A 764 2.97 -32.65 -15.05
C GLY A 764 4.36 -32.07 -15.19
N GLN A 765 4.47 -30.92 -15.86
CA GLN A 765 5.78 -30.28 -16.00
C GLN A 765 6.36 -29.89 -14.65
N LYS A 766 5.53 -29.31 -13.77
CA LYS A 766 6.03 -28.78 -12.50
C LYS A 766 6.82 -29.85 -11.75
N GLN A 767 6.40 -31.10 -11.86
CA GLN A 767 7.13 -32.20 -11.22
C GLN A 767 8.49 -32.39 -11.87
N ARG A 768 8.57 -32.21 -13.19
CA ARG A 768 9.83 -32.40 -13.89
C ARG A 768 10.85 -31.32 -13.52
N ILE A 769 10.44 -30.05 -13.53
CA ILE A 769 11.35 -28.98 -13.11
C ILE A 769 11.74 -29.16 -11.65
N SER A 770 10.78 -29.52 -10.79
CA SER A 770 11.10 -29.73 -9.38
C SER A 770 12.14 -30.82 -9.21
N LEU A 771 11.99 -31.94 -9.93
CA LEU A 771 13.02 -32.96 -9.94
C LEU A 771 14.30 -32.44 -10.57
N ALA A 772 14.18 -31.69 -11.66
CA ALA A 772 15.36 -31.13 -12.32
C ALA A 772 16.10 -30.17 -11.39
N ARG A 773 15.37 -29.46 -10.54
CA ARG A 773 16.01 -28.60 -9.56
C ARG A 773 16.85 -29.40 -8.58
N ALA A 774 16.34 -30.55 -8.14
CA ALA A 774 17.06 -31.38 -7.19
C ALA A 774 18.34 -31.94 -7.81
N THR A 775 18.27 -32.34 -9.08
CA THR A 775 19.42 -32.95 -9.72
C THR A 775 20.58 -31.97 -9.84
N TYR A 776 20.28 -30.70 -10.14
CA TYR A 776 21.33 -29.70 -10.34
C TYR A 776 22.13 -29.45 -9.07
N GLN A 777 21.56 -29.76 -7.90
CA GLN A 777 22.22 -29.44 -6.64
C GLN A 777 23.31 -30.43 -6.29
N ASN A 778 23.35 -31.59 -6.95
CA ASN A 778 24.40 -32.59 -6.74
C ASN A 778 24.55 -32.99 -5.26
N LEU A 779 23.42 -33.19 -4.58
CA LEU A 779 23.47 -33.50 -3.16
C LEU A 779 23.75 -34.99 -2.96
N ASP A 780 23.67 -35.42 -1.70
CA ASP A 780 23.99 -36.81 -1.35
C ASP A 780 22.75 -37.69 -1.29
N ILE A 781 21.72 -37.27 -0.56
CA ILE A 781 20.51 -38.05 -0.36
C ILE A 781 19.40 -37.45 -1.21
N TYR A 782 18.68 -38.30 -1.95
CA TYR A 782 17.60 -37.86 -2.80
C TYR A 782 16.33 -38.59 -2.41
N LEU A 783 15.27 -37.83 -2.10
CA LEU A 783 13.98 -38.38 -1.75
C LEU A 783 13.00 -38.06 -2.88
N LEU A 784 12.43 -39.09 -3.48
CA LEU A 784 11.60 -38.95 -4.67
C LEU A 784 10.19 -39.41 -4.32
N ASP A 785 9.38 -38.50 -3.80
CA ASP A 785 8.01 -38.82 -3.39
C ASP A 785 7.09 -38.70 -4.61
N ASP A 786 6.85 -39.84 -5.26
CA ASP A 786 6.02 -39.91 -6.45
C ASP A 786 6.44 -38.91 -7.52
N PRO A 787 7.62 -39.08 -8.14
CA PRO A 787 8.10 -38.09 -9.11
C PRO A 787 7.64 -38.34 -10.53
N LEU A 788 6.82 -39.36 -10.79
CA LEU A 788 6.55 -39.80 -12.14
C LEU A 788 5.09 -40.11 -12.42
N SER A 789 4.18 -39.79 -11.50
CA SER A 789 2.77 -40.05 -11.75
C SER A 789 2.19 -39.07 -12.77
N ALA A 790 2.59 -37.81 -12.70
CA ALA A 790 2.03 -36.76 -13.55
C ALA A 790 2.70 -36.67 -14.91
N VAL A 791 3.70 -37.51 -15.18
CA VAL A 791 4.39 -37.53 -16.46
C VAL A 791 3.90 -38.71 -17.27
N ASP A 792 4.23 -38.70 -18.57
CA ASP A 792 3.82 -39.79 -19.44
C ASP A 792 4.66 -41.03 -19.19
N ALA A 793 4.13 -42.19 -19.59
CA ALA A 793 4.84 -43.45 -19.40
C ALA A 793 6.15 -43.46 -20.17
N HIS A 794 6.13 -43.01 -21.43
CA HIS A 794 7.37 -42.92 -22.19
C HIS A 794 8.33 -41.91 -21.57
N VAL A 795 7.80 -40.77 -21.14
CA VAL A 795 8.63 -39.79 -20.44
C VAL A 795 9.11 -40.36 -19.12
N GLY A 796 8.23 -41.07 -18.41
CA GLY A 796 8.65 -41.74 -17.19
C GLY A 796 9.76 -42.74 -17.44
N LYS A 797 9.69 -43.45 -18.58
CA LYS A 797 10.79 -44.31 -18.98
C LYS A 797 12.06 -43.50 -19.24
N HIS A 798 11.90 -42.33 -19.86
CA HIS A 798 13.06 -41.50 -20.18
C HIS A 798 13.70 -40.94 -18.92
N ILE A 799 12.90 -40.35 -18.03
CA ILE A 799 13.46 -39.73 -16.83
C ILE A 799 14.11 -40.78 -15.94
N PHE A 800 13.49 -41.96 -15.83
CA PHE A 800 14.09 -43.02 -15.02
C PHE A 800 15.44 -43.45 -15.59
N ASN A 801 15.49 -43.74 -16.89
CA ASN A 801 16.72 -44.21 -17.50
C ASN A 801 17.80 -43.13 -17.46
N LYS A 802 17.43 -41.88 -17.76
CA LYS A 802 18.41 -40.81 -17.88
C LYS A 802 18.81 -40.21 -16.54
N VAL A 803 18.02 -40.41 -15.48
CA VAL A 803 18.34 -39.82 -14.19
C VAL A 803 18.35 -40.88 -13.09
N LEU A 804 17.24 -41.62 -12.96
CA LEU A 804 17.01 -42.44 -11.79
C LEU A 804 17.53 -43.87 -11.94
N GLY A 805 17.54 -44.41 -13.14
CA GLY A 805 17.88 -45.80 -13.34
C GLY A 805 19.36 -46.06 -13.22
N PRO A 806 19.75 -47.31 -13.50
CA PRO A 806 21.18 -47.66 -13.40
C PRO A 806 22.04 -46.98 -14.44
N ASN A 807 21.45 -46.25 -15.37
CA ASN A 807 22.18 -45.48 -16.36
C ASN A 807 21.94 -43.98 -16.22
N GLY A 808 21.35 -43.53 -15.12
CA GLY A 808 21.01 -42.15 -14.96
C GLY A 808 22.17 -41.30 -14.46
N LEU A 809 21.90 -39.99 -14.35
CA LEU A 809 22.91 -39.07 -13.86
C LEU A 809 23.23 -39.32 -12.40
N LEU A 810 22.30 -39.90 -11.65
CA LEU A 810 22.45 -40.13 -10.23
C LEU A 810 22.86 -41.56 -9.89
N LYS A 811 23.70 -42.18 -10.72
CA LYS A 811 24.12 -43.55 -10.45
C LYS A 811 24.85 -43.68 -9.11
N GLY A 812 25.76 -42.75 -8.84
CA GLY A 812 26.57 -42.80 -7.62
C GLY A 812 25.94 -42.21 -6.39
N LYS A 813 24.71 -41.73 -6.47
CA LYS A 813 24.04 -41.09 -5.35
C LYS A 813 22.95 -41.99 -4.79
N THR A 814 22.77 -41.92 -3.48
CA THR A 814 21.70 -42.67 -2.83
C THR A 814 20.35 -42.10 -3.25
N ARG A 815 19.47 -42.97 -3.75
CA ARG A 815 18.18 -42.57 -4.28
C ARG A 815 17.09 -43.35 -3.57
N LEU A 816 16.15 -42.64 -2.95
CA LEU A 816 14.97 -43.24 -2.35
C LEU A 816 13.76 -42.75 -3.12
N LEU A 817 13.10 -43.67 -3.82
CA LEU A 817 11.94 -43.33 -4.64
C LEU A 817 10.71 -43.97 -4.01
N VAL A 818 9.64 -43.19 -3.89
CA VAL A 818 8.34 -43.72 -3.54
C VAL A 818 7.42 -43.51 -4.73
N THR A 819 6.89 -44.59 -5.28
CA THR A 819 6.13 -44.50 -6.52
C THR A 819 4.88 -45.35 -6.43
N HIS A 820 3.89 -44.99 -7.26
CA HIS A 820 2.66 -45.76 -7.37
C HIS A 820 2.69 -46.73 -8.54
N SER A 821 3.50 -46.45 -9.57
CA SER A 821 3.62 -47.34 -10.71
C SER A 821 4.41 -48.59 -10.30
N MET A 822 4.34 -49.63 -11.14
CA MET A 822 4.98 -50.89 -10.79
C MET A 822 6.07 -51.30 -11.77
N HIS A 823 6.06 -50.78 -13.00
CA HIS A 823 6.97 -51.26 -14.02
C HIS A 823 8.43 -50.94 -13.69
N PHE A 824 8.68 -49.90 -12.90
CA PHE A 824 10.06 -49.54 -12.57
C PHE A 824 10.65 -50.36 -11.44
N LEU A 825 9.82 -51.05 -10.66
CA LEU A 825 10.35 -51.84 -9.55
C LEU A 825 11.36 -52.92 -9.94
N PRO A 826 11.20 -53.68 -11.03
CA PRO A 826 12.24 -54.66 -11.39
C PRO A 826 13.62 -54.05 -11.59
N GLN A 827 13.69 -52.76 -11.95
CA GLN A 827 14.97 -52.07 -12.10
C GLN A 827 15.50 -51.49 -10.80
N VAL A 828 14.75 -51.62 -9.71
CA VAL A 828 15.16 -51.10 -8.41
C VAL A 828 15.96 -52.17 -7.67
N ASP A 829 17.01 -51.75 -6.97
CA ASP A 829 17.85 -52.69 -6.25
C ASP A 829 17.07 -53.41 -5.16
N GLU A 830 16.25 -52.69 -4.40
CA GLU A 830 15.52 -53.26 -3.29
C GLU A 830 14.18 -52.54 -3.14
N ILE A 831 13.15 -53.30 -2.76
CA ILE A 831 11.79 -52.80 -2.67
C ILE A 831 11.28 -53.00 -1.25
N VAL A 832 10.73 -51.94 -0.67
CA VAL A 832 10.14 -51.97 0.66
C VAL A 832 8.65 -51.66 0.52
N VAL A 833 7.81 -52.44 1.19
CA VAL A 833 6.37 -52.25 1.16
C VAL A 833 5.92 -51.76 2.53
N LEU A 834 5.15 -50.67 2.56
CA LEU A 834 4.67 -50.07 3.79
C LEU A 834 3.20 -50.40 3.97
N GLY A 835 2.85 -50.92 5.14
CA GLY A 835 1.47 -51.27 5.43
C GLY A 835 0.99 -50.81 6.79
N ASN A 836 -0.04 -49.97 6.81
CA ASN A 836 -0.64 -49.47 8.05
C ASN A 836 0.40 -48.79 8.94
N GLY A 837 1.30 -48.03 8.32
CA GLY A 837 2.36 -47.36 9.06
C GLY A 837 3.51 -48.26 9.46
N THR A 838 3.53 -49.51 9.00
CA THR A 838 4.60 -50.44 9.31
C THR A 838 5.04 -51.16 8.04
N ILE A 839 6.28 -51.61 8.03
CA ILE A 839 6.84 -52.30 6.87
C ILE A 839 6.42 -53.77 6.93
N VAL A 840 5.91 -54.29 5.81
CA VAL A 840 5.45 -55.67 5.77
C VAL A 840 6.53 -56.57 5.19
N GLU A 841 7.05 -56.23 4.01
CA GLU A 841 8.07 -57.04 3.35
C GLU A 841 9.12 -56.13 2.74
N LYS A 842 10.34 -56.64 2.63
CA LYS A 842 11.43 -55.91 2.01
C LYS A 842 12.33 -56.90 1.28
N GLY A 843 13.06 -56.40 0.29
CA GLY A 843 13.96 -57.23 -0.46
C GLY A 843 13.96 -56.84 -1.92
N SER A 844 14.62 -57.68 -2.72
CA SER A 844 14.70 -57.46 -4.15
C SER A 844 13.37 -57.82 -4.82
N TYR A 845 13.23 -57.40 -6.08
CA TYR A 845 12.01 -57.67 -6.82
C TYR A 845 11.78 -59.17 -7.00
N SER A 846 12.85 -59.90 -7.32
CA SER A 846 12.72 -61.35 -7.48
C SER A 846 12.42 -62.03 -6.16
N ALA A 847 13.07 -61.60 -5.08
CA ALA A 847 12.86 -62.22 -3.78
C ALA A 847 11.43 -62.00 -3.28
N LEU A 848 10.92 -60.78 -3.44
CA LEU A 848 9.55 -60.50 -3.00
C LEU A 848 8.54 -61.28 -3.83
N LEU A 849 8.78 -61.38 -5.15
CA LEU A 849 7.90 -62.20 -5.99
C LEU A 849 7.96 -63.66 -5.60
N ALA A 850 9.16 -64.17 -5.29
CA ALA A 850 9.30 -65.56 -4.88
C ALA A 850 8.64 -65.82 -3.53
N LYS A 851 8.61 -64.81 -2.66
CA LYS A 851 8.01 -64.98 -1.34
C LYS A 851 6.50 -65.20 -1.41
N LYS A 852 5.86 -64.85 -2.53
CA LYS A 852 4.41 -65.01 -2.70
C LYS A 852 3.64 -64.29 -1.61
N GLY A 853 4.16 -63.16 -1.15
CA GLY A 853 3.54 -62.40 -0.08
C GLY A 853 2.46 -61.47 -0.59
N GLU A 854 2.13 -60.48 0.24
CA GLU A 854 1.11 -59.51 -0.13
C GLU A 854 1.51 -58.74 -1.39
N PHE A 855 2.81 -58.54 -1.61
CA PHE A 855 3.25 -57.90 -2.85
C PHE A 855 2.84 -58.71 -4.07
N ALA A 856 3.01 -60.03 -4.04
CA ALA A 856 2.53 -60.87 -5.12
C ALA A 856 1.01 -60.80 -5.24
N LYS A 857 0.31 -60.74 -4.11
CA LYS A 857 -1.14 -60.58 -4.15
C LYS A 857 -1.53 -59.25 -4.79
N ASN A 858 -0.79 -58.19 -4.45
CA ASN A 858 -1.08 -56.87 -5.03
C ASN A 858 -0.36 -56.67 -6.36
N LEU A 859 0.50 -57.60 -6.76
CA LEU A 859 1.18 -57.47 -8.05
C LEU A 859 0.19 -57.60 -9.20
N LYS A 860 -0.68 -58.61 -9.14
CA LYS A 860 -1.65 -58.83 -10.20
C LYS A 860 -2.67 -57.70 -10.26
N THR A 861 -2.99 -57.11 -9.11
CA THR A 861 -3.95 -56.01 -9.08
C THR A 861 -3.23 -54.70 -9.36
N PHE A 862 -3.96 -53.75 -9.96
CA PHE A 862 -3.44 -52.47 -10.45
C PHE A 862 -2.06 -52.62 -11.10
N LEU A 863 -1.99 -53.45 -12.15
CA LEU A 863 -0.74 -53.60 -12.90
C LEU A 863 -0.32 -52.26 -13.49
N ARG A 864 -1.27 -51.52 -14.04
CA ARG A 864 -1.03 -50.17 -14.55
C ARG A 864 -1.95 -49.19 -13.80
N HIS A 865 -1.70 -47.90 -13.98
CA HIS A 865 -2.44 -46.89 -13.23
C HIS A 865 -2.96 -45.78 -14.14
N THR A 866 -2.44 -45.73 -15.38
CA THR A 866 -2.86 -44.76 -16.38
C THR A 866 -2.71 -43.33 -15.89
N GLY A 867 -3.47 -42.41 -16.50
CA GLY A 867 -3.40 -41.01 -16.14
C GLY A 867 -2.94 -40.14 -17.28
N PRO A 868 -3.86 -39.35 -17.86
CA PRO A 868 -3.49 -38.47 -18.98
C PRO A 868 -2.76 -37.21 -18.51
N GLU A 869 -2.49 -36.30 -19.46
CA GLU A 869 -1.75 -35.09 -19.15
C GLU A 869 -2.66 -33.87 -19.09
N GLU A 870 -2.08 -32.69 -18.91
CA GLU A 870 -2.83 -31.44 -18.84
C GLU A 870 -2.14 -30.38 -19.69
N GLU A 871 -2.89 -29.37 -20.13
CA GLU A 871 -2.34 -28.32 -20.98
C GLU A 871 -2.71 -26.95 -20.42
N ALA A 872 -1.73 -26.04 -20.40
CA ALA A 872 -1.95 -24.68 -19.94
C ALA A 872 -0.84 -23.80 -20.50
N THR A 873 -1.20 -22.84 -21.36
CA THR A 873 -0.19 -21.99 -21.98
C THR A 873 -0.61 -20.52 -21.97
N VAL A 874 -0.96 -19.97 -20.81
CA VAL A 874 -1.44 -18.60 -20.73
C VAL A 874 -0.71 -17.87 -19.60
N HIS A 875 -0.78 -16.54 -19.63
CA HIS A 875 -0.21 -15.68 -18.61
C HIS A 875 -1.29 -14.81 -17.98
N ASP A 876 -1.10 -14.48 -16.71
CA ASP A 876 -2.04 -13.67 -15.95
C ASP A 876 -1.41 -12.32 -15.66
N GLY A 877 -2.06 -11.24 -16.10
CA GLY A 877 -1.60 -9.91 -15.80
C GLY A 877 -2.58 -9.14 -14.93
N SER A 878 -2.20 -8.92 -13.67
CA SER A 878 -3.08 -8.22 -12.73
C SER A 878 -2.24 -7.51 -11.69
N GLU A 879 -2.83 -6.49 -11.08
CA GLU A 879 -2.18 -5.73 -10.02
C GLU A 879 -3.25 -5.25 -9.04
N GLU A 880 -3.08 -5.59 -7.76
CA GLU A 880 -4.04 -5.24 -6.73
C GLU A 880 -3.40 -4.54 -5.54
N GLU A 881 -2.23 -3.92 -5.73
CA GLU A 881 -1.49 -3.31 -4.63
C GLU A 881 -1.83 -1.85 -4.41
N ASP A 882 -2.84 -1.32 -5.10
CA ASP A 882 -3.21 0.08 -4.95
C ASP A 882 -3.72 0.36 -3.54
N ASP A 883 -3.30 1.50 -2.98
CA ASP A 883 -3.70 1.88 -1.63
C ASP A 883 -4.38 3.24 -1.61
N ASP A 884 -4.91 3.63 -0.45
CA ASP A 884 -5.58 4.93 -0.33
C ASP A 884 -5.24 5.61 0.99
N TYR A 885 -4.27 5.07 1.73
CA TYR A 885 -3.87 5.62 3.01
C TYR A 885 -2.53 6.34 3.00
N GLY A 886 -1.74 6.22 1.93
CA GLY A 886 -0.40 6.78 1.90
C GLY A 886 -0.34 8.28 2.12
N LEU A 887 0.89 8.80 2.26
CA LEU A 887 1.20 10.21 2.49
C LEU A 887 0.86 10.64 3.92
N ILE A 888 0.23 9.76 4.69
CA ILE A 888 -0.08 10.05 6.07
C ILE A 888 0.33 8.87 6.94
N SER A 889 1.41 9.02 7.68
CA SER A 889 1.86 7.96 8.58
C SER A 889 1.29 8.11 9.98
N SER A 890 0.93 9.31 10.41
CA SER A 890 0.43 9.51 11.77
C SER A 890 -0.76 10.46 11.73
N VAL A 891 -1.65 10.29 12.69
CA VAL A 891 -2.83 11.15 12.77
C VAL A 891 -2.44 12.57 13.18
N GLU A 892 -1.44 12.71 14.05
CA GLU A 892 -1.07 14.03 14.53
C GLU A 892 -0.27 14.82 13.51
N GLU A 893 0.05 14.22 12.37
CA GLU A 893 0.78 14.95 11.32
C GLU A 893 0.02 16.19 10.89
N ILE A 894 -1.29 16.07 10.73
CA ILE A 894 -2.07 17.17 10.18
C ILE A 894 -3.51 17.04 10.71
N PRO A 895 -3.83 17.72 11.81
CA PRO A 895 -5.03 17.36 12.59
C PRO A 895 -6.28 18.18 12.30
N GLU A 896 -6.30 18.99 11.23
CA GLU A 896 -7.43 19.90 11.02
C GLU A 896 -8.75 19.14 10.97
N ASP A 897 -8.84 18.14 10.10
CA ASP A 897 -9.98 17.21 10.08
C ASP A 897 -9.41 15.79 10.01
N ALA A 898 -9.07 15.24 11.17
CA ALA A 898 -8.47 13.92 11.22
C ALA A 898 -9.49 12.80 11.25
N ALA A 899 -10.78 13.12 11.30
CA ALA A 899 -11.80 12.08 11.21
C ALA A 899 -11.76 11.41 9.84
N SER A 900 -11.32 12.13 8.82
CA SER A 900 -11.23 11.56 7.48
C SER A 900 -10.20 10.44 7.43
N ILE A 901 -8.99 10.71 7.95
CA ILE A 901 -7.89 9.76 7.81
C ILE A 901 -8.15 8.51 8.65
N THR A 902 -8.89 8.65 9.76
CA THR A 902 -9.17 7.51 10.61
C THR A 902 -10.00 6.46 9.88
N MET A 903 -10.98 6.90 9.08
CA MET A 903 -11.77 5.95 8.32
C MET A 903 -10.95 5.30 7.21
N ARG A 904 -9.94 6.00 6.70
CA ARG A 904 -9.11 5.44 5.64
C ARG A 904 -8.34 4.23 6.13
N ARG A 905 -7.84 4.28 7.35
CA ARG A 905 -7.09 3.13 7.90
C ARG A 905 -7.97 1.89 7.97
N GLU A 906 -9.20 2.06 8.47
CA GLU A 906 -10.13 0.93 8.52
C GLU A 906 -10.55 0.51 7.11
N ASN A 907 -10.73 1.49 6.22
CA ASN A 907 -11.13 1.17 4.85
C ASN A 907 -10.05 0.34 4.15
N SER A 908 -8.79 0.73 4.29
CA SER A 908 -7.72 -0.01 3.65
C SER A 908 -7.49 -1.36 4.32
N PHE A 909 -7.65 -1.42 5.64
CA PHE A 909 -7.45 -2.67 6.37
C PHE A 909 -8.48 -3.73 5.95
N ARG A 910 -9.73 -3.31 5.80
CA ARG A 910 -10.77 -4.27 5.46
C ARG A 910 -10.58 -4.84 4.06
N ARG A 911 -10.18 -3.99 3.11
CA ARG A 911 -10.03 -4.45 1.74
C ARG A 911 -8.81 -5.35 1.57
N THR A 912 -7.73 -5.09 2.33
CA THR A 912 -6.56 -5.95 2.25
C THR A 912 -6.78 -7.24 3.02
N LEU A 913 -7.72 -7.23 3.97
CA LEU A 913 -8.10 -8.46 4.65
C LEU A 913 -8.95 -9.37 3.76
N SER A 914 -9.71 -8.78 2.85
CA SER A 914 -10.52 -9.54 1.90
C SER A 914 -9.64 -9.99 0.73
N ARG A 915 -8.79 -10.97 1.02
CA ARG A 915 -7.86 -11.49 0.02
C ARG A 915 -8.49 -12.54 -0.88
N SER A 916 -9.75 -12.88 -0.67
CA SER A 916 -10.40 -13.91 -1.46
C SER A 916 -10.70 -13.38 -2.86
N SER A 917 -10.00 -13.94 -3.86
CA SER A 917 -10.22 -13.59 -5.25
C SER A 917 -9.78 -14.76 -6.11
N ARG A 918 -10.45 -14.93 -7.25
CA ARG A 918 -10.18 -16.07 -8.12
C ARG A 918 -10.62 -15.77 -9.54
N SER A 919 -10.12 -16.59 -10.47
CA SER A 919 -10.53 -16.55 -11.87
C SER A 919 -11.03 -17.93 -12.26
N ASN A 920 -11.26 -18.17 -13.56
CA ASN A 920 -11.78 -19.45 -14.00
C ASN A 920 -10.79 -20.26 -14.82
N GLY A 921 -10.31 -19.73 -15.94
CA GLY A 921 -9.43 -20.49 -16.83
C GLY A 921 -9.00 -19.61 -17.99
N ARG A 922 -8.01 -20.11 -18.75
CA ARG A 922 -7.60 -19.56 -20.02
C ARG A 922 -6.84 -20.64 -20.75
N HIS A 923 -7.38 -21.10 -21.88
CA HIS A 923 -6.96 -22.36 -22.47
C HIS A 923 -5.51 -22.41 -22.95
N LEU A 924 -5.19 -21.70 -24.04
CA LEU A 924 -3.89 -21.84 -24.68
C LEU A 924 -3.36 -20.54 -25.26
N LYS A 925 -4.01 -19.40 -25.00
CA LYS A 925 -3.60 -18.14 -25.60
C LYS A 925 -2.19 -17.77 -25.21
N SER A 926 -1.27 -17.73 -26.17
CA SER A 926 0.10 -17.37 -25.88
C SER A 926 0.20 -15.94 -25.34
N LEU A 927 0.01 -14.95 -26.20
CA LEU A 927 -0.24 -13.58 -25.80
C LEU A 927 -1.62 -13.11 -26.20
N ARG A 928 -1.96 -13.23 -27.48
CA ARG A 928 -3.31 -13.00 -27.99
C ARG A 928 -3.58 -13.85 -29.22
N ASN A 929 -2.75 -14.88 -29.44
CA ASN A 929 -2.78 -15.61 -30.69
C ASN A 929 -3.95 -16.60 -30.74
N SER A 930 -4.27 -17.03 -31.96
CA SER A 930 -5.27 -18.06 -32.20
C SER A 930 -4.67 -19.44 -31.95
N LEU A 931 -5.38 -20.46 -32.44
CA LEU A 931 -4.92 -21.86 -32.38
C LEU A 931 -4.81 -22.34 -30.93
N LYS A 932 -5.90 -22.20 -30.20
CA LYS A 932 -5.96 -22.66 -28.81
C LYS A 932 -6.07 -24.19 -28.77
N LYS A 963 -5.70 17.18 -17.90
CA LYS A 963 -5.90 17.15 -16.46
C LYS A 963 -7.17 17.89 -16.06
N PHE A 964 -7.36 19.08 -16.63
CA PHE A 964 -8.48 19.93 -16.23
C PHE A 964 -9.83 19.28 -16.57
N SER A 965 -9.92 18.67 -17.74
CA SER A 965 -11.20 18.17 -18.22
C SER A 965 -11.71 16.97 -17.42
N ILE A 966 -10.79 16.22 -16.80
CA ILE A 966 -11.20 14.99 -16.12
C ILE A 966 -12.03 15.30 -14.88
N TYR A 967 -11.59 16.27 -14.08
CA TYR A 967 -12.44 16.72 -12.98
C TYR A 967 -13.76 17.28 -13.50
N LEU A 968 -13.72 18.01 -14.61
CA LEU A 968 -14.95 18.50 -15.22
C LEU A 968 -15.91 17.34 -15.49
N GLU A 969 -15.40 16.26 -16.09
CA GLU A 969 -16.24 15.08 -16.31
C GLU A 969 -16.67 14.46 -14.99
N TYR A 970 -15.78 14.44 -14.00
CA TYR A 970 -16.15 13.91 -12.69
C TYR A 970 -17.31 14.69 -12.09
N LEU A 971 -17.20 16.02 -12.06
CA LEU A 971 -18.29 16.85 -11.57
C LEU A 971 -19.48 16.87 -12.52
N GLN A 972 -19.33 16.40 -13.75
CA GLN A 972 -20.49 16.18 -14.59
C GLN A 972 -21.39 15.11 -14.00
N ALA A 973 -20.78 14.05 -13.45
CA ALA A 973 -21.57 13.00 -12.80
C ALA A 973 -22.35 13.56 -11.63
N ILE A 974 -21.71 14.37 -10.79
CA ILE A 974 -22.43 15.09 -9.75
C ILE A 974 -23.41 16.07 -10.39
N GLY A 975 -24.60 16.16 -9.83
CA GLY A 975 -25.59 17.10 -10.31
C GLY A 975 -25.06 18.52 -10.33
N LEU A 976 -24.99 19.11 -11.53
CA LEU A 976 -24.41 20.44 -11.65
C LEU A 976 -25.24 21.47 -10.88
N PHE A 977 -26.53 21.20 -10.71
CA PHE A 977 -27.37 22.05 -9.88
C PHE A 977 -26.84 22.05 -8.46
N SER A 978 -26.55 20.86 -7.93
CA SER A 978 -26.16 20.74 -6.52
C SER A 978 -24.73 21.21 -6.30
N ILE A 979 -23.83 20.91 -7.23
CA ILE A 979 -22.41 21.22 -7.03
C ILE A 979 -22.20 22.72 -6.94
N PHE A 980 -22.97 23.50 -7.69
CA PHE A 980 -22.80 24.95 -7.70
C PHE A 980 -23.47 25.63 -6.51
N PHE A 981 -24.31 24.92 -5.76
CA PHE A 981 -24.92 25.48 -4.56
C PHE A 981 -24.27 24.99 -3.28
N ILE A 982 -23.77 23.76 -3.25
CA ILE A 982 -23.02 23.31 -2.08
C ILE A 982 -21.73 24.11 -1.94
N ILE A 983 -21.11 24.45 -3.08
CA ILE A 983 -19.97 25.36 -3.04
C ILE A 983 -20.42 26.74 -2.60
N LEU A 984 -21.63 27.15 -2.97
CA LEU A 984 -22.18 28.40 -2.49
C LEU A 984 -22.39 28.34 -0.98
N ALA A 985 -22.86 27.20 -0.47
CA ALA A 985 -23.05 27.07 0.96
C ALA A 985 -21.74 27.23 1.72
N PHE A 986 -20.66 26.64 1.19
CA PHE A 986 -19.36 26.75 1.85
C PHE A 986 -18.87 28.19 1.88
N VAL A 987 -18.98 28.91 0.76
CA VAL A 987 -18.52 30.30 0.73
C VAL A 987 -19.45 31.18 1.55
N MET A 988 -20.75 30.90 1.51
CA MET A 988 -21.71 31.64 2.31
C MET A 988 -21.69 31.19 3.77
N ASN A 989 -21.10 30.02 4.06
CA ASN A 989 -20.72 29.70 5.43
C ASN A 989 -19.67 30.67 5.94
N SER A 990 -18.69 31.00 5.10
CA SER A 990 -17.56 31.79 5.55
C SER A 990 -17.95 33.23 5.87
N VAL A 991 -18.92 33.79 5.14
CA VAL A 991 -19.28 35.18 5.37
C VAL A 991 -19.90 35.36 6.74
N ALA A 992 -20.68 34.38 7.20
CA ALA A 992 -21.16 34.41 8.58
C ALA A 992 -20.00 34.24 9.55
N PHE A 993 -19.08 33.32 9.25
CA PHE A 993 -17.88 33.18 10.07
C PHE A 993 -17.12 34.49 10.15
N ILE A 994 -16.90 35.15 9.02
CA ILE A 994 -16.06 36.34 9.02
C ILE A 994 -16.83 37.52 9.59
N GLY A 995 -18.15 37.54 9.41
CA GLY A 995 -18.97 38.56 10.04
C GLY A 995 -19.01 38.43 11.55
N SER A 996 -19.08 37.18 12.04
CA SER A 996 -19.11 36.95 13.47
C SER A 996 -17.86 37.52 14.14
N ASN A 997 -16.70 37.21 13.60
CA ASN A 997 -15.46 37.76 14.14
C ASN A 997 -15.42 39.27 13.97
N LEU A 998 -15.86 39.76 12.82
CA LEU A 998 -15.90 41.20 12.58
C LEU A 998 -16.76 41.91 13.61
N TRP A 999 -18.05 41.54 13.66
CA TRP A 999 -18.97 42.19 14.59
C TRP A 999 -18.60 41.96 16.05
N LEU A 1000 -17.92 40.85 16.35
CA LEU A 1000 -17.47 40.63 17.73
C LEU A 1000 -16.46 41.70 18.12
N SER A 1001 -15.60 42.10 17.19
CA SER A 1001 -14.63 43.15 17.47
C SER A 1001 -15.32 44.46 17.85
N ALA A 1002 -16.37 44.82 17.10
CA ALA A 1002 -17.14 46.00 17.45
C ALA A 1002 -17.83 45.85 18.80
N TRP A 1003 -18.19 44.63 19.19
CA TRP A 1003 -18.81 44.42 20.49
C TRP A 1003 -17.83 44.72 21.62
N THR A 1004 -16.57 44.33 21.45
CA THR A 1004 -15.58 44.57 22.49
C THR A 1004 -15.31 46.04 22.70
N SER A 1005 -15.69 46.90 21.75
CA SER A 1005 -15.53 48.33 21.93
C SER A 1005 -16.40 48.87 23.06
N ASP A 1006 -17.40 48.09 23.50
CA ASP A 1006 -18.29 48.55 24.56
C ASP A 1006 -17.54 48.80 25.86
N SER A 1007 -16.46 48.07 26.10
CA SER A 1007 -15.74 48.18 27.37
C SER A 1007 -15.16 49.57 27.55
N LYS A 1008 -14.53 50.11 26.51
CA LYS A 1008 -13.86 51.40 26.66
C LYS A 1008 -14.86 52.56 26.65
N ILE A 1009 -15.97 52.41 25.95
CA ILE A 1009 -16.93 53.52 25.86
C ILE A 1009 -17.93 53.52 27.00
N PHE A 1010 -17.99 52.46 27.79
CA PHE A 1010 -18.95 52.34 28.89
C PHE A 1010 -18.18 52.16 30.20
N ASN A 1011 -18.55 52.96 31.20
CA ASN A 1011 -18.01 52.79 32.54
C ASN A 1011 -18.65 51.56 33.20
N SER A 1012 -18.10 51.17 34.35
CA SER A 1012 -18.67 50.07 35.11
C SER A 1012 -20.11 50.39 35.49
N THR A 1013 -21.01 49.43 35.26
CA THR A 1013 -22.44 49.57 35.54
C THR A 1013 -23.02 50.78 34.80
N ASP A 1014 -22.53 51.03 33.59
CA ASP A 1014 -23.07 52.06 32.71
C ASP A 1014 -23.77 51.48 31.50
N TYR A 1015 -23.56 50.18 31.21
CA TYR A 1015 -24.20 49.53 30.09
C TYR A 1015 -25.62 49.16 30.46
N PRO A 1016 -26.63 49.50 29.64
CA PRO A 1016 -27.98 49.00 29.90
C PRO A 1016 -28.03 47.49 29.90
N ALA A 1017 -28.78 46.93 30.84
CA ALA A 1017 -28.84 45.48 30.99
C ALA A 1017 -29.49 44.78 29.82
N SER A 1018 -30.28 45.48 29.01
CA SER A 1018 -30.99 44.88 27.89
C SER A 1018 -30.29 45.16 26.56
N GLN A 1019 -30.12 46.44 26.22
CA GLN A 1019 -29.59 46.80 24.91
C GLN A 1019 -28.10 46.58 24.79
N ARG A 1020 -27.39 46.36 25.89
CA ARG A 1020 -25.98 45.96 25.85
C ARG A 1020 -25.80 44.47 26.07
N ASP A 1021 -26.88 43.74 26.31
CA ASP A 1021 -26.85 42.29 26.38
C ASP A 1021 -27.57 41.64 25.21
N MET A 1022 -28.20 42.43 24.33
CA MET A 1022 -28.81 41.87 23.14
C MET A 1022 -27.78 41.38 22.15
N ARG A 1023 -26.50 41.74 22.36
CA ARG A 1023 -25.46 41.34 21.42
C ARG A 1023 -25.35 39.82 21.33
N VAL A 1024 -25.41 39.13 22.47
CA VAL A 1024 -25.28 37.68 22.47
C VAL A 1024 -26.39 37.05 21.64
N GLY A 1025 -27.55 37.71 21.55
CA GLY A 1025 -28.59 37.23 20.66
C GLY A 1025 -28.13 37.20 19.21
N VAL A 1026 -27.40 38.24 18.79
CA VAL A 1026 -26.81 38.23 17.46
C VAL A 1026 -25.75 37.15 17.34
N TYR A 1027 -24.90 37.02 18.37
CA TYR A 1027 -23.86 36.01 18.35
C TYR A 1027 -24.47 34.61 18.27
N GLY A 1028 -25.52 34.37 19.05
CA GLY A 1028 -26.22 33.10 18.95
C GLY A 1028 -26.85 32.88 17.60
N ALA A 1029 -27.44 33.94 17.03
CA ALA A 1029 -28.03 33.83 15.70
C ALA A 1029 -26.97 33.50 14.66
N LEU A 1030 -25.84 34.20 14.70
CA LEU A 1030 -24.74 33.87 13.81
C LEU A 1030 -24.07 32.56 14.18
N GLY A 1031 -24.10 32.18 15.46
CA GLY A 1031 -23.60 30.87 15.84
C GLY A 1031 -24.41 29.75 15.22
N LEU A 1032 -25.75 29.88 15.26
CA LEU A 1032 -26.60 28.92 14.58
C LEU A 1032 -26.51 29.07 13.07
N ALA A 1033 -26.15 30.28 12.59
CA ALA A 1033 -25.89 30.45 11.17
C ALA A 1033 -24.71 29.60 10.73
N GLN A 1034 -23.67 29.53 11.56
CA GLN A 1034 -22.53 28.66 11.27
C GLN A 1034 -22.94 27.20 11.10
N GLY A 1035 -24.04 26.79 11.72
CA GLY A 1035 -24.48 25.41 11.61
C GLY A 1035 -25.41 25.17 10.44
N ILE A 1036 -26.45 25.99 10.32
CA ILE A 1036 -27.45 25.79 9.27
C ILE A 1036 -26.80 25.94 7.91
N PHE A 1037 -25.86 26.88 7.77
CA PHE A 1037 -25.22 27.11 6.47
C PHE A 1037 -24.46 25.88 6.01
N VAL A 1038 -23.80 25.18 6.94
CA VAL A 1038 -23.00 24.03 6.55
C VAL A 1038 -23.75 22.73 6.73
N PHE A 1039 -24.83 22.74 7.52
CA PHE A 1039 -25.67 21.55 7.65
C PHE A 1039 -26.30 21.20 6.32
N ILE A 1040 -26.81 22.20 5.61
CA ILE A 1040 -27.31 21.98 4.26
C ILE A 1040 -26.19 21.68 3.27
N ALA A 1041 -24.94 21.97 3.63
CA ALA A 1041 -23.82 21.73 2.74
C ALA A 1041 -23.37 20.28 2.75
N HIS A 1042 -22.92 19.79 3.92
CA HIS A 1042 -22.41 18.43 4.01
C HIS A 1042 -23.49 17.40 3.69
N PHE A 1043 -24.70 17.62 4.20
CA PHE A 1043 -25.79 16.67 3.97
C PHE A 1043 -26.13 16.59 2.49
N TRP A 1044 -26.18 17.75 1.81
CA TRP A 1044 -26.49 17.77 0.39
C TRP A 1044 -25.40 17.10 -0.44
N SER A 1045 -24.13 17.28 -0.04
CA SER A 1045 -23.03 16.61 -0.74
C SER A 1045 -23.13 15.10 -0.67
N ALA A 1046 -23.78 14.56 0.35
CA ALA A 1046 -23.96 13.11 0.43
C ALA A 1046 -24.78 12.60 -0.75
N PHE A 1047 -25.86 13.31 -1.10
CA PHE A 1047 -26.66 12.91 -2.24
C PHE A 1047 -25.87 13.00 -3.55
N GLY A 1048 -25.08 14.07 -3.70
CA GLY A 1048 -24.30 14.20 -4.92
C GLY A 1048 -23.29 13.09 -5.09
N PHE A 1049 -22.68 12.67 -3.98
CA PHE A 1049 -21.66 11.62 -4.04
C PHE A 1049 -22.27 10.26 -4.38
N VAL A 1050 -23.38 9.91 -3.73
CA VAL A 1050 -24.02 8.63 -4.03
C VAL A 1050 -24.62 8.66 -5.42
N HIS A 1051 -25.18 9.81 -5.84
CA HIS A 1051 -25.71 9.91 -7.18
C HIS A 1051 -24.61 9.82 -8.23
N ALA A 1052 -23.45 10.44 -7.96
CA ALA A 1052 -22.34 10.35 -8.90
C ALA A 1052 -21.84 8.92 -9.03
N SER A 1053 -21.75 8.20 -7.90
CA SER A 1053 -21.29 6.82 -7.95
C SER A 1053 -22.24 5.95 -8.77
N ASN A 1054 -23.55 6.19 -8.65
CA ASN A 1054 -24.52 5.41 -9.41
C ASN A 1054 -24.34 5.63 -10.91
N ILE A 1055 -24.33 6.89 -11.34
CA ILE A 1055 -24.22 7.16 -12.78
C ILE A 1055 -22.85 6.75 -13.30
N LEU A 1056 -21.80 6.90 -12.49
CA LEU A 1056 -20.48 6.44 -12.90
C LEU A 1056 -20.46 4.93 -13.09
N HIS A 1057 -21.03 4.20 -12.13
CA HIS A 1057 -21.01 2.74 -12.20
C HIS A 1057 -21.83 2.24 -13.39
N LYS A 1058 -22.93 2.91 -13.70
CA LYS A 1058 -23.73 2.52 -14.86
C LYS A 1058 -22.94 2.67 -16.14
N GLN A 1059 -22.09 3.70 -16.22
CA GLN A 1059 -21.34 3.95 -17.45
C GLN A 1059 -20.40 2.80 -17.77
N LEU A 1060 -19.70 2.27 -16.76
CA LEU A 1060 -18.80 1.15 -16.99
C LEU A 1060 -19.56 -0.08 -17.46
N LEU A 1061 -20.59 -0.47 -16.71
CA LEU A 1061 -21.33 -1.69 -17.04
C LEU A 1061 -22.00 -1.56 -18.40
N ASN A 1062 -22.43 -0.36 -18.76
CA ASN A 1062 -23.09 -0.17 -20.05
C ASN A 1062 -22.08 -0.24 -21.20
N ASN A 1063 -20.79 -0.21 -20.89
CA ASN A 1063 -19.80 -0.16 -21.96
C ASN A 1063 -18.99 -1.44 -22.05
N ILE A 1064 -18.38 -1.88 -20.94
CA ILE A 1064 -17.52 -3.06 -21.02
C ILE A 1064 -18.32 -4.29 -21.41
N LEU A 1065 -19.57 -4.38 -20.94
CA LEU A 1065 -20.49 -5.39 -21.43
C LEU A 1065 -20.72 -5.22 -22.92
N ARG A 1066 -20.86 -3.98 -23.36
CA ARG A 1066 -21.05 -3.64 -24.76
C ARG A 1066 -19.72 -3.57 -25.52
N ALA A 1067 -18.59 -3.62 -24.82
CA ALA A 1067 -17.29 -3.49 -25.45
C ALA A 1067 -16.99 -4.68 -26.34
N PRO A 1068 -16.24 -4.48 -27.42
CA PRO A 1068 -15.84 -5.60 -28.28
C PRO A 1068 -14.94 -6.58 -27.55
N MET A 1069 -15.09 -7.85 -27.93
CA MET A 1069 -14.28 -8.91 -27.33
C MET A 1069 -12.83 -8.81 -27.77
N ARG A 1070 -12.57 -8.15 -28.90
CA ARG A 1070 -11.19 -7.91 -29.31
C ARG A 1070 -10.45 -7.07 -28.28
N PHE A 1071 -11.16 -6.12 -27.67
CA PHE A 1071 -10.60 -5.39 -26.54
C PHE A 1071 -10.26 -6.34 -25.40
N PHE A 1072 -11.16 -7.28 -25.11
CA PHE A 1072 -10.88 -8.28 -24.09
C PHE A 1072 -9.76 -9.21 -24.52
N ASP A 1073 -9.59 -9.43 -25.82
CA ASP A 1073 -8.52 -10.29 -26.30
C ASP A 1073 -7.16 -9.70 -25.98
N THR A 1074 -6.98 -8.39 -26.22
CA THR A 1074 -5.69 -7.77 -25.98
C THR A 1074 -5.50 -7.36 -24.52
N THR A 1075 -6.57 -7.34 -23.73
CA THR A 1075 -6.47 -6.91 -22.34
C THR A 1075 -6.66 -8.11 -21.43
N PRO A 1076 -5.65 -8.51 -20.65
CA PRO A 1076 -5.87 -9.56 -19.66
C PRO A 1076 -6.94 -9.15 -18.67
N THR A 1077 -7.71 -10.14 -18.21
CA THR A 1077 -8.87 -9.86 -17.36
C THR A 1077 -8.45 -9.25 -16.02
N GLY A 1078 -7.17 -9.35 -15.68
CA GLY A 1078 -6.71 -8.84 -14.39
C GLY A 1078 -6.94 -7.33 -14.26
N ARG A 1079 -6.64 -6.57 -15.30
CA ARG A 1079 -6.86 -5.14 -15.24
C ARG A 1079 -8.34 -4.81 -15.09
N ILE A 1080 -9.19 -5.48 -15.87
CA ILE A 1080 -10.62 -5.16 -15.85
C ILE A 1080 -11.20 -5.44 -14.47
N VAL A 1081 -10.74 -6.50 -13.81
CA VAL A 1081 -11.26 -6.84 -12.50
C VAL A 1081 -10.93 -5.75 -11.48
N ASN A 1082 -9.66 -5.36 -11.42
CA ASN A 1082 -9.26 -4.36 -10.43
C ASN A 1082 -9.80 -2.98 -10.76
N ARG A 1083 -9.85 -2.63 -12.04
CA ARG A 1083 -10.39 -1.33 -12.44
C ARG A 1083 -11.87 -1.22 -12.06
N PHE A 1084 -12.64 -2.28 -12.28
CA PHE A 1084 -14.05 -2.26 -11.93
C PHE A 1084 -14.26 -2.43 -10.43
N ALA A 1085 -13.28 -2.91 -9.70
CA ALA A 1085 -13.40 -3.09 -8.26
C ALA A 1085 -12.62 -2.08 -7.44
N GLY A 1086 -11.32 -1.95 -7.68
CA GLY A 1086 -10.49 -1.04 -6.91
C GLY A 1086 -10.84 0.42 -7.12
N ASP A 1087 -11.04 0.83 -8.38
CA ASP A 1087 -11.32 2.23 -8.66
C ASP A 1087 -12.70 2.64 -8.15
N ILE A 1088 -13.71 1.78 -8.35
CA ILE A 1088 -15.05 2.13 -7.89
C ILE A 1088 -15.11 2.18 -6.37
N SER A 1089 -14.23 1.43 -5.70
CA SER A 1089 -14.26 1.38 -4.24
C SER A 1089 -13.81 2.70 -3.64
N THR A 1090 -12.72 3.26 -4.15
CA THR A 1090 -12.20 4.50 -3.59
C THR A 1090 -13.00 5.71 -4.02
N VAL A 1091 -13.56 5.69 -5.23
CA VAL A 1091 -14.21 6.88 -5.78
C VAL A 1091 -15.47 7.23 -5.00
N ASP A 1092 -16.13 6.26 -4.40
CA ASP A 1092 -17.33 6.51 -3.63
C ASP A 1092 -17.10 6.40 -2.12
N ASP A 1093 -15.88 6.09 -1.69
CA ASP A 1093 -15.57 5.97 -0.28
C ASP A 1093 -14.49 6.94 0.17
N THR A 1094 -13.33 6.94 -0.49
CA THR A 1094 -12.19 7.75 -0.05
C THR A 1094 -12.28 9.17 -0.60
N LEU A 1095 -12.38 9.31 -1.92
CA LEU A 1095 -12.50 10.61 -2.56
C LEU A 1095 -13.65 11.47 -2.04
N PRO A 1096 -14.86 10.95 -1.81
CA PRO A 1096 -15.94 11.81 -1.31
C PRO A 1096 -15.59 12.51 -0.01
N GLN A 1097 -14.87 11.84 0.89
CA GLN A 1097 -14.53 12.47 2.16
C GLN A 1097 -13.41 13.48 2.00
N SER A 1098 -12.51 13.27 1.03
CA SER A 1098 -11.36 14.15 0.88
C SER A 1098 -11.72 15.50 0.25
N LEU A 1099 -12.72 15.53 -0.63
CA LEU A 1099 -13.10 16.80 -1.25
C LEU A 1099 -13.68 17.77 -0.23
N ARG A 1100 -14.62 17.30 0.59
CA ARG A 1100 -15.16 18.16 1.65
C ARG A 1100 -14.05 18.75 2.50
N SER A 1101 -12.99 17.96 2.70
CA SER A 1101 -11.81 18.45 3.40
C SER A 1101 -11.15 19.61 2.66
N TRP A 1102 -11.01 19.49 1.34
CA TRP A 1102 -10.16 20.41 0.61
C TRP A 1102 -10.80 21.79 0.50
N ILE A 1103 -12.09 21.85 0.16
CA ILE A 1103 -12.75 23.15 0.02
C ILE A 1103 -12.83 23.87 1.36
N THR A 1104 -13.19 23.16 2.43
CA THR A 1104 -13.41 23.84 3.70
C THR A 1104 -12.12 24.47 4.22
N CYS A 1105 -10.97 23.85 3.96
CA CYS A 1105 -9.71 24.46 4.37
C CYS A 1105 -9.34 25.63 3.47
N PHE A 1106 -9.51 25.46 2.16
CA PHE A 1106 -9.16 26.54 1.24
C PHE A 1106 -9.99 27.79 1.50
N LEU A 1107 -11.29 27.61 1.73
CA LEU A 1107 -12.15 28.75 1.98
C LEU A 1107 -11.87 29.39 3.34
N GLY A 1108 -11.52 28.57 4.33
CA GLY A 1108 -11.10 29.12 5.61
C GLY A 1108 -9.86 29.99 5.46
N ILE A 1109 -8.91 29.55 4.62
CA ILE A 1109 -7.74 30.37 4.36
C ILE A 1109 -8.13 31.65 3.63
N ILE A 1110 -8.93 31.54 2.58
CA ILE A 1110 -9.32 32.73 1.83
C ILE A 1110 -10.10 33.69 2.73
N SER A 1111 -10.92 33.15 3.63
CA SER A 1111 -11.71 34.00 4.51
C SER A 1111 -10.82 34.83 5.43
N THR A 1112 -9.77 34.24 5.97
CA THR A 1112 -8.99 34.95 6.98
C THR A 1112 -8.04 35.98 6.37
N LEU A 1113 -7.37 35.67 5.25
CA LEU A 1113 -6.52 36.68 4.62
C LEU A 1113 -7.35 37.80 4.00
N VAL A 1114 -8.52 37.48 3.46
CA VAL A 1114 -9.35 38.57 2.92
C VAL A 1114 -9.81 39.48 4.04
N MET A 1115 -9.77 38.99 5.28
CA MET A 1115 -10.09 39.86 6.42
C MET A 1115 -8.86 40.67 6.82
N ILE A 1116 -7.67 40.05 6.73
CA ILE A 1116 -6.43 40.74 7.06
C ILE A 1116 -6.23 41.92 6.12
N CYS A 1117 -6.54 41.74 4.84
CA CYS A 1117 -6.31 42.80 3.86
C CYS A 1117 -7.16 44.03 4.13
N MET A 1118 -8.42 43.86 4.54
CA MET A 1118 -9.27 45.01 4.78
C MET A 1118 -8.82 45.77 6.03
N ALA A 1119 -8.29 45.06 7.03
CA ALA A 1119 -7.75 45.73 8.21
C ALA A 1119 -6.52 46.55 7.85
N THR A 1120 -5.57 45.95 7.14
CA THR A 1120 -4.36 46.63 6.67
C THR A 1120 -4.32 46.53 5.14
N PRO A 1121 -4.76 47.56 4.42
CA PRO A 1121 -4.79 47.47 2.95
C PRO A 1121 -3.43 47.26 2.32
N VAL A 1122 -2.35 47.62 3.01
CA VAL A 1122 -1.01 47.43 2.48
C VAL A 1122 -0.66 45.94 2.35
N PHE A 1123 -1.37 45.08 3.08
CA PHE A 1123 -1.01 43.67 3.12
C PHE A 1123 -1.17 42.99 1.76
N THR A 1124 -2.21 43.35 1.01
CA THR A 1124 -2.47 42.65 -0.25
C THR A 1124 -1.32 42.79 -1.23
N ILE A 1125 -0.51 43.85 -1.09
CA ILE A 1125 0.67 44.00 -1.94
C ILE A 1125 1.72 42.95 -1.60
N ILE A 1126 1.93 42.71 -0.29
CA ILE A 1126 2.98 41.79 0.13
C ILE A 1126 2.52 40.35 -0.02
N VAL A 1127 1.24 40.13 -0.34
CA VAL A 1127 0.77 38.77 -0.57
C VAL A 1127 1.41 38.16 -1.80
N ILE A 1128 1.66 38.99 -2.83
CA ILE A 1128 2.19 38.47 -4.08
C ILE A 1128 3.51 37.75 -3.90
N PRO A 1129 4.52 38.29 -3.20
CA PRO A 1129 5.73 37.50 -2.97
C PRO A 1129 5.47 36.21 -2.19
N LEU A 1130 4.50 36.24 -1.27
CA LEU A 1130 4.16 35.02 -0.53
C LEU A 1130 3.39 34.04 -1.41
N GLY A 1131 2.57 34.56 -2.32
CA GLY A 1131 1.81 33.68 -3.19
C GLY A 1131 2.68 32.90 -4.15
N ILE A 1132 3.65 33.57 -4.77
CA ILE A 1132 4.48 32.93 -5.78
C ILE A 1132 5.39 31.88 -5.15
N ILE A 1133 5.94 32.17 -3.98
CA ILE A 1133 6.81 31.20 -3.32
C ILE A 1133 6.03 29.98 -2.87
N TYR A 1134 4.78 30.19 -2.45
CA TYR A 1134 3.96 29.06 -2.00
C TYR A 1134 3.62 28.13 -3.15
N VAL A 1135 3.14 28.68 -4.26
CA VAL A 1135 2.70 27.85 -5.37
C VAL A 1135 3.89 27.11 -5.99
N SER A 1136 5.06 27.74 -6.00
CA SER A 1136 6.26 27.05 -6.49
C SER A 1136 6.60 25.85 -5.60
N VAL A 1137 6.47 26.03 -4.28
CA VAL A 1137 6.81 24.97 -3.35
C VAL A 1137 5.86 23.79 -3.52
N GLN A 1138 4.55 24.06 -3.56
CA GLN A 1138 3.58 22.98 -3.72
C GLN A 1138 3.73 22.30 -5.07
N MET A 1139 4.15 23.04 -6.09
CA MET A 1139 4.36 22.44 -7.41
C MET A 1139 5.50 21.43 -7.37
N PHE A 1140 6.60 21.78 -6.70
CA PHE A 1140 7.74 20.88 -6.63
C PHE A 1140 7.40 19.60 -5.87
N TYR A 1141 6.68 19.74 -4.74
CA TYR A 1141 6.36 18.58 -3.93
C TYR A 1141 5.43 17.62 -4.65
N VAL A 1142 4.35 18.13 -5.23
CA VAL A 1142 3.43 17.26 -5.96
C VAL A 1142 4.12 16.64 -7.17
N SER A 1143 5.12 17.33 -7.72
CA SER A 1143 5.91 16.77 -8.81
C SER A 1143 6.84 15.66 -8.36
N THR A 1144 7.05 15.51 -7.05
CA THR A 1144 7.92 14.49 -6.51
C THR A 1144 7.18 13.49 -5.62
N SER A 1145 6.34 13.99 -4.71
CA SER A 1145 5.62 13.11 -3.81
C SER A 1145 4.70 12.16 -4.57
N ARG A 1146 4.21 12.57 -5.74
CA ARG A 1146 3.34 11.71 -6.53
C ARG A 1146 4.06 10.44 -6.96
N GLN A 1147 5.31 10.57 -7.38
CA GLN A 1147 6.03 9.43 -7.90
C GLN A 1147 6.43 8.45 -6.80
N LEU A 1148 6.78 8.97 -5.61
CA LEU A 1148 7.29 8.09 -4.56
C LEU A 1148 6.22 7.13 -4.06
N ARG A 1149 4.95 7.55 -4.11
CA ARG A 1149 3.87 6.64 -3.74
C ARG A 1149 3.81 5.44 -4.66
N ARG A 1150 3.88 5.68 -5.98
CA ARG A 1150 3.85 4.58 -6.93
C ARG A 1150 5.05 3.67 -6.74
N LEU A 1151 6.23 4.25 -6.49
CA LEU A 1151 7.40 3.45 -6.21
C LEU A 1151 7.24 2.69 -4.90
N ASP A 1152 6.55 3.30 -3.92
CA ASP A 1152 6.33 2.64 -2.65
C ASP A 1152 5.47 1.38 -2.83
N SER A 1153 4.42 1.48 -3.64
CA SER A 1153 3.53 0.35 -3.81
C SER A 1153 4.21 -0.81 -4.53
N VAL A 1154 4.97 -0.50 -5.58
CA VAL A 1154 5.55 -1.56 -6.41
C VAL A 1154 6.63 -2.34 -5.67
N THR A 1155 7.19 -1.80 -4.60
CA THR A 1155 8.20 -2.53 -3.84
C THR A 1155 7.64 -3.20 -2.60
N ARG A 1156 6.47 -2.77 -2.12
CA ARG A 1156 5.89 -3.39 -0.93
C ARG A 1156 5.30 -4.75 -1.26
N SER A 1157 4.60 -4.86 -2.39
CA SER A 1157 3.95 -6.11 -2.76
C SER A 1157 4.90 -7.30 -2.86
N PRO A 1158 6.13 -7.18 -3.39
CA PRO A 1158 7.03 -8.35 -3.37
C PRO A 1158 7.29 -8.89 -1.98
N ILE A 1159 7.35 -8.01 -0.97
CA ILE A 1159 7.58 -8.47 0.40
C ILE A 1159 6.46 -9.40 0.84
N TYR A 1160 5.21 -8.97 0.65
CA TYR A 1160 4.09 -9.85 0.93
C TYR A 1160 4.10 -11.05 -0.02
N SER A 1161 4.42 -10.82 -1.29
CA SER A 1161 4.50 -11.91 -2.26
C SER A 1161 5.59 -12.91 -1.86
N HIS A 1162 6.74 -12.40 -1.44
CA HIS A 1162 7.85 -13.29 -1.07
C HIS A 1162 7.47 -14.17 0.11
N PHE A 1163 6.81 -13.59 1.12
CA PHE A 1163 6.43 -14.39 2.28
C PHE A 1163 5.41 -15.45 1.91
N SER A 1164 4.39 -15.08 1.12
CA SER A 1164 3.45 -16.06 0.63
C SER A 1164 4.14 -17.09 -0.26
N GLU A 1165 5.19 -16.65 -0.95
CA GLU A 1165 5.93 -17.56 -1.83
C GLU A 1165 6.67 -18.62 -1.03
N THR A 1166 7.30 -18.23 0.08
CA THR A 1166 8.11 -19.18 0.83
C THR A 1166 7.26 -20.08 1.72
N VAL A 1167 6.19 -19.54 2.30
CA VAL A 1167 5.38 -20.34 3.22
C VAL A 1167 4.72 -21.51 2.50
N SER A 1168 4.55 -21.42 1.18
CA SER A 1168 4.01 -22.54 0.43
C SER A 1168 5.02 -23.68 0.36
N GLY A 1169 6.31 -23.38 0.55
CA GLY A 1169 7.33 -24.40 0.39
C GLY A 1169 8.32 -24.57 1.52
N LEU A 1170 7.88 -24.34 2.76
CA LEU A 1170 8.74 -24.56 3.92
C LEU A 1170 9.38 -25.94 3.99
N PRO A 1171 8.67 -27.05 3.79
CA PRO A 1171 9.34 -28.35 3.86
C PRO A 1171 10.49 -28.49 2.87
N VAL A 1172 10.41 -27.81 1.73
CA VAL A 1172 11.51 -27.83 0.77
C VAL A 1172 12.71 -27.08 1.32
N ILE A 1173 12.47 -26.00 2.06
CA ILE A 1173 13.56 -25.08 2.40
C ILE A 1173 14.55 -25.76 3.35
N ARG A 1174 14.05 -26.39 4.42
CA ARG A 1174 14.95 -27.10 5.32
C ARG A 1174 15.58 -28.33 4.67
N ALA A 1175 15.01 -28.82 3.58
CA ALA A 1175 15.65 -29.93 2.88
C ALA A 1175 17.00 -29.55 2.31
N PHE A 1176 17.12 -28.38 1.70
CA PHE A 1176 18.38 -27.92 1.12
C PHE A 1176 19.18 -27.01 2.05
N GLU A 1177 18.65 -26.71 3.24
CA GLU A 1177 19.35 -25.89 4.23
C GLU A 1177 19.80 -24.55 3.67
N HIS A 1178 18.97 -23.94 2.84
CA HIS A 1178 19.24 -22.62 2.30
C HIS A 1178 18.58 -21.51 3.10
N GLN A 1179 18.42 -21.72 4.41
CA GLN A 1179 17.73 -20.74 5.24
C GLN A 1179 18.46 -19.40 5.25
N GLN A 1180 19.79 -19.44 5.36
CA GLN A 1180 20.56 -18.21 5.45
C GLN A 1180 20.40 -17.36 4.19
N ARG A 1181 20.35 -18.01 3.02
CA ARG A 1181 20.26 -17.26 1.77
C ARG A 1181 18.96 -16.47 1.70
N PHE A 1182 17.84 -17.08 2.12
CA PHE A 1182 16.56 -16.37 2.09
C PHE A 1182 16.54 -15.19 3.03
N LEU A 1183 17.10 -15.35 4.24
CA LEU A 1183 17.23 -14.22 5.14
C LEU A 1183 18.05 -13.11 4.50
N LYS A 1184 19.15 -13.48 3.83
CA LYS A 1184 19.90 -12.51 3.05
C LYS A 1184 19.05 -11.92 1.92
N HIS A 1185 18.27 -12.78 1.25
CA HIS A 1185 17.44 -12.30 0.16
C HIS A 1185 16.34 -11.37 0.66
N ASN A 1186 15.69 -11.72 1.76
CA ASN A 1186 14.65 -10.85 2.30
C ASN A 1186 15.24 -9.56 2.85
N GLU A 1187 16.41 -9.66 3.49
CA GLU A 1187 17.04 -8.51 4.14
C GLU A 1187 17.31 -7.36 3.18
N VAL A 1188 17.59 -7.64 1.91
CA VAL A 1188 17.81 -6.57 0.95
C VAL A 1188 16.51 -6.15 0.27
N ARG A 1189 15.55 -7.07 0.15
CA ARG A 1189 14.28 -6.70 -0.48
C ARG A 1189 13.50 -5.74 0.40
N ILE A 1190 13.47 -6.00 1.71
CA ILE A 1190 12.80 -5.08 2.64
C ILE A 1190 13.53 -3.75 2.68
N ASP A 1191 14.86 -3.80 2.58
CA ASP A 1191 15.65 -2.57 2.50
C ASP A 1191 15.30 -1.77 1.26
N THR A 1192 15.11 -2.46 0.13
CA THR A 1192 14.70 -1.79 -1.09
C THR A 1192 13.35 -1.10 -0.92
N ASN A 1193 12.50 -1.63 -0.04
CA ASN A 1193 11.21 -1.02 0.25
C ASN A 1193 11.38 0.15 1.23
N GLN A 1194 11.93 -0.12 2.41
CA GLN A 1194 11.96 0.89 3.46
C GLN A 1194 12.90 2.03 3.12
N LYS A 1195 13.74 1.87 2.10
CA LYS A 1195 14.61 2.97 1.71
C LYS A 1195 13.85 4.08 1.00
N CYS A 1196 12.60 3.84 0.62
CA CYS A 1196 11.83 4.90 -0.03
C CYS A 1196 10.80 5.50 0.92
N VAL A 1197 10.25 4.69 1.83
CA VAL A 1197 9.28 5.23 2.78
C VAL A 1197 9.95 6.27 3.67
N PHE A 1198 11.20 6.02 4.06
CA PHE A 1198 11.97 7.04 4.77
C PHE A 1198 12.28 8.23 3.88
N SER A 1199 12.32 8.03 2.57
CA SER A 1199 12.67 9.09 1.62
C SER A 1199 11.49 10.01 1.32
N TRP A 1200 10.28 9.61 1.63
CA TRP A 1200 9.21 10.58 1.46
C TRP A 1200 8.77 11.21 2.78
N ILE A 1201 9.16 10.61 3.92
CA ILE A 1201 8.91 11.26 5.20
C ILE A 1201 9.66 12.58 5.25
N THR A 1202 10.94 12.57 4.85
CA THR A 1202 11.71 13.81 4.84
C THR A 1202 11.12 14.81 3.85
N SER A 1203 10.69 14.34 2.69
CA SER A 1203 10.03 15.23 1.74
C SER A 1203 8.77 15.81 2.34
N ASN A 1204 8.01 15.01 3.08
CA ASN A 1204 6.84 15.54 3.77
C ASN A 1204 7.24 16.55 4.84
N ARG A 1205 8.28 16.23 5.61
CA ARG A 1205 8.82 17.22 6.56
C ARG A 1205 9.42 18.42 5.85
N TRP A 1206 9.88 18.23 4.60
CA TRP A 1206 10.46 19.33 3.86
C TRP A 1206 9.48 20.48 3.65
N LEU A 1207 8.18 20.20 3.69
CA LEU A 1207 7.19 21.26 3.53
C LEU A 1207 7.17 22.20 4.72
N ALA A 1208 6.85 21.67 5.91
CA ALA A 1208 6.52 22.52 7.05
C ALA A 1208 7.63 23.52 7.35
N ILE A 1209 8.88 23.07 7.33
CA ILE A 1209 10.00 24.00 7.51
C ILE A 1209 10.03 25.03 6.39
N ARG A 1210 9.88 24.58 5.15
CA ARG A 1210 9.93 25.54 4.05
C ARG A 1210 8.56 26.11 3.69
N LEU A 1211 7.54 25.90 4.53
CA LEU A 1211 6.23 26.46 4.25
C LEU A 1211 5.68 27.24 5.44
N GLU A 1212 6.06 26.89 6.66
CA GLU A 1212 5.68 27.73 7.79
C GLU A 1212 6.50 29.01 7.81
N LEU A 1213 7.72 28.98 7.27
CA LEU A 1213 8.47 30.20 7.04
C LEU A 1213 7.75 31.10 6.04
N VAL A 1214 6.81 30.52 5.29
CA VAL A 1214 5.82 31.31 4.55
C VAL A 1214 4.63 31.64 5.44
N GLY A 1215 4.17 30.68 6.23
CA GLY A 1215 3.07 30.93 7.15
C GLY A 1215 3.44 31.91 8.25
N ASN A 1216 4.69 31.86 8.71
CA ASN A 1216 5.08 32.74 9.81
C ASN A 1216 5.27 34.17 9.32
N LEU A 1217 5.88 34.36 8.16
CA LEU A 1217 6.07 35.72 7.66
C LEU A 1217 4.74 36.41 7.38
N THR A 1218 3.71 35.68 6.95
CA THR A 1218 2.44 36.35 6.67
C THR A 1218 1.72 36.73 7.95
N VAL A 1219 2.12 36.13 9.08
CA VAL A 1219 1.54 36.55 10.35
C VAL A 1219 2.51 37.44 11.12
N PHE A 1220 3.81 37.17 11.01
CA PHE A 1220 4.80 38.01 11.67
C PHE A 1220 4.85 39.40 11.05
N PHE A 1221 4.81 39.47 9.72
CA PHE A 1221 4.80 40.77 9.06
C PHE A 1221 3.61 41.60 9.49
N SER A 1222 2.45 40.97 9.63
CA SER A 1222 1.23 41.65 10.04
C SER A 1222 1.46 42.48 11.29
N ALA A 1223 2.22 41.94 12.24
CA ALA A 1223 2.49 42.66 13.48
C ALA A 1223 3.16 44.00 13.21
N LEU A 1224 4.15 44.04 12.32
CA LEU A 1224 4.82 45.30 12.03
C LEU A 1224 3.88 46.31 11.38
N MET A 1225 3.07 45.87 10.40
CA MET A 1225 2.15 46.82 9.78
C MET A 1225 1.17 47.39 10.79
N MET A 1226 0.62 46.54 11.67
CA MET A 1226 -0.25 47.05 12.73
C MET A 1226 0.50 48.00 13.66
N VAL A 1227 1.73 47.65 14.01
CA VAL A 1227 2.51 48.48 14.92
C VAL A 1227 2.80 49.84 14.28
N ILE A 1228 3.24 49.83 13.02
CA ILE A 1228 3.57 51.08 12.35
C ILE A 1228 2.34 51.83 11.86
N TYR A 1229 1.17 51.19 11.88
CA TYR A 1229 -0.10 51.86 11.63
C TYR A 1229 -0.90 52.07 12.90
N ARG A 1230 -0.24 52.03 14.06
CA ARG A 1230 -0.93 52.18 15.33
C ARG A 1230 -1.56 53.57 15.48
N ASP A 1231 -1.12 54.54 14.67
CA ASP A 1231 -1.64 55.90 14.78
C ASP A 1231 -3.13 55.98 14.40
N THR A 1232 -3.68 54.97 13.75
CA THR A 1232 -5.07 55.00 13.34
C THR A 1232 -5.86 53.76 13.72
N LEU A 1233 -5.21 52.61 13.90
CA LEU A 1233 -5.94 51.41 14.28
C LEU A 1233 -6.28 51.44 15.77
N SER A 1234 -7.24 50.59 16.15
CA SER A 1234 -7.70 50.49 17.53
C SER A 1234 -7.29 49.14 18.11
N GLY A 1235 -7.53 48.99 19.42
CA GLY A 1235 -7.13 47.77 20.10
C GLY A 1235 -7.87 46.54 19.59
N ASP A 1236 -9.17 46.68 19.34
CA ASP A 1236 -9.95 45.54 18.87
C ASP A 1236 -9.56 45.16 17.44
N THR A 1237 -9.16 46.14 16.64
CA THR A 1237 -8.86 45.88 15.23
C THR A 1237 -7.70 44.91 15.07
N VAL A 1238 -6.68 45.05 15.91
CA VAL A 1238 -5.51 44.19 15.77
C VAL A 1238 -5.77 42.79 16.27
N GLY A 1239 -6.92 42.55 16.89
CA GLY A 1239 -7.24 41.23 17.41
C GLY A 1239 -7.53 40.20 16.34
N PHE A 1240 -8.62 40.39 15.59
CA PHE A 1240 -9.03 39.41 14.60
C PHE A 1240 -7.97 39.23 13.51
N VAL A 1241 -7.35 40.33 13.09
CA VAL A 1241 -6.34 40.25 12.03
C VAL A 1241 -5.16 39.42 12.47
N LEU A 1242 -4.96 39.27 13.78
CA LEU A 1242 -3.84 38.49 14.30
C LEU A 1242 -4.26 37.23 15.02
N SER A 1243 -5.46 37.19 15.59
CA SER A 1243 -5.91 36.01 16.34
C SER A 1243 -5.96 34.78 15.45
N ASN A 1244 -6.85 34.79 14.46
CA ASN A 1244 -6.94 33.66 13.54
C ASN A 1244 -5.74 33.58 12.61
N ALA A 1245 -4.89 34.61 12.58
CA ALA A 1245 -3.67 34.54 11.80
C ALA A 1245 -2.71 33.50 12.35
N LEU A 1246 -2.80 33.19 13.64
CA LEU A 1246 -2.03 32.07 14.19
C LEU A 1246 -2.57 30.73 13.73
N ASN A 1247 -3.77 30.68 13.15
CA ASN A 1247 -4.29 29.45 12.58
C ASN A 1247 -3.79 29.21 11.16
N ILE A 1248 -3.01 30.13 10.60
CA ILE A 1248 -2.52 29.96 9.24
C ILE A 1248 -1.58 28.76 9.14
N THR A 1249 -0.61 28.70 10.05
CA THR A 1249 0.48 27.74 9.91
C THR A 1249 -0.02 26.30 9.91
N GLN A 1250 -0.91 25.96 10.85
CA GLN A 1250 -1.30 24.58 11.00
C GLN A 1250 -2.41 24.22 10.00
N THR A 1251 -2.97 25.22 9.31
CA THR A 1251 -4.03 24.94 8.37
C THR A 1251 -3.58 25.14 6.93
N LEU A 1252 -2.67 26.09 6.68
CA LEU A 1252 -2.19 26.30 5.32
C LEU A 1252 -1.47 25.07 4.79
N ASN A 1253 -0.68 24.41 5.64
CA ASN A 1253 -0.04 23.15 5.28
C ASN A 1253 -1.03 22.01 5.12
N TRP A 1254 -2.19 22.08 5.77
CA TRP A 1254 -3.21 21.05 5.54
C TRP A 1254 -3.73 21.12 4.11
N LEU A 1255 -3.66 22.29 3.49
CA LEU A 1255 -4.16 22.45 2.12
C LEU A 1255 -3.34 21.62 1.13
N VAL A 1256 -2.01 21.67 1.25
CA VAL A 1256 -1.17 20.96 0.30
C VAL A 1256 -1.27 19.46 0.50
N ARG A 1257 -1.50 19.01 1.74
CA ARG A 1257 -1.64 17.58 2.02
C ARG A 1257 -2.85 16.99 1.31
N MET A 1258 -3.99 17.69 1.38
CA MET A 1258 -5.15 17.28 0.59
C MET A 1258 -4.85 17.34 -0.91
N THR A 1259 -4.15 18.40 -1.33
CA THR A 1259 -3.80 18.53 -2.75
C THR A 1259 -2.95 17.36 -3.22
N SER A 1260 -2.11 16.80 -2.36
CA SER A 1260 -1.33 15.62 -2.69
C SER A 1260 -2.24 14.41 -2.94
N GLU A 1261 -3.17 14.15 -2.03
CA GLU A 1261 -4.04 12.99 -2.17
C GLU A 1261 -4.98 13.12 -3.36
N ILE A 1262 -5.52 14.31 -3.60
CA ILE A 1262 -6.43 14.49 -4.72
C ILE A 1262 -5.73 14.19 -6.04
N GLU A 1263 -4.51 14.71 -6.20
CA GLU A 1263 -3.76 14.44 -7.42
C GLU A 1263 -3.39 12.97 -7.56
N THR A 1264 -3.42 12.21 -6.48
CA THR A 1264 -3.13 10.79 -6.56
C THR A 1264 -4.39 9.96 -6.78
N ASN A 1265 -5.37 10.09 -5.88
CA ASN A 1265 -6.56 9.26 -5.95
C ASN A 1265 -7.42 9.54 -7.18
N ILE A 1266 -7.17 10.64 -7.89
CA ILE A 1266 -7.99 10.94 -9.06
C ILE A 1266 -7.61 10.03 -10.22
N VAL A 1267 -6.49 9.32 -10.13
CA VAL A 1267 -6.09 8.43 -11.22
C VAL A 1267 -7.08 7.28 -11.37
N ALA A 1268 -7.82 6.97 -10.31
CA ALA A 1268 -8.92 6.02 -10.44
C ALA A 1268 -9.95 6.54 -11.42
N VAL A 1269 -10.29 7.83 -11.32
CA VAL A 1269 -11.21 8.43 -12.28
C VAL A 1269 -10.58 8.52 -13.65
N GLU A 1270 -9.27 8.80 -13.71
CA GLU A 1270 -8.53 8.70 -14.96
C GLU A 1270 -8.77 7.35 -15.62
N ARG A 1271 -8.61 6.28 -14.85
CA ARG A 1271 -8.70 4.94 -15.40
C ARG A 1271 -10.14 4.59 -15.74
N ILE A 1272 -11.10 5.19 -15.04
CA ILE A 1272 -12.50 4.99 -15.40
C ILE A 1272 -12.80 5.59 -16.77
N THR A 1273 -12.29 6.78 -17.04
CA THR A 1273 -12.57 7.46 -18.31
C THR A 1273 -12.00 6.67 -19.48
N GLU A 1274 -10.84 6.03 -19.30
CA GLU A 1274 -10.22 5.27 -20.37
C GLU A 1274 -11.11 4.11 -20.81
N TYR A 1275 -11.69 3.40 -19.84
CA TYR A 1275 -12.51 2.24 -20.18
C TYR A 1275 -13.92 2.63 -20.63
N THR A 1276 -14.40 3.79 -20.21
CA THR A 1276 -15.75 4.19 -20.59
C THR A 1276 -15.83 4.83 -21.96
N LYS A 1277 -14.69 5.00 -22.65
CA LYS A 1277 -14.67 5.56 -23.99
C LYS A 1277 -14.24 4.54 -25.04
N VAL A 1278 -14.23 3.25 -24.71
CA VAL A 1278 -13.80 2.21 -25.64
C VAL A 1278 -14.86 2.02 -26.72
N GLU A 1279 -14.52 1.25 -27.74
CA GLU A 1279 -15.36 1.11 -28.93
C GLU A 1279 -16.59 0.24 -28.63
N ASN A 1280 -17.38 0.00 -29.67
CA ASN A 1280 -18.66 -0.69 -29.55
C ASN A 1280 -18.89 -1.50 -30.82
N GLU A 1281 -19.71 -2.55 -30.70
CA GLU A 1281 -20.09 -3.35 -31.86
C GLU A 1281 -21.24 -2.67 -32.58
N ALA A 1282 -21.88 -3.41 -33.48
CA ALA A 1282 -23.16 -2.99 -34.05
C ALA A 1282 -24.22 -3.07 -32.95
N PRO A 1283 -25.32 -2.32 -33.06
CA PRO A 1283 -26.35 -2.37 -32.02
C PRO A 1283 -26.97 -3.76 -31.91
N TRP A 1284 -27.44 -4.07 -30.70
CA TRP A 1284 -28.07 -5.38 -30.47
C TRP A 1284 -29.29 -5.60 -31.35
N VAL A 1285 -30.14 -4.57 -31.49
CA VAL A 1285 -31.35 -4.66 -32.30
C VAL A 1285 -31.33 -3.54 -33.32
N THR A 1286 -31.52 -3.89 -34.59
CA THR A 1286 -31.58 -2.92 -35.67
C THR A 1286 -33.02 -2.75 -36.14
N ASP A 1287 -33.22 -1.74 -36.98
CA ASP A 1287 -34.55 -1.47 -37.52
C ASP A 1287 -35.04 -2.59 -38.42
N LYS A 1288 -34.14 -3.36 -39.02
CA LYS A 1288 -34.52 -4.44 -39.92
C LYS A 1288 -34.53 -5.76 -39.15
N ARG A 1289 -35.57 -5.93 -38.34
CA ARG A 1289 -35.72 -7.15 -37.56
C ARG A 1289 -36.08 -8.32 -38.48
N PRO A 1290 -35.60 -9.53 -38.17
CA PRO A 1290 -35.96 -10.70 -38.98
C PRO A 1290 -37.36 -11.16 -38.67
N PRO A 1291 -37.98 -11.95 -39.56
CA PRO A 1291 -39.30 -12.51 -39.27
C PRO A 1291 -39.25 -13.41 -38.05
N PRO A 1292 -40.35 -13.50 -37.30
CA PRO A 1292 -40.33 -14.32 -36.07
C PRO A 1292 -39.99 -15.78 -36.32
N ASP A 1293 -40.45 -16.37 -37.42
CA ASP A 1293 -40.15 -17.75 -37.76
C ASP A 1293 -38.72 -17.95 -38.23
N TRP A 1294 -38.06 -16.90 -38.67
CA TRP A 1294 -36.67 -16.93 -39.13
C TRP A 1294 -35.74 -17.31 -37.97
N PRO A 1295 -34.83 -18.26 -38.18
CA PRO A 1295 -34.61 -19.06 -39.41
C PRO A 1295 -35.63 -20.18 -39.56
N SER A 1296 -36.04 -20.49 -40.79
CA SER A 1296 -37.01 -21.54 -41.02
C SER A 1296 -36.38 -22.79 -41.62
N LYS A 1297 -35.42 -22.63 -42.52
CA LYS A 1297 -34.75 -23.74 -43.17
C LYS A 1297 -33.33 -23.97 -42.68
N GLY A 1298 -32.68 -22.94 -42.14
CA GLY A 1298 -31.31 -23.09 -41.67
C GLY A 1298 -30.26 -23.15 -42.76
N LYS A 1299 -30.60 -22.72 -43.97
CA LYS A 1299 -29.63 -22.73 -45.06
C LYS A 1299 -28.55 -21.69 -44.80
N ILE A 1300 -27.31 -22.06 -45.07
CA ILE A 1300 -26.15 -21.22 -44.80
C ILE A 1300 -25.39 -21.04 -46.10
N GLN A 1301 -25.05 -19.79 -46.42
CA GLN A 1301 -24.31 -19.47 -47.65
C GLN A 1301 -23.11 -18.60 -47.30
N PHE A 1302 -21.94 -19.01 -47.76
CA PHE A 1302 -20.71 -18.25 -47.61
C PHE A 1302 -20.26 -17.71 -48.95
N ASN A 1303 -19.86 -16.44 -48.97
CA ASN A 1303 -19.39 -15.77 -50.18
C ASN A 1303 -18.08 -15.06 -49.83
N ASN A 1304 -16.96 -15.56 -50.38
CA ASN A 1304 -15.63 -14.97 -50.32
C ASN A 1304 -15.35 -14.24 -49.01
N TYR A 1305 -15.46 -14.95 -47.90
CA TYR A 1305 -15.46 -14.34 -46.58
C TYR A 1305 -14.04 -14.31 -46.01
N GLN A 1306 -13.58 -13.11 -45.62
CA GLN A 1306 -12.26 -12.94 -45.02
C GLN A 1306 -12.39 -12.15 -43.73
N VAL A 1307 -11.63 -12.56 -42.71
CA VAL A 1307 -11.59 -11.88 -41.42
C VAL A 1307 -10.16 -11.91 -40.89
N ARG A 1308 -9.90 -11.05 -39.89
CA ARG A 1308 -8.63 -11.04 -39.19
C ARG A 1308 -8.89 -10.77 -37.71
N TYR A 1309 -8.03 -11.31 -36.85
CA TYR A 1309 -8.17 -11.09 -35.42
C TYR A 1309 -7.97 -9.62 -35.05
N ARG A 1310 -6.95 -8.98 -35.63
CA ARG A 1310 -6.66 -7.58 -35.38
C ARG A 1310 -6.27 -6.91 -36.69
N PRO A 1311 -6.54 -5.61 -36.82
CA PRO A 1311 -6.18 -4.92 -38.07
C PRO A 1311 -4.70 -4.99 -38.41
N GLU A 1312 -3.83 -4.98 -37.40
CA GLU A 1312 -2.40 -5.12 -37.64
C GLU A 1312 -1.99 -6.57 -37.93
N LEU A 1313 -2.87 -7.52 -37.68
CA LEU A 1313 -2.57 -8.94 -37.91
C LEU A 1313 -3.07 -9.36 -39.29
N ASP A 1314 -2.50 -10.46 -39.79
CA ASP A 1314 -2.84 -10.97 -41.10
C ASP A 1314 -4.21 -11.61 -41.10
N LEU A 1315 -4.70 -11.91 -42.30
CA LEU A 1315 -6.02 -12.52 -42.45
C LEU A 1315 -5.95 -14.01 -42.12
N VAL A 1316 -6.58 -14.39 -41.00
CA VAL A 1316 -6.64 -15.78 -40.62
C VAL A 1316 -7.53 -16.57 -41.58
N LEU A 1317 -8.62 -15.97 -42.04
CA LEU A 1317 -9.53 -16.59 -43.00
C LEU A 1317 -9.30 -15.96 -44.37
N ARG A 1318 -9.34 -16.80 -45.41
CA ARG A 1318 -8.90 -16.35 -46.73
C ARG A 1318 -9.92 -16.58 -47.83
N GLY A 1319 -11.17 -16.16 -47.60
CA GLY A 1319 -12.14 -16.14 -48.69
C GLY A 1319 -12.91 -17.42 -48.92
N ILE A 1320 -13.59 -17.92 -47.89
CA ILE A 1320 -14.35 -19.15 -48.02
C ILE A 1320 -15.66 -18.87 -48.74
N THR A 1321 -15.95 -19.65 -49.78
CA THR A 1321 -17.22 -19.57 -50.49
C THR A 1321 -17.82 -20.97 -50.51
N CYS A 1322 -18.87 -21.17 -49.69
CA CYS A 1322 -19.50 -22.48 -49.58
C CYS A 1322 -20.98 -22.29 -49.32
N ASP A 1323 -21.76 -23.32 -49.63
CA ASP A 1323 -23.21 -23.32 -49.43
C ASP A 1323 -23.57 -24.52 -48.57
N ILE A 1324 -24.34 -24.28 -47.51
CA ILE A 1324 -24.82 -25.32 -46.63
C ILE A 1324 -26.32 -25.50 -46.88
N GLY A 1325 -26.70 -26.67 -47.38
CA GLY A 1325 -28.10 -26.95 -47.64
C GLY A 1325 -28.89 -27.13 -46.37
N SER A 1326 -30.21 -27.05 -46.52
CA SER A 1326 -31.12 -27.23 -45.40
C SER A 1326 -31.05 -28.67 -44.91
N MET A 1327 -31.11 -28.84 -43.58
CA MET A 1327 -31.10 -30.15 -42.93
C MET A 1327 -29.82 -30.93 -43.21
N GLU A 1328 -28.71 -30.23 -43.47
CA GLU A 1328 -27.46 -30.88 -43.81
C GLU A 1328 -26.53 -30.95 -42.59
N LYS A 1329 -25.92 -32.11 -42.38
CA LYS A 1329 -24.97 -32.30 -41.30
C LYS A 1329 -23.56 -32.20 -41.88
N ILE A 1330 -22.80 -31.20 -41.43
CA ILE A 1330 -21.47 -30.93 -41.96
C ILE A 1330 -20.47 -31.01 -40.81
N GLY A 1331 -19.42 -31.81 -41.00
CA GLY A 1331 -18.31 -31.83 -40.07
C GLY A 1331 -17.11 -31.14 -40.68
N VAL A 1332 -16.37 -30.40 -39.86
CA VAL A 1332 -15.22 -29.62 -40.32
C VAL A 1332 -13.96 -30.27 -39.77
N VAL A 1333 -13.01 -30.56 -40.65
CA VAL A 1333 -11.74 -31.15 -40.27
C VAL A 1333 -10.61 -30.23 -40.72
N GLY A 1334 -9.43 -30.46 -40.17
CA GLY A 1334 -8.27 -29.66 -40.53
C GLY A 1334 -7.27 -29.64 -39.39
N ARG A 1335 -6.15 -28.97 -39.66
CA ARG A 1335 -5.11 -28.84 -38.66
C ARG A 1335 -5.52 -27.84 -37.58
N THR A 1336 -4.75 -27.83 -36.50
CA THR A 1336 -5.05 -26.93 -35.38
C THR A 1336 -4.88 -25.47 -35.79
N GLY A 1337 -5.80 -24.63 -35.31
CA GLY A 1337 -5.76 -23.22 -35.64
C GLY A 1337 -5.94 -22.88 -37.10
N ALA A 1338 -6.64 -23.73 -37.85
CA ALA A 1338 -6.87 -23.49 -39.26
C ALA A 1338 -8.14 -22.68 -39.46
N GLY A 1339 -8.53 -21.93 -38.44
CA GLY A 1339 -9.74 -21.12 -38.53
C GLY A 1339 -11.02 -21.86 -38.25
N LYS A 1340 -10.94 -23.12 -37.81
CA LYS A 1340 -12.13 -23.89 -37.49
C LYS A 1340 -12.91 -23.21 -36.37
N SER A 1341 -12.20 -22.82 -35.31
CA SER A 1341 -12.84 -22.05 -34.25
C SER A 1341 -13.20 -20.64 -34.71
N SER A 1342 -12.39 -20.06 -35.60
CA SER A 1342 -12.68 -18.73 -36.12
C SER A 1342 -13.99 -18.71 -36.91
N LEU A 1343 -14.23 -19.75 -37.71
CA LEU A 1343 -15.44 -19.78 -38.54
C LEU A 1343 -16.70 -19.77 -37.69
N THR A 1344 -16.69 -20.52 -36.58
CA THR A 1344 -17.83 -20.50 -35.66
C THR A 1344 -18.02 -19.10 -35.09
N ASN A 1345 -16.93 -18.42 -34.75
CA ASN A 1345 -17.03 -17.04 -34.28
C ASN A 1345 -17.59 -16.13 -35.36
N CYS A 1346 -17.22 -16.36 -36.61
CA CYS A 1346 -17.76 -15.57 -37.72
C CYS A 1346 -19.27 -15.78 -37.85
N LEU A 1347 -19.73 -17.02 -37.66
CA LEU A 1347 -21.15 -17.31 -37.79
C LEU A 1347 -21.98 -16.52 -36.79
N PHE A 1348 -21.50 -16.39 -35.56
CA PHE A 1348 -22.19 -15.61 -34.54
C PHE A 1348 -21.76 -14.16 -34.53
N ARG A 1349 -20.89 -13.76 -35.46
CA ARG A 1349 -20.40 -12.38 -35.59
C ARG A 1349 -19.65 -11.94 -34.34
N ILE A 1350 -18.67 -12.75 -33.93
CA ILE A 1350 -17.65 -12.27 -33.01
C ILE A 1350 -16.55 -11.51 -33.74
N LEU A 1351 -15.99 -12.11 -34.79
CA LEU A 1351 -15.01 -11.44 -35.62
C LEU A 1351 -15.72 -10.83 -36.82
N GLU A 1352 -15.80 -9.50 -36.86
CA GLU A 1352 -16.56 -8.83 -37.90
C GLU A 1352 -15.90 -8.98 -39.26
N ALA A 1353 -16.72 -8.83 -40.30
CA ALA A 1353 -16.28 -9.14 -41.65
C ALA A 1353 -15.26 -8.12 -42.16
N ALA A 1354 -14.04 -8.59 -42.40
CA ALA A 1354 -13.06 -7.80 -43.14
C ALA A 1354 -13.36 -7.77 -44.63
N GLY A 1355 -13.97 -8.82 -45.16
CA GLY A 1355 -14.38 -8.86 -46.54
C GLY A 1355 -15.29 -10.05 -46.78
N GLY A 1356 -16.19 -9.87 -47.74
CA GLY A 1356 -17.19 -10.89 -48.01
C GLY A 1356 -18.42 -10.71 -47.14
N GLN A 1357 -19.28 -11.74 -47.16
CA GLN A 1357 -20.54 -11.70 -46.44
C GLN A 1357 -21.01 -13.12 -46.16
N ILE A 1358 -21.95 -13.22 -45.22
CA ILE A 1358 -22.67 -14.45 -44.93
C ILE A 1358 -24.16 -14.19 -45.12
N ILE A 1359 -24.80 -15.03 -45.91
CA ILE A 1359 -26.23 -14.94 -46.16
C ILE A 1359 -26.90 -16.21 -45.64
N ILE A 1360 -27.88 -16.04 -44.76
CA ILE A 1360 -28.56 -17.17 -44.13
C ILE A 1360 -30.02 -17.10 -44.54
N ASP A 1361 -30.51 -18.18 -45.16
CA ASP A 1361 -31.91 -18.25 -45.61
C ASP A 1361 -32.27 -17.07 -46.50
N GLY A 1362 -31.32 -16.64 -47.33
CA GLY A 1362 -31.53 -15.50 -48.20
C GLY A 1362 -31.47 -14.15 -47.54
N VAL A 1363 -31.02 -14.09 -46.28
CA VAL A 1363 -30.96 -12.83 -45.53
C VAL A 1363 -29.54 -12.64 -45.03
N ASP A 1364 -28.98 -11.46 -45.30
CA ASP A 1364 -27.64 -11.12 -44.83
C ASP A 1364 -27.66 -10.88 -43.32
N ILE A 1365 -26.68 -11.43 -42.61
CA ILE A 1365 -26.62 -11.27 -41.17
C ILE A 1365 -25.99 -9.94 -40.78
N ALA A 1366 -25.31 -9.28 -41.71
CA ALA A 1366 -24.68 -7.99 -41.40
C ALA A 1366 -25.69 -6.91 -41.06
N SER A 1367 -26.82 -6.84 -41.77
CA SER A 1367 -27.81 -5.80 -41.53
C SER A 1367 -28.65 -6.04 -40.28
N ILE A 1368 -28.54 -7.22 -39.67
CA ILE A 1368 -29.35 -7.54 -38.50
C ILE A 1368 -28.50 -7.35 -37.24
N GLY A 1369 -29.16 -6.96 -36.16
CA GLY A 1369 -28.46 -6.74 -34.91
C GLY A 1369 -27.98 -8.03 -34.28
N LEU A 1370 -27.04 -7.89 -33.35
CA LEU A 1370 -26.47 -9.05 -32.68
C LEU A 1370 -27.51 -9.80 -31.85
N HIS A 1371 -28.32 -9.05 -31.10
CA HIS A 1371 -29.30 -9.69 -30.23
C HIS A 1371 -30.52 -10.16 -31.01
N ASP A 1372 -30.58 -9.83 -32.30
CA ASP A 1372 -31.65 -10.37 -33.13
C ASP A 1372 -31.24 -11.66 -33.82
N LEU A 1373 -29.97 -12.09 -33.64
CA LEU A 1373 -29.51 -13.29 -34.33
C LEU A 1373 -28.95 -14.33 -33.36
N ARG A 1374 -28.34 -13.86 -32.26
CA ARG A 1374 -27.69 -14.79 -31.33
C ARG A 1374 -28.71 -15.63 -30.55
N GLU A 1375 -29.98 -15.22 -30.52
CA GLU A 1375 -30.98 -16.04 -29.85
C GLU A 1375 -31.38 -17.24 -30.71
N LYS A 1376 -31.20 -17.16 -32.01
CA LYS A 1376 -31.67 -18.17 -32.95
C LYS A 1376 -30.63 -19.23 -33.27
N LEU A 1377 -29.42 -19.12 -32.73
CA LEU A 1377 -28.34 -20.05 -33.03
C LEU A 1377 -27.74 -20.57 -31.73
N THR A 1378 -27.34 -21.83 -31.73
CA THR A 1378 -26.87 -22.51 -30.52
C THR A 1378 -25.50 -23.13 -30.74
N ILE A 1379 -24.65 -23.03 -29.73
CA ILE A 1379 -23.30 -23.58 -29.73
C ILE A 1379 -23.09 -24.35 -28.44
N ILE A 1380 -22.39 -25.48 -28.53
CA ILE A 1380 -21.96 -26.23 -27.35
C ILE A 1380 -20.45 -26.02 -27.20
N PRO A 1381 -20.00 -25.18 -26.27
CA PRO A 1381 -18.59 -24.82 -26.24
C PRO A 1381 -17.72 -25.99 -25.78
N GLN A 1382 -16.45 -25.93 -26.18
CA GLN A 1382 -15.48 -26.93 -25.76
C GLN A 1382 -15.16 -26.81 -24.28
N ASP A 1383 -15.16 -25.59 -23.74
CA ASP A 1383 -14.81 -25.35 -22.35
C ASP A 1383 -16.08 -25.02 -21.57
N PRO A 1384 -16.47 -25.86 -20.60
CA PRO A 1384 -17.74 -25.63 -19.90
C PRO A 1384 -17.66 -24.58 -18.81
N ILE A 1385 -17.76 -23.31 -19.12
CA ILE A 1385 -17.86 -22.33 -18.05
C ILE A 1385 -19.30 -22.25 -17.57
N LEU A 1386 -19.49 -22.32 -16.26
CA LEU A 1386 -20.80 -22.27 -15.65
C LEU A 1386 -20.86 -21.15 -14.63
N PHE A 1387 -22.08 -20.79 -14.25
CA PHE A 1387 -22.35 -19.56 -13.53
C PHE A 1387 -22.68 -19.87 -12.07
N SER A 1388 -21.99 -19.19 -11.16
CA SER A 1388 -22.24 -19.40 -9.74
C SER A 1388 -23.67 -19.01 -9.40
N GLY A 1389 -24.35 -19.90 -8.69
CA GLY A 1389 -25.74 -19.72 -8.33
C GLY A 1389 -26.47 -21.03 -8.40
N SER A 1390 -27.79 -20.97 -8.53
CA SER A 1390 -28.59 -22.17 -8.62
C SER A 1390 -28.41 -22.85 -9.96
N LEU A 1391 -28.84 -24.12 -10.04
CA LEU A 1391 -28.80 -24.82 -11.31
C LEU A 1391 -29.74 -24.18 -12.33
N ARG A 1392 -30.92 -23.76 -11.89
CA ARG A 1392 -31.93 -23.28 -12.82
C ARG A 1392 -31.47 -22.01 -13.53
N MET A 1393 -30.85 -21.08 -12.79
CA MET A 1393 -30.37 -19.85 -13.42
C MET A 1393 -29.27 -20.15 -14.43
N ASN A 1394 -28.48 -21.20 -14.18
CA ASN A 1394 -27.49 -21.63 -15.17
C ASN A 1394 -28.14 -22.10 -16.46
N LEU A 1395 -29.36 -22.62 -16.39
CA LEU A 1395 -30.06 -23.10 -17.58
C LEU A 1395 -30.92 -22.02 -18.22
N ASP A 1396 -31.78 -21.37 -17.43
CA ASP A 1396 -32.70 -20.37 -17.96
C ASP A 1396 -32.60 -19.10 -17.10
N PRO A 1397 -31.57 -18.29 -17.34
CA PRO A 1397 -31.46 -17.00 -16.62
C PRO A 1397 -32.66 -16.09 -16.84
N PHE A 1398 -33.23 -16.05 -18.04
CA PHE A 1398 -34.40 -15.23 -18.32
C PHE A 1398 -35.68 -15.81 -17.74
N ASN A 1399 -35.65 -17.04 -17.24
CA ASN A 1399 -36.83 -17.71 -16.70
C ASN A 1399 -37.95 -17.74 -17.74
N ASN A 1400 -37.58 -18.11 -18.98
CA ASN A 1400 -38.56 -18.18 -20.06
C ASN A 1400 -39.17 -19.55 -20.22
N TYR A 1401 -38.69 -20.55 -19.47
CA TYR A 1401 -39.16 -21.92 -19.61
C TYR A 1401 -39.51 -22.50 -18.24
N SER A 1402 -40.48 -23.41 -18.26
CA SER A 1402 -40.98 -24.00 -17.02
C SER A 1402 -40.02 -25.05 -16.48
N ASP A 1403 -40.23 -25.43 -15.21
CA ASP A 1403 -39.42 -26.46 -14.59
C ASP A 1403 -39.59 -27.81 -15.29
N GLU A 1404 -40.82 -28.16 -15.67
CA GLU A 1404 -41.05 -29.43 -16.35
C GLU A 1404 -40.33 -29.47 -17.70
N GLU A 1405 -40.28 -28.33 -18.40
CA GLU A 1405 -39.46 -28.25 -19.60
C GLU A 1405 -37.99 -28.43 -19.28
N ILE A 1406 -37.53 -27.82 -18.19
CA ILE A 1406 -36.15 -28.01 -17.74
C ILE A 1406 -35.92 -29.45 -17.33
N TRP A 1407 -36.86 -30.02 -16.57
CA TRP A 1407 -36.78 -31.44 -16.22
C TRP A 1407 -36.83 -32.31 -17.46
N LYS A 1408 -37.60 -31.90 -18.47
CA LYS A 1408 -37.63 -32.62 -19.74
C LYS A 1408 -36.25 -32.57 -20.41
N ALA A 1409 -35.59 -31.42 -20.36
CA ALA A 1409 -34.25 -31.32 -20.94
C ALA A 1409 -33.25 -32.17 -20.17
N LEU A 1410 -33.36 -32.20 -18.84
CA LEU A 1410 -32.40 -32.95 -18.03
C LEU A 1410 -32.47 -34.45 -18.30
N GLU A 1411 -33.68 -35.01 -18.42
CA GLU A 1411 -33.80 -36.44 -18.71
C GLU A 1411 -33.32 -36.75 -20.13
N LEU A 1412 -33.57 -35.84 -21.07
CA LEU A 1412 -33.01 -36.00 -22.41
C LEU A 1412 -31.49 -35.94 -22.38
N ALA A 1413 -30.93 -35.05 -21.57
CA ALA A 1413 -29.50 -34.97 -21.36
C ALA A 1413 -29.00 -36.02 -20.36
N HIS A 1414 -29.90 -36.84 -19.84
CA HIS A 1414 -29.58 -37.93 -18.91
C HIS A 1414 -29.03 -37.42 -17.59
N LEU A 1415 -29.45 -36.24 -17.16
CA LEU A 1415 -29.09 -35.70 -15.85
C LEU A 1415 -30.21 -35.79 -14.83
N LYS A 1416 -31.35 -36.38 -15.19
CA LYS A 1416 -32.47 -36.43 -14.27
C LYS A 1416 -32.12 -37.21 -13.01
N SER A 1417 -31.39 -38.31 -13.17
CA SER A 1417 -30.98 -39.10 -12.01
C SER A 1417 -30.01 -38.31 -11.11
N PHE A 1418 -29.05 -37.61 -11.73
CA PHE A 1418 -28.05 -36.90 -10.94
C PHE A 1418 -28.64 -35.68 -10.25
N VAL A 1419 -29.42 -34.89 -11.00
CA VAL A 1419 -30.00 -33.66 -10.42
C VAL A 1419 -30.99 -34.01 -9.33
N ALA A 1420 -31.84 -35.02 -9.54
CA ALA A 1420 -32.74 -35.46 -8.49
C ALA A 1420 -32.00 -36.00 -7.29
N SER A 1421 -30.83 -36.63 -7.52
CA SER A 1421 -30.01 -37.10 -6.40
C SER A 1421 -29.51 -35.95 -5.54
N LEU A 1422 -29.39 -34.74 -6.11
CA LEU A 1422 -29.01 -33.57 -5.33
C LEU A 1422 -30.13 -33.22 -4.35
N GLN A 1423 -29.75 -32.76 -3.16
CA GLN A 1423 -30.72 -32.50 -2.11
C GLN A 1423 -31.68 -31.38 -2.49
N LEU A 1424 -31.19 -30.31 -3.08
CA LEU A 1424 -32.00 -29.14 -3.40
C LEU A 1424 -32.56 -29.17 -4.82
N GLY A 1425 -32.27 -30.21 -5.58
CA GLY A 1425 -32.86 -30.34 -6.90
C GLY A 1425 -32.43 -29.24 -7.84
N LEU A 1426 -33.39 -28.66 -8.56
CA LEU A 1426 -33.07 -27.65 -9.57
C LEU A 1426 -32.53 -26.37 -8.95
N SER A 1427 -32.71 -26.16 -7.65
CA SER A 1427 -32.21 -24.97 -6.98
C SER A 1427 -30.81 -25.16 -6.42
N HIS A 1428 -30.19 -26.32 -6.65
CA HIS A 1428 -28.87 -26.60 -6.08
C HIS A 1428 -27.85 -25.56 -6.52
N GLU A 1429 -27.05 -25.10 -5.58
CA GLU A 1429 -26.07 -24.04 -5.81
C GLU A 1429 -24.95 -24.58 -6.69
N VAL A 1430 -24.37 -23.71 -7.51
CA VAL A 1430 -23.23 -24.08 -8.34
C VAL A 1430 -22.00 -23.35 -7.86
N THR A 1431 -20.93 -24.09 -7.57
CA THR A 1431 -19.68 -23.49 -7.15
C THR A 1431 -19.05 -22.71 -8.31
N GLU A 1432 -17.95 -22.03 -8.01
CA GLU A 1432 -17.25 -21.23 -9.00
C GLU A 1432 -16.75 -22.13 -10.13
N ALA A 1433 -17.07 -21.73 -11.37
CA ALA A 1433 -16.72 -22.50 -12.58
C ALA A 1433 -17.22 -23.94 -12.51
N GLY A 1434 -18.30 -24.18 -11.77
CA GLY A 1434 -18.81 -25.52 -11.62
C GLY A 1434 -17.83 -26.49 -10.96
N GLY A 1435 -17.13 -26.05 -9.94
CA GLY A 1435 -16.11 -26.88 -9.29
C GLY A 1435 -16.69 -28.08 -8.56
N ASN A 1436 -17.98 -28.04 -8.25
CA ASN A 1436 -18.64 -29.12 -7.55
C ASN A 1436 -19.16 -30.21 -8.48
N LEU A 1437 -18.97 -30.07 -9.79
CA LEU A 1437 -19.44 -31.03 -10.77
C LEU A 1437 -18.30 -31.48 -11.67
N SER A 1438 -18.43 -32.68 -12.24
CA SER A 1438 -17.37 -33.27 -13.03
C SER A 1438 -17.32 -32.66 -14.42
N ILE A 1439 -16.27 -33.02 -15.17
CA ILE A 1439 -16.10 -32.52 -16.53
C ILE A 1439 -17.24 -33.00 -17.42
N GLY A 1440 -17.56 -34.29 -17.34
CA GLY A 1440 -18.60 -34.83 -18.21
C GLY A 1440 -19.98 -34.25 -17.91
N GLN A 1441 -20.26 -34.00 -16.64
CA GLN A 1441 -21.53 -33.39 -16.27
C GLN A 1441 -21.69 -32.01 -16.92
N ARG A 1442 -20.60 -31.24 -16.94
CA ARG A 1442 -20.65 -29.90 -17.51
C ARG A 1442 -20.89 -29.92 -19.02
N GLN A 1443 -20.22 -30.83 -19.74
CA GLN A 1443 -20.60 -31.11 -21.12
C GLN A 1443 -22.06 -31.51 -21.21
N LEU A 1444 -22.49 -32.42 -20.34
CA LEU A 1444 -23.88 -32.86 -20.37
C LEU A 1444 -24.83 -31.73 -19.97
N LEU A 1445 -24.43 -30.89 -19.03
CA LEU A 1445 -25.29 -29.78 -18.61
C LEU A 1445 -25.46 -28.75 -19.72
N CYS A 1446 -24.37 -28.37 -20.38
CA CYS A 1446 -24.47 -27.42 -21.48
C CYS A 1446 -25.26 -28.02 -22.64
N LEU A 1447 -25.27 -29.35 -22.75
CA LEU A 1447 -26.10 -30.01 -23.76
C LEU A 1447 -27.58 -29.79 -23.46
N GLY A 1448 -27.93 -29.73 -22.18
CA GLY A 1448 -29.30 -29.40 -21.82
C GLY A 1448 -29.71 -28.01 -22.27
N ARG A 1449 -28.74 -27.09 -22.32
CA ARG A 1449 -29.01 -25.76 -22.84
C ARG A 1449 -29.44 -25.82 -24.31
N ALA A 1450 -28.74 -26.63 -25.10
CA ALA A 1450 -29.09 -26.75 -26.52
C ALA A 1450 -30.47 -27.36 -26.70
N LEU A 1451 -30.79 -28.40 -25.93
CA LEU A 1451 -32.13 -28.98 -26.00
C LEU A 1451 -33.20 -27.98 -25.58
N LEU A 1452 -32.86 -27.06 -24.69
CA LEU A 1452 -33.83 -26.08 -24.24
C LEU A 1452 -34.21 -25.11 -25.35
N ARG A 1453 -33.23 -24.67 -26.14
CA ARG A 1453 -33.48 -23.62 -27.12
C ARG A 1453 -34.12 -24.17 -28.39
N LYS A 1454 -33.71 -25.35 -28.84
CA LYS A 1454 -34.25 -25.98 -30.05
C LYS A 1454 -34.09 -25.08 -31.27
N SER A 1455 -32.91 -24.47 -31.38
CA SER A 1455 -32.64 -23.60 -32.52
C SER A 1455 -32.50 -24.41 -33.81
N LYS A 1456 -32.91 -23.80 -34.92
CA LYS A 1456 -32.78 -24.45 -36.22
C LYS A 1456 -31.32 -24.69 -36.60
N ILE A 1457 -30.40 -23.87 -36.13
CA ILE A 1457 -28.98 -24.00 -36.45
C ILE A 1457 -28.23 -24.39 -35.19
N LEU A 1458 -27.51 -25.50 -35.27
CA LEU A 1458 -26.71 -26.01 -34.16
C LEU A 1458 -25.27 -26.19 -34.62
N VAL A 1459 -24.32 -25.86 -33.76
CA VAL A 1459 -22.90 -25.93 -34.09
C VAL A 1459 -22.17 -26.69 -32.98
N LEU A 1460 -21.28 -27.59 -33.38
CA LEU A 1460 -20.46 -28.36 -32.45
C LEU A 1460 -19.00 -28.03 -32.74
N ASP A 1461 -18.24 -27.70 -31.69
CA ASP A 1461 -16.82 -27.38 -31.82
C ASP A 1461 -16.05 -28.04 -30.67
N GLU A 1462 -15.55 -29.25 -30.94
CA GLU A 1462 -14.74 -30.00 -29.97
C GLU A 1462 -15.47 -30.16 -28.64
N ALA A 1463 -16.76 -30.50 -28.72
CA ALA A 1463 -17.58 -30.64 -27.52
C ALA A 1463 -17.26 -31.91 -26.73
N THR A 1464 -16.55 -32.87 -27.34
CA THR A 1464 -16.23 -34.13 -26.67
C THR A 1464 -14.72 -34.33 -26.49
N ALA A 1465 -13.96 -33.25 -26.29
CA ALA A 1465 -12.53 -33.39 -26.11
C ALA A 1465 -12.19 -34.10 -24.80
N ALA A 1466 -12.78 -33.64 -23.69
CA ALA A 1466 -12.51 -34.20 -22.37
C ALA A 1466 -13.66 -35.06 -21.86
N VAL A 1467 -14.29 -35.84 -22.75
CA VAL A 1467 -15.44 -36.65 -22.41
C VAL A 1467 -15.08 -38.12 -22.57
N ASP A 1468 -15.45 -38.93 -21.59
CA ASP A 1468 -15.25 -40.37 -21.70
C ASP A 1468 -16.11 -40.94 -22.82
N LEU A 1469 -15.70 -42.11 -23.31
CA LEU A 1469 -16.37 -42.70 -24.46
C LEU A 1469 -17.83 -43.03 -24.16
N GLU A 1470 -18.14 -43.42 -22.92
CA GLU A 1470 -19.52 -43.73 -22.57
C GLU A 1470 -20.41 -42.50 -22.70
N THR A 1471 -19.99 -41.39 -22.09
CA THR A 1471 -20.77 -40.15 -22.20
C THR A 1471 -20.69 -39.56 -23.60
N ASP A 1472 -19.55 -39.74 -24.28
CA ASP A 1472 -19.44 -39.27 -25.66
C ASP A 1472 -20.49 -39.92 -26.53
N ASN A 1473 -20.68 -41.23 -26.39
CA ASN A 1473 -21.76 -41.90 -27.09
C ASN A 1473 -23.12 -41.35 -26.66
N LEU A 1474 -23.29 -41.10 -25.37
CA LEU A 1474 -24.53 -40.50 -24.88
C LEU A 1474 -24.71 -39.10 -25.46
N ILE A 1475 -23.63 -38.31 -25.50
CA ILE A 1475 -23.70 -36.98 -26.09
C ILE A 1475 -23.97 -37.10 -27.59
N GLN A 1476 -23.26 -38.00 -28.27
CA GLN A 1476 -23.46 -38.17 -29.71
C GLN A 1476 -24.87 -38.67 -30.00
N THR A 1477 -25.36 -39.61 -29.20
CA THR A 1477 -26.71 -40.15 -29.44
C THR A 1477 -27.75 -39.06 -29.37
N THR A 1478 -27.54 -38.06 -28.51
CA THR A 1478 -28.51 -36.97 -28.38
C THR A 1478 -28.51 -36.09 -29.61
N ILE A 1479 -27.50 -36.24 -30.48
CA ILE A 1479 -27.39 -35.36 -31.64
C ILE A 1479 -28.34 -35.78 -32.74
N GLN A 1480 -28.24 -37.03 -33.20
CA GLN A 1480 -29.02 -37.43 -34.38
C GLN A 1480 -30.51 -37.52 -34.07
N ASN A 1481 -30.86 -37.77 -32.81
CA ASN A 1481 -32.26 -37.97 -32.45
C ASN A 1481 -32.98 -36.64 -32.22
N GLU A 1482 -32.45 -35.81 -31.32
CA GLU A 1482 -33.14 -34.59 -30.95
C GLU A 1482 -32.73 -33.39 -31.80
N PHE A 1483 -31.76 -33.57 -32.70
CA PHE A 1483 -31.35 -32.51 -33.61
C PHE A 1483 -31.38 -32.94 -35.07
N ALA A 1484 -32.20 -33.95 -35.39
CA ALA A 1484 -32.35 -34.36 -36.79
C ALA A 1484 -32.99 -33.26 -37.63
N HIS A 1485 -33.95 -32.54 -37.07
CA HIS A 1485 -34.65 -31.48 -37.77
C HIS A 1485 -33.95 -30.13 -37.64
N CYS A 1486 -32.65 -30.13 -37.39
CA CYS A 1486 -31.87 -28.90 -37.31
C CYS A 1486 -30.56 -29.07 -38.05
N THR A 1487 -30.02 -27.95 -38.55
CA THR A 1487 -28.74 -27.98 -39.24
C THR A 1487 -27.61 -28.02 -38.21
N VAL A 1488 -26.73 -29.02 -38.33
CA VAL A 1488 -25.67 -29.25 -37.36
C VAL A 1488 -24.32 -29.08 -38.05
N ILE A 1489 -23.47 -28.23 -37.49
CA ILE A 1489 -22.10 -28.07 -37.92
C ILE A 1489 -21.21 -28.61 -36.82
N THR A 1490 -20.42 -29.62 -37.14
CA THR A 1490 -19.61 -30.33 -36.15
C THR A 1490 -18.14 -30.04 -36.40
N ILE A 1491 -17.42 -29.66 -35.36
CA ILE A 1491 -15.97 -29.53 -35.40
C ILE A 1491 -15.39 -30.43 -34.32
N ALA A 1492 -14.59 -31.42 -34.74
CA ALA A 1492 -14.04 -32.38 -33.81
C ALA A 1492 -12.74 -32.95 -34.35
N HIS A 1493 -11.73 -33.00 -33.48
CA HIS A 1493 -10.50 -33.72 -33.81
C HIS A 1493 -10.74 -35.23 -33.92
N ARG A 1494 -11.85 -35.72 -33.37
CA ARG A 1494 -12.19 -37.14 -33.44
C ARG A 1494 -12.93 -37.37 -34.77
N LEU A 1495 -12.32 -38.17 -35.64
CA LEU A 1495 -12.84 -38.31 -37.00
C LEU A 1495 -14.08 -39.19 -37.04
N HIS A 1496 -14.14 -40.23 -36.20
CA HIS A 1496 -15.30 -41.13 -36.26
C HIS A 1496 -16.57 -40.42 -35.82
N THR A 1497 -16.45 -39.36 -35.02
CA THR A 1497 -17.59 -38.53 -34.70
C THR A 1497 -18.06 -37.73 -35.91
N ILE A 1498 -17.27 -37.67 -36.97
CA ILE A 1498 -17.62 -36.92 -38.16
C ILE A 1498 -17.99 -37.84 -39.33
N MET A 1499 -17.69 -39.14 -39.23
CA MET A 1499 -18.00 -40.06 -40.31
C MET A 1499 -19.49 -40.09 -40.63
N ASP A 1500 -20.33 -39.80 -39.64
CA ASP A 1500 -21.78 -39.80 -39.84
C ASP A 1500 -22.30 -38.51 -40.46
N SER A 1501 -21.48 -37.46 -40.52
CA SER A 1501 -21.90 -36.19 -41.11
C SER A 1501 -22.12 -36.34 -42.62
N ASP A 1502 -23.12 -35.62 -43.13
CA ASP A 1502 -23.43 -35.70 -44.55
C ASP A 1502 -22.28 -35.14 -45.39
N LYS A 1503 -21.68 -34.04 -44.95
CA LYS A 1503 -20.62 -33.38 -45.70
C LYS A 1503 -19.44 -33.12 -44.78
N VAL A 1504 -18.24 -33.06 -45.38
CA VAL A 1504 -17.01 -32.86 -44.64
C VAL A 1504 -16.26 -31.68 -45.26
N MET A 1505 -15.93 -30.70 -44.43
CA MET A 1505 -15.15 -29.53 -44.83
C MET A 1505 -13.73 -29.69 -44.30
N VAL A 1506 -12.74 -29.53 -45.18
CA VAL A 1506 -11.34 -29.59 -44.81
C VAL A 1506 -10.80 -28.17 -44.85
N LEU A 1507 -10.41 -27.64 -43.69
CA LEU A 1507 -9.90 -26.28 -43.58
C LEU A 1507 -8.42 -26.31 -43.24
N ASP A 1508 -7.61 -25.71 -44.11
CA ASP A 1508 -6.19 -25.53 -43.87
C ASP A 1508 -5.83 -24.08 -44.20
N ASN A 1509 -4.93 -23.52 -43.38
CA ASN A 1509 -4.37 -22.17 -43.54
C ASN A 1509 -5.42 -21.14 -43.98
N GLY A 1510 -6.64 -21.27 -43.47
CA GLY A 1510 -7.70 -20.34 -43.78
C GLY A 1510 -8.41 -20.56 -45.10
N LYS A 1511 -8.22 -21.71 -45.74
CA LYS A 1511 -8.85 -22.02 -47.01
C LYS A 1511 -9.43 -23.42 -46.99
N ILE A 1512 -10.49 -23.61 -47.77
CA ILE A 1512 -11.08 -24.94 -47.93
C ILE A 1512 -10.38 -25.65 -49.09
N ILE A 1513 -9.99 -26.90 -48.86
CA ILE A 1513 -9.27 -27.67 -49.87
C ILE A 1513 -10.17 -28.71 -50.51
N GLU A 1514 -10.88 -29.49 -49.70
CA GLU A 1514 -11.73 -30.56 -50.20
C GLU A 1514 -13.17 -30.30 -49.80
N CYS A 1515 -14.09 -30.73 -50.67
CA CYS A 1515 -15.52 -30.53 -50.44
C CYS A 1515 -16.26 -31.74 -51.00
N GLY A 1516 -16.68 -32.64 -50.12
CA GLY A 1516 -17.38 -33.83 -50.56
C GLY A 1516 -17.83 -34.67 -49.38
N SER A 1517 -18.55 -35.74 -49.71
CA SER A 1517 -19.02 -36.67 -48.70
C SER A 1517 -17.86 -37.46 -48.12
N PRO A 1518 -18.01 -38.01 -46.90
CA PRO A 1518 -16.91 -38.80 -46.31
C PRO A 1518 -16.45 -39.95 -47.19
N GLU A 1519 -17.38 -40.65 -47.85
CA GLU A 1519 -17.00 -41.76 -48.72
C GLU A 1519 -16.29 -41.26 -49.97
N GLU A 1520 -16.71 -40.11 -50.49
CA GLU A 1520 -16.02 -39.52 -51.64
C GLU A 1520 -14.61 -39.10 -51.27
N LEU A 1521 -14.45 -38.47 -50.10
CA LEU A 1521 -13.13 -38.00 -49.69
C LEU A 1521 -12.20 -39.13 -49.29
N LEU A 1522 -12.73 -40.22 -48.74
CA LEU A 1522 -11.90 -41.37 -48.40
C LEU A 1522 -11.27 -42.03 -49.63
N GLN A 1523 -12.03 -42.14 -50.73
CA GLN A 1523 -11.49 -42.73 -51.95
C GLN A 1523 -10.40 -41.89 -52.60
N ILE A 1524 -10.44 -40.58 -52.41
CA ILE A 1524 -9.45 -39.66 -52.97
C ILE A 1524 -8.29 -39.56 -52.00
N PRO A 1525 -7.06 -39.83 -52.42
CA PRO A 1525 -5.92 -39.75 -51.49
C PRO A 1525 -5.54 -38.31 -51.15
N GLY A 1526 -6.32 -37.68 -50.29
CA GLY A 1526 -6.06 -36.32 -49.90
C GLY A 1526 -5.74 -36.19 -48.42
N PRO A 1527 -5.67 -34.96 -47.92
CA PRO A 1527 -5.42 -34.76 -46.49
C PRO A 1527 -6.43 -35.44 -45.58
N PHE A 1528 -7.71 -35.45 -45.97
CA PHE A 1528 -8.71 -36.15 -45.18
C PHE A 1528 -8.43 -37.65 -45.13
N TYR A 1529 -8.07 -38.22 -46.28
CA TYR A 1529 -7.70 -39.64 -46.30
C TYR A 1529 -6.46 -39.89 -45.46
N PHE A 1530 -5.48 -38.98 -45.55
CA PHE A 1530 -4.28 -39.12 -44.73
C PHE A 1530 -4.60 -39.03 -43.26
N MET A 1531 -5.46 -38.08 -42.86
CA MET A 1531 -5.87 -37.98 -41.48
C MET A 1531 -6.66 -39.21 -41.05
N ALA A 1532 -7.53 -39.71 -41.93
CA ALA A 1532 -8.26 -40.95 -41.63
C ALA A 1532 -7.30 -42.13 -41.52
N LYS A 1533 -6.23 -42.13 -42.33
CA LYS A 1533 -5.21 -43.15 -42.21
C LYS A 1533 -4.52 -43.07 -40.85
N GLU A 1534 -4.23 -41.85 -40.38
CA GLU A 1534 -3.63 -41.70 -39.06
C GLU A 1534 -4.56 -42.17 -37.95
N ALA A 1535 -5.85 -41.86 -38.08
CA ALA A 1535 -6.85 -42.26 -37.09
C ALA A 1535 -7.47 -43.61 -37.47
N GLY A 1536 -6.62 -44.62 -37.53
CA GLY A 1536 -7.05 -45.95 -37.88
C GLY A 1536 -7.35 -46.12 -39.35
#